data_7DE9
# 
_entry.id   7DE9 
# 
_audit_conform.dict_name       mmcif_pdbx.dic 
_audit_conform.dict_version    5.403 
_audit_conform.dict_location   http://mmcif.pdb.org/dictionaries/ascii/mmcif_pdbx.dic 
# 
loop_
_database_2.database_id 
_database_2.database_code 
_database_2.pdbx_database_accession 
_database_2.pdbx_DOI 
PDB   7DE9         pdb_00007de9 10.2210/pdb7de9/pdb 
WWPDB D_1300018034 ?            ?                   
# 
loop_
_pdbx_audit_revision_history.ordinal 
_pdbx_audit_revision_history.data_content_type 
_pdbx_audit_revision_history.major_revision 
_pdbx_audit_revision_history.minor_revision 
_pdbx_audit_revision_history.revision_date 
_pdbx_audit_revision_history.part_number 
1 'Structure model' 1 0 2021-04-07 ? 
2 'Structure model' 1 1 2021-06-23 ? 
3 'Structure model' 1 2 2025-04-09 ? 
# 
_pdbx_audit_revision_details.ordinal             1 
_pdbx_audit_revision_details.revision_ordinal    1 
_pdbx_audit_revision_details.data_content_type   'Structure model' 
_pdbx_audit_revision_details.provider            repository 
_pdbx_audit_revision_details.type                'Initial release' 
_pdbx_audit_revision_details.description         ? 
_pdbx_audit_revision_details.details             ? 
# 
loop_
_pdbx_audit_revision_group.ordinal 
_pdbx_audit_revision_group.revision_ordinal 
_pdbx_audit_revision_group.data_content_type 
_pdbx_audit_revision_group.group 
1 2 'Structure model' 'Database references' 
2 3 'Structure model' 'Data collection'     
3 3 'Structure model' 'Database references' 
4 3 'Structure model' 'Structure summary'   
# 
loop_
_pdbx_audit_revision_category.ordinal 
_pdbx_audit_revision_category.revision_ordinal 
_pdbx_audit_revision_category.data_content_type 
_pdbx_audit_revision_category.category 
1 2 'Structure model' citation                  
2 2 'Structure model' citation_author           
3 3 'Structure model' chem_comp_atom            
4 3 'Structure model' chem_comp_bond            
5 3 'Structure model' database_2                
6 3 'Structure model' pdbx_entry_details        
7 3 'Structure model' pdbx_modification_feature 
# 
loop_
_pdbx_audit_revision_item.ordinal 
_pdbx_audit_revision_item.revision_ordinal 
_pdbx_audit_revision_item.data_content_type 
_pdbx_audit_revision_item.item 
1 2 'Structure model' '_citation.journal_volume'                     
2 2 'Structure model' '_citation.page_first'                         
3 2 'Structure model' '_citation.page_last'                          
4 2 'Structure model' '_citation.pdbx_database_id_DOI'               
5 2 'Structure model' '_citation.pdbx_database_id_PubMed'            
6 2 'Structure model' '_citation.title'                              
7 3 'Structure model' '_database_2.pdbx_DOI'                         
8 3 'Structure model' '_database_2.pdbx_database_accession'          
9 3 'Structure model' '_pdbx_entry_details.has_protein_modification' 
# 
_pdbx_database_status.status_code                     REL 
_pdbx_database_status.status_code_sf                  REL 
_pdbx_database_status.status_code_mr                  ? 
_pdbx_database_status.entry_id                        7DE9 
_pdbx_database_status.recvd_initial_deposition_date   2020-11-03 
_pdbx_database_status.SG_entry                        N 
_pdbx_database_status.deposit_site                    PDBJ 
_pdbx_database_status.process_site                    PDBJ 
_pdbx_database_status.status_code_cs                  ? 
_pdbx_database_status.status_code_nmr_data            ? 
_pdbx_database_status.methods_development_category    ? 
_pdbx_database_status.pdb_format_compatible           Y 
# 
loop_
_audit_author.name 
_audit_author.pdbx_ordinal 
_audit_author.identifier_ORCID 
'Song, Z.' 1 ? 
'Du, J.'   2 ? 
# 
_citation.abstract                  ? 
_citation.abstract_id_CAS           ? 
_citation.book_id_ISBN              ? 
_citation.book_publisher            ? 
_citation.book_publisher_city       ? 
_citation.book_title                ? 
_citation.coordinate_linkage        ? 
_citation.country                   UK 
_citation.database_id_Medline       ? 
_citation.details                   ? 
_citation.id                        primary 
_citation.journal_abbrev            'Nat Commun' 
_citation.journal_id_ASTM           ? 
_citation.journal_id_CSD            ? 
_citation.journal_id_ISSN           2041-1723 
_citation.journal_full              ? 
_citation.journal_issue             ? 
_citation.journal_volume            12 
_citation.language                  ? 
_citation.page_first                3367 
_citation.page_last                 3367 
_citation.title                     
;A histone H3K4me1-specific binding protein is required for siRNA accumulation and DNA methylation at a subset of loci targeted by RNA-directed DNA methylation.
;
_citation.year                      2021 
_citation.database_id_CSD           ? 
_citation.pdbx_database_id_DOI      10.1038/s41467-021-23637-4 
_citation.pdbx_database_id_PubMed   34099688 
_citation.unpublished_flag          ? 
# 
loop_
_citation_author.citation_id 
_citation_author.name 
_citation_author.ordinal 
_citation_author.identifier_ORCID 
primary 'Niu, Q.'    1  0000-0001-6498-5265 
primary 'Song, Z.'   2  0000-0002-3823-0261 
primary 'Tang, K.'   3  0000-0003-3913-6426 
primary 'Chen, L.'   4  ?                   
primary 'Wang, L.'   5  ?                   
primary 'Ban, T.'    6  ?                   
primary 'Guo, Z.'    7  ?                   
primary 'Kim, C.'    8  0000-0003-4133-9070 
primary 'Zhang, H.'  9  ?                   
primary 'Duan, C.G.' 10 0000-0003-0527-5866 
primary 'Zhang, H.'  11 0000-0003-0695-3593 
primary 'Zhu, J.K.'  12 0000-0001-5134-731X 
primary 'Du, J.'     13 0000-0002-1337-0786 
primary 'Lang, Z.'   14 0000-0002-0269-8663 
# 
loop_
_entity.id 
_entity.type 
_entity.src_method 
_entity.pdbx_description 
_entity.formula_weight 
_entity.pdbx_number_of_molecules 
_entity.pdbx_ec 
_entity.pdbx_mutation 
_entity.pdbx_fragment 
_entity.details 
1 polymer man 'Transcriptional regulator' 7590.374 1  ? ? ? ? 
2 polymer syn 'Histone H3.2'              1578.816 1  ? ? ? ? 
3 water   nat water                       18.015   25 ? ? ? ? 
# 
_entity_name_com.entity_id   2 
_entity_name_com.name        'Histone H3.1' 
# 
loop_
_entity_poly.entity_id 
_entity_poly.type 
_entity_poly.nstd_linkage 
_entity_poly.nstd_monomer 
_entity_poly.pdbx_seq_one_letter_code 
_entity_poly.pdbx_seq_one_letter_code_can 
_entity_poly.pdbx_strand_id 
_entity_poly.pdbx_target_identifier 
1 'polypeptide(L)' no yes 'SLGQGKASGESLVGSRIKVWWP(MSE)DQAYYKGVVESYDAAKKKHLVIYDDGDQEILYLKNQKWSPLDE' 
SLGQGKASGESLVGSRIKVWWPMDQAYYKGVVESYDAAKKKHLVIYDDGDQEILYLKNQKWSPLDE A ? 
2 'polypeptide(L)' no yes 'ART(MLZ)QTARKSTGGKA'                                                    ARTKQTARKSTGGKA P ? 
# 
_pdbx_entity_nonpoly.entity_id   3 
_pdbx_entity_nonpoly.name        water 
_pdbx_entity_nonpoly.comp_id     HOH 
# 
loop_
_entity_poly_seq.entity_id 
_entity_poly_seq.num 
_entity_poly_seq.mon_id 
_entity_poly_seq.hetero 
1 1  SER n 
1 2  LEU n 
1 3  GLY n 
1 4  GLN n 
1 5  GLY n 
1 6  LYS n 
1 7  ALA n 
1 8  SER n 
1 9  GLY n 
1 10 GLU n 
1 11 SER n 
1 12 LEU n 
1 13 VAL n 
1 14 GLY n 
1 15 SER n 
1 16 ARG n 
1 17 ILE n 
1 18 LYS n 
1 19 VAL n 
1 20 TRP n 
1 21 TRP n 
1 22 PRO n 
1 23 MSE n 
1 24 ASP n 
1 25 GLN n 
1 26 ALA n 
1 27 TYR n 
1 28 TYR n 
1 29 LYS n 
1 30 GLY n 
1 31 VAL n 
1 32 VAL n 
1 33 GLU n 
1 34 SER n 
1 35 TYR n 
1 36 ASP n 
1 37 ALA n 
1 38 ALA n 
1 39 LYS n 
1 40 LYS n 
1 41 LYS n 
1 42 HIS n 
1 43 LEU n 
1 44 VAL n 
1 45 ILE n 
1 46 TYR n 
1 47 ASP n 
1 48 ASP n 
1 49 GLY n 
1 50 ASP n 
1 51 GLN n 
1 52 GLU n 
1 53 ILE n 
1 54 LEU n 
1 55 TYR n 
1 56 LEU n 
1 57 LYS n 
1 58 ASN n 
1 59 GLN n 
1 60 LYS n 
1 61 TRP n 
1 62 SER n 
1 63 PRO n 
1 64 LEU n 
1 65 ASP n 
1 66 GLU n 
2 1  ALA n 
2 2  ARG n 
2 3  THR n 
2 4  MLZ n 
2 5  GLN n 
2 6  THR n 
2 7  ALA n 
2 8  ARG n 
2 9  LYS n 
2 10 SER n 
2 11 THR n 
2 12 GLY n 
2 13 GLY n 
2 14 LYS n 
2 15 ALA n 
# 
_entity_src_gen.entity_id                          1 
_entity_src_gen.pdbx_src_id                        1 
_entity_src_gen.pdbx_alt_source_flag               sample 
_entity_src_gen.pdbx_seq_type                      'Biological sequence' 
_entity_src_gen.pdbx_beg_seq_num                   1 
_entity_src_gen.pdbx_end_seq_num                   66 
_entity_src_gen.gene_src_common_name               'Mouse-ear cress' 
_entity_src_gen.gene_src_genus                     ? 
_entity_src_gen.pdbx_gene_src_gene                 'At4g31880, F11C18.80, F11C18_80' 
_entity_src_gen.gene_src_species                   ? 
_entity_src_gen.gene_src_strain                    ? 
_entity_src_gen.gene_src_tissue                    ? 
_entity_src_gen.gene_src_tissue_fraction           ? 
_entity_src_gen.gene_src_details                   ? 
_entity_src_gen.pdbx_gene_src_fragment             ? 
_entity_src_gen.pdbx_gene_src_scientific_name      'Arabidopsis thaliana' 
_entity_src_gen.pdbx_gene_src_ncbi_taxonomy_id     3702 
_entity_src_gen.pdbx_gene_src_variant              ? 
_entity_src_gen.pdbx_gene_src_cell_line            ? 
_entity_src_gen.pdbx_gene_src_atcc                 ? 
_entity_src_gen.pdbx_gene_src_organ                ? 
_entity_src_gen.pdbx_gene_src_organelle            ? 
_entity_src_gen.pdbx_gene_src_cell                 ? 
_entity_src_gen.pdbx_gene_src_cellular_location    ? 
_entity_src_gen.host_org_common_name               ? 
_entity_src_gen.pdbx_host_org_scientific_name      'Escherichia coli BL21(DE3)' 
_entity_src_gen.pdbx_host_org_ncbi_taxonomy_id     469008 
_entity_src_gen.host_org_genus                     ? 
_entity_src_gen.pdbx_host_org_gene                 ? 
_entity_src_gen.pdbx_host_org_organ                ? 
_entity_src_gen.host_org_species                   ? 
_entity_src_gen.pdbx_host_org_tissue               ? 
_entity_src_gen.pdbx_host_org_tissue_fraction      ? 
_entity_src_gen.pdbx_host_org_strain               ? 
_entity_src_gen.pdbx_host_org_variant              ? 
_entity_src_gen.pdbx_host_org_cell_line            ? 
_entity_src_gen.pdbx_host_org_atcc                 ? 
_entity_src_gen.pdbx_host_org_culture_collection   ? 
_entity_src_gen.pdbx_host_org_cell                 ? 
_entity_src_gen.pdbx_host_org_organelle            ? 
_entity_src_gen.pdbx_host_org_cellular_location    ? 
_entity_src_gen.pdbx_host_org_vector_type          plasmid 
_entity_src_gen.pdbx_host_org_vector               ? 
_entity_src_gen.host_org_details                   ? 
_entity_src_gen.expression_system_id               ? 
_entity_src_gen.plasmid_name                       pET-Sumo 
_entity_src_gen.plasmid_details                    ? 
_entity_src_gen.pdbx_description                   ? 
# 
_pdbx_entity_src_syn.entity_id              2 
_pdbx_entity_src_syn.pdbx_src_id            1 
_pdbx_entity_src_syn.pdbx_alt_source_flag   sample 
_pdbx_entity_src_syn.pdbx_beg_seq_num       1 
_pdbx_entity_src_syn.pdbx_end_seq_num       15 
_pdbx_entity_src_syn.organism_scientific    'Arabidopsis thaliana' 
_pdbx_entity_src_syn.organism_common_name   'Mouse-ear cress' 
_pdbx_entity_src_syn.ncbi_taxonomy_id       3702 
_pdbx_entity_src_syn.details                ? 
# 
loop_
_chem_comp.id 
_chem_comp.type 
_chem_comp.mon_nstd_flag 
_chem_comp.name 
_chem_comp.pdbx_synonyms 
_chem_comp.formula 
_chem_comp.formula_weight 
ALA 'L-peptide linking' y ALANINE          ? 'C3 H7 N O2'     89.093  
ARG 'L-peptide linking' y ARGININE         ? 'C6 H15 N4 O2 1' 175.209 
ASN 'L-peptide linking' y ASPARAGINE       ? 'C4 H8 N2 O3'    132.118 
ASP 'L-peptide linking' y 'ASPARTIC ACID'  ? 'C4 H7 N O4'     133.103 
GLN 'L-peptide linking' y GLUTAMINE        ? 'C5 H10 N2 O3'   146.144 
GLU 'L-peptide linking' y 'GLUTAMIC ACID'  ? 'C5 H9 N O4'     147.129 
GLY 'peptide linking'   y GLYCINE          ? 'C2 H5 N O2'     75.067  
HIS 'L-peptide linking' y HISTIDINE        ? 'C6 H10 N3 O2 1' 156.162 
HOH non-polymer         . WATER            ? 'H2 O'           18.015  
ILE 'L-peptide linking' y ISOLEUCINE       ? 'C6 H13 N O2'    131.173 
LEU 'L-peptide linking' y LEUCINE          ? 'C6 H13 N O2'    131.173 
LYS 'L-peptide linking' y LYSINE           ? 'C6 H15 N2 O2 1' 147.195 
MLZ 'L-peptide linking' n N-METHYL-LYSINE  ? 'C7 H16 N2 O2'   160.214 
MSE 'L-peptide linking' n SELENOMETHIONINE ? 'C5 H11 N O2 Se' 196.106 
PRO 'L-peptide linking' y PROLINE          ? 'C5 H9 N O2'     115.130 
SER 'L-peptide linking' y SERINE           ? 'C3 H7 N O3'     105.093 
THR 'L-peptide linking' y THREONINE        ? 'C4 H9 N O3'     119.119 
TRP 'L-peptide linking' y TRYPTOPHAN       ? 'C11 H12 N2 O2'  204.225 
TYR 'L-peptide linking' y TYROSINE         ? 'C9 H11 N O3'    181.189 
VAL 'L-peptide linking' y VALINE           ? 'C5 H11 N O2'    117.146 
# 
loop_
_pdbx_poly_seq_scheme.asym_id 
_pdbx_poly_seq_scheme.entity_id 
_pdbx_poly_seq_scheme.seq_id 
_pdbx_poly_seq_scheme.mon_id 
_pdbx_poly_seq_scheme.ndb_seq_num 
_pdbx_poly_seq_scheme.pdb_seq_num 
_pdbx_poly_seq_scheme.auth_seq_num 
_pdbx_poly_seq_scheme.pdb_mon_id 
_pdbx_poly_seq_scheme.auth_mon_id 
_pdbx_poly_seq_scheme.pdb_strand_id 
_pdbx_poly_seq_scheme.pdb_ins_code 
_pdbx_poly_seq_scheme.hetero 
A 1 1  SER 1  596 ?   ?   ?   A . n 
A 1 2  LEU 2  597 ?   ?   ?   A . n 
A 1 3  GLY 3  598 ?   ?   ?   A . n 
A 1 4  GLN 4  599 ?   ?   ?   A . n 
A 1 5  GLY 5  600 ?   ?   ?   A . n 
A 1 6  LYS 6  601 ?   ?   ?   A . n 
A 1 7  ALA 7  602 602 ALA ALA A . n 
A 1 8  SER 8  603 603 SER SER A . n 
A 1 9  GLY 9  604 604 GLY GLY A . n 
A 1 10 GLU 10 605 605 GLU GLU A . n 
A 1 11 SER 11 606 606 SER SER A . n 
A 1 12 LEU 12 607 607 LEU LEU A . n 
A 1 13 VAL 13 608 608 VAL VAL A . n 
A 1 14 GLY 14 609 609 GLY GLY A . n 
A 1 15 SER 15 610 610 SER SER A . n 
A 1 16 ARG 16 611 611 ARG ARG A . n 
A 1 17 ILE 17 612 612 ILE ILE A . n 
A 1 18 LYS 18 613 613 LYS LYS A . n 
A 1 19 VAL 19 614 614 VAL VAL A . n 
A 1 20 TRP 20 615 615 TRP TRP A . n 
A 1 21 TRP 21 616 616 TRP TRP A . n 
A 1 22 PRO 22 617 617 PRO PRO A . n 
A 1 23 MSE 23 618 618 MSE MSE A . n 
A 1 24 ASP 24 619 619 ASP ASP A . n 
A 1 25 GLN 25 620 620 GLN GLN A . n 
A 1 26 ALA 26 621 621 ALA ALA A . n 
A 1 27 TYR 27 622 622 TYR TYR A . n 
A 1 28 TYR 28 623 623 TYR TYR A . n 
A 1 29 LYS 29 624 624 LYS LYS A . n 
A 1 30 GLY 30 625 625 GLY GLY A . n 
A 1 31 VAL 31 626 626 VAL VAL A . n 
A 1 32 VAL 32 627 627 VAL VAL A . n 
A 1 33 GLU 33 628 628 GLU GLU A . n 
A 1 34 SER 34 629 629 SER SER A . n 
A 1 35 TYR 35 630 630 TYR TYR A . n 
A 1 36 ASP 36 631 631 ASP ASP A . n 
A 1 37 ALA 37 632 632 ALA ALA A . n 
A 1 38 ALA 38 633 633 ALA ALA A . n 
A 1 39 LYS 39 634 634 LYS LYS A . n 
A 1 40 LYS 40 635 635 LYS LYS A . n 
A 1 41 LYS 41 636 636 LYS LYS A . n 
A 1 42 HIS 42 637 637 HIS HIS A . n 
A 1 43 LEU 43 638 638 LEU LEU A . n 
A 1 44 VAL 44 639 639 VAL VAL A . n 
A 1 45 ILE 45 640 640 ILE ILE A . n 
A 1 46 TYR 46 641 641 TYR TYR A . n 
A 1 47 ASP 47 642 642 ASP ASP A . n 
A 1 48 ASP 48 643 643 ASP ASP A . n 
A 1 49 GLY 49 644 644 GLY GLY A . n 
A 1 50 ASP 50 645 645 ASP ASP A . n 
A 1 51 GLN 51 646 646 GLN GLN A . n 
A 1 52 GLU 52 647 647 GLU GLU A . n 
A 1 53 ILE 53 648 648 ILE ILE A . n 
A 1 54 LEU 54 649 649 LEU LEU A . n 
A 1 55 TYR 55 650 650 TYR TYR A . n 
A 1 56 LEU 56 651 651 LEU LEU A . n 
A 1 57 LYS 57 652 652 LYS LYS A . n 
A 1 58 ASN 58 653 653 ASN ASN A . n 
A 1 59 GLN 59 654 654 GLN GLN A . n 
A 1 60 LYS 60 655 655 LYS LYS A . n 
A 1 61 TRP 61 656 656 TRP TRP A . n 
A 1 62 SER 62 657 657 SER SER A . n 
A 1 63 PRO 63 658 658 PRO PRO A . n 
A 1 64 LEU 64 659 659 LEU LEU A . n 
A 1 65 ASP 65 660 ?   ?   ?   A . n 
A 1 66 GLU 66 661 ?   ?   ?   A . n 
B 2 1  ALA 1  1   1   ALA ALA P . n 
B 2 2  ARG 2  2   2   ARG ARG P . n 
B 2 3  THR 3  3   3   THR THR P . n 
B 2 4  MLZ 4  4   4   MLZ MLZ P . n 
B 2 5  GLN 5  5   5   GLN GLN P . n 
B 2 6  THR 6  6   ?   ?   ?   P . n 
B 2 7  ALA 7  7   ?   ?   ?   P . n 
B 2 8  ARG 8  8   ?   ?   ?   P . n 
B 2 9  LYS 9  9   ?   ?   ?   P . n 
B 2 10 SER 10 10  ?   ?   ?   P . n 
B 2 11 THR 11 11  ?   ?   ?   P . n 
B 2 12 GLY 12 12  ?   ?   ?   P . n 
B 2 13 GLY 13 13  ?   ?   ?   P . n 
B 2 14 LYS 14 14  ?   ?   ?   P . n 
B 2 15 ALA 15 15  ?   ?   ?   P . n 
# 
loop_
_pdbx_entity_instance_feature.ordinal 
_pdbx_entity_instance_feature.comp_id 
_pdbx_entity_instance_feature.asym_id 
_pdbx_entity_instance_feature.seq_num 
_pdbx_entity_instance_feature.auth_comp_id 
_pdbx_entity_instance_feature.auth_asym_id 
_pdbx_entity_instance_feature.auth_seq_num 
_pdbx_entity_instance_feature.feature_type 
_pdbx_entity_instance_feature.details 
1 MLZ ? ? MLZ ? ? 'SUBJECT OF INVESTIGATION' ? 
2 MSE ? ? MSE ? ? 'SUBJECT OF INVESTIGATION' ? 
# 
loop_
_pdbx_nonpoly_scheme.asym_id 
_pdbx_nonpoly_scheme.entity_id 
_pdbx_nonpoly_scheme.mon_id 
_pdbx_nonpoly_scheme.ndb_seq_num 
_pdbx_nonpoly_scheme.pdb_seq_num 
_pdbx_nonpoly_scheme.auth_seq_num 
_pdbx_nonpoly_scheme.pdb_mon_id 
_pdbx_nonpoly_scheme.auth_mon_id 
_pdbx_nonpoly_scheme.pdb_strand_id 
_pdbx_nonpoly_scheme.pdb_ins_code 
C 3 HOH 1  701 13 HOH HOH A . 
C 3 HOH 2  702 14 HOH HOH A . 
C 3 HOH 3  703 9  HOH HOH A . 
C 3 HOH 4  704 11 HOH HOH A . 
C 3 HOH 5  705 4  HOH HOH A . 
C 3 HOH 6  706 18 HOH HOH A . 
C 3 HOH 7  707 1  HOH HOH A . 
C 3 HOH 8  708 17 HOH HOH A . 
C 3 HOH 9  709 7  HOH HOH A . 
C 3 HOH 10 710 3  HOH HOH A . 
C 3 HOH 11 711 16 HOH HOH A . 
C 3 HOH 12 712 8  HOH HOH A . 
C 3 HOH 13 713 6  HOH HOH A . 
C 3 HOH 14 714 10 HOH HOH A . 
C 3 HOH 15 715 12 HOH HOH A . 
C 3 HOH 16 716 23 HOH HOH A . 
C 3 HOH 17 717 25 HOH HOH A . 
C 3 HOH 18 718 20 HOH HOH A . 
C 3 HOH 19 719 24 HOH HOH A . 
C 3 HOH 20 720 19 HOH HOH A . 
C 3 HOH 21 721 22 HOH HOH A . 
C 3 HOH 22 722 21 HOH HOH A . 
C 3 HOH 23 723 5  HOH HOH A . 
D 3 HOH 1  101 2  HOH HOH P . 
D 3 HOH 2  102 15 HOH HOH P . 
# 
loop_
_software.citation_id 
_software.classification 
_software.compiler_name 
_software.compiler_version 
_software.contact_author 
_software.contact_author_email 
_software.date 
_software.description 
_software.dependencies 
_software.hardware 
_software.language 
_software.location 
_software.mods 
_software.name 
_software.os 
_software.os_version 
_software.type 
_software.version 
_software.pdbx_ordinal 
? 'data scaling'    ? ? ? ? ? ? ? ? ? ? ? HKL-2000    ? ? ? .        1 
? refinement        ? ? ? ? ? ? ? ? ? ? ? PHENIX      ? ? ? 1.9_1692 2 
? 'data extraction' ? ? ? ? ? ? ? ? ? ? ? PDB_EXTRACT ? ? ? 3.25     3 
? 'data reduction'  ? ? ? ? ? ? ? ? ? ? ? HKL-2000    ? ? ? .        4 
? phasing           ? ? ? ? ? ? ? ? ? ? ? PHENIX      ? ? ? .        5 
# 
_cell.angle_alpha                  90.000 
_cell.angle_alpha_esd              ? 
_cell.angle_beta                   90.000 
_cell.angle_beta_esd               ? 
_cell.angle_gamma                  90.000 
_cell.angle_gamma_esd              ? 
_cell.entry_id                     7DE9 
_cell.details                      ? 
_cell.formula_units_Z              ? 
_cell.length_a                     28.579 
_cell.length_a_esd                 ? 
_cell.length_b                     36.963 
_cell.length_b_esd                 ? 
_cell.length_c                     46.678 
_cell.length_c_esd                 ? 
_cell.volume                       ? 
_cell.volume_esd                   ? 
_cell.Z_PDB                        4 
_cell.reciprocal_angle_alpha       ? 
_cell.reciprocal_angle_beta        ? 
_cell.reciprocal_angle_gamma       ? 
_cell.reciprocal_angle_alpha_esd   ? 
_cell.reciprocal_angle_beta_esd    ? 
_cell.reciprocal_angle_gamma_esd   ? 
_cell.reciprocal_length_a          ? 
_cell.reciprocal_length_b          ? 
_cell.reciprocal_length_c          ? 
_cell.reciprocal_length_a_esd      ? 
_cell.reciprocal_length_b_esd      ? 
_cell.reciprocal_length_c_esd      ? 
_cell.pdbx_unique_axis             ? 
# 
_symmetry.entry_id                         7DE9 
_symmetry.cell_setting                     ? 
_symmetry.Int_Tables_number                19 
_symmetry.space_group_name_Hall            ? 
_symmetry.space_group_name_H-M             'P 21 21 21' 
_symmetry.pdbx_full_space_group_name_H-M   ? 
# 
_exptl.absorpt_coefficient_mu     ? 
_exptl.absorpt_correction_T_max   ? 
_exptl.absorpt_correction_T_min   ? 
_exptl.absorpt_correction_type    ? 
_exptl.absorpt_process_details    ? 
_exptl.entry_id                   7DE9 
_exptl.crystals_number            1 
_exptl.details                    ? 
_exptl.method                     'X-RAY DIFFRACTION' 
_exptl.method_details             ? 
# 
_exptl_crystal.colour                      ? 
_exptl_crystal.density_diffrn              ? 
_exptl_crystal.density_Matthews            1.34 
_exptl_crystal.density_method              ? 
_exptl_crystal.density_percent_sol         8.51 
_exptl_crystal.description                 'THE ENTRY CONTAINS FRIEDEL PAIRS IN I/F_PLUS/MINUS COLUMNS.' 
_exptl_crystal.F_000                       ? 
_exptl_crystal.id                          1 
_exptl_crystal.preparation                 ? 
_exptl_crystal.size_max                    ? 
_exptl_crystal.size_mid                    ? 
_exptl_crystal.size_min                    ? 
_exptl_crystal.size_rad                    ? 
_exptl_crystal.colour_lustre               ? 
_exptl_crystal.colour_modifier             ? 
_exptl_crystal.colour_primary              ? 
_exptl_crystal.density_meas                ? 
_exptl_crystal.density_meas_esd            ? 
_exptl_crystal.density_meas_gt             ? 
_exptl_crystal.density_meas_lt             ? 
_exptl_crystal.density_meas_temp           ? 
_exptl_crystal.density_meas_temp_esd       ? 
_exptl_crystal.density_meas_temp_gt        ? 
_exptl_crystal.density_meas_temp_lt        ? 
_exptl_crystal.pdbx_crystal_image_url      ? 
_exptl_crystal.pdbx_crystal_image_format   ? 
_exptl_crystal.pdbx_mosaicity              ? 
_exptl_crystal.pdbx_mosaicity_esd          ? 
# 
_exptl_crystal_grow.apparatus       ? 
_exptl_crystal_grow.atmosphere      ? 
_exptl_crystal_grow.crystal_id      1 
_exptl_crystal_grow.details         ? 
_exptl_crystal_grow.method          'VAPOR DIFFUSION, SITTING DROP' 
_exptl_crystal_grow.method_ref      ? 
_exptl_crystal_grow.pH              8.5 
_exptl_crystal_grow.pressure        ? 
_exptl_crystal_grow.pressure_esd    ? 
_exptl_crystal_grow.seeding         ? 
_exptl_crystal_grow.seeding_ref     ? 
_exptl_crystal_grow.temp            293 
_exptl_crystal_grow.temp_details    ? 
_exptl_crystal_grow.temp_esd        ? 
_exptl_crystal_grow.time            ? 
_exptl_crystal_grow.pdbx_details    '0.1 M Tris-HCl, pH 8.5, and 20% PEG 1000' 
_exptl_crystal_grow.pdbx_pH_range   ? 
# 
_diffrn.ambient_environment              ? 
_diffrn.ambient_temp                     100 
_diffrn.ambient_temp_details             ? 
_diffrn.ambient_temp_esd                 ? 
_diffrn.crystal_id                       1 
_diffrn.crystal_support                  ? 
_diffrn.crystal_treatment                ? 
_diffrn.details                          ? 
_diffrn.id                               1 
_diffrn.ambient_pressure                 ? 
_diffrn.ambient_pressure_esd             ? 
_diffrn.ambient_pressure_gt              ? 
_diffrn.ambient_pressure_lt              ? 
_diffrn.ambient_temp_gt                  ? 
_diffrn.ambient_temp_lt                  ? 
_diffrn.pdbx_serial_crystal_experiment   N 
# 
_diffrn_detector.details                      ? 
_diffrn_detector.detector                     CCD 
_diffrn_detector.diffrn_id                    1 
_diffrn_detector.type                         'ADSC QUANTUM 315r' 
_diffrn_detector.area_resol_mean              ? 
_diffrn_detector.dtime                        ? 
_diffrn_detector.pdbx_frames_total            ? 
_diffrn_detector.pdbx_collection_time_total   ? 
_diffrn_detector.pdbx_collection_date         2016-03-26 
_diffrn_detector.pdbx_frequency               ? 
# 
_diffrn_radiation.collimation                      ? 
_diffrn_radiation.diffrn_id                        1 
_diffrn_radiation.filter_edge                      ? 
_diffrn_radiation.inhomogeneity                    ? 
_diffrn_radiation.monochromator                    'double crystal' 
_diffrn_radiation.polarisn_norm                    ? 
_diffrn_radiation.polarisn_ratio                   ? 
_diffrn_radiation.probe                            ? 
_diffrn_radiation.type                             ? 
_diffrn_radiation.xray_symbol                      ? 
_diffrn_radiation.wavelength_id                    1 
_diffrn_radiation.pdbx_monochromatic_or_laue_m_l   M 
_diffrn_radiation.pdbx_wavelength_list             ? 
_diffrn_radiation.pdbx_wavelength                  ? 
_diffrn_radiation.pdbx_diffrn_protocol             'SINGLE WAVELENGTH' 
_diffrn_radiation.pdbx_analyzer                    ? 
_diffrn_radiation.pdbx_scattering_type             x-ray 
# 
_diffrn_radiation_wavelength.id           1 
_diffrn_radiation_wavelength.wavelength   0.9792 
_diffrn_radiation_wavelength.wt           1.0 
# 
_diffrn_source.current                     ? 
_diffrn_source.details                     ? 
_diffrn_source.diffrn_id                   1 
_diffrn_source.power                       ? 
_diffrn_source.size                        ? 
_diffrn_source.source                      SYNCHROTRON 
_diffrn_source.target                      ? 
_diffrn_source.type                        'SSRF BEAMLINE BL17U1' 
_diffrn_source.voltage                     ? 
_diffrn_source.take-off_angle              ? 
_diffrn_source.pdbx_wavelength_list        0.9792 
_diffrn_source.pdbx_wavelength             ? 
_diffrn_source.pdbx_synchrotron_beamline   BL17U1 
_diffrn_source.pdbx_synchrotron_site       SSRF 
# 
_reflns.B_iso_Wilson_estimate            ? 
_reflns.entry_id                         7DE9 
_reflns.data_reduction_details           ? 
_reflns.data_reduction_method            ? 
_reflns.d_resolution_high                1.700 
_reflns.d_resolution_low                 50.000 
_reflns.details                          ? 
_reflns.limit_h_max                      ? 
_reflns.limit_h_min                      ? 
_reflns.limit_k_max                      ? 
_reflns.limit_k_min                      ? 
_reflns.limit_l_max                      ? 
_reflns.limit_l_min                      ? 
_reflns.number_all                       ? 
_reflns.number_obs                       5630 
_reflns.observed_criterion               ? 
_reflns.observed_criterion_F_max         ? 
_reflns.observed_criterion_F_min         ? 
_reflns.observed_criterion_I_max         ? 
_reflns.observed_criterion_I_min         ? 
_reflns.observed_criterion_sigma_F       ? 
_reflns.observed_criterion_sigma_I       ? 
_reflns.percent_possible_obs             99.900 
_reflns.R_free_details                   ? 
_reflns.Rmerge_F_all                     ? 
_reflns.Rmerge_F_obs                     ? 
_reflns.Friedel_coverage                 ? 
_reflns.number_gt                        ? 
_reflns.threshold_expression             ? 
_reflns.pdbx_redundancy                  8.700 
_reflns.pdbx_Rmerge_I_obs                0.099 
_reflns.pdbx_Rmerge_I_all                ? 
_reflns.pdbx_Rsym_value                  ? 
_reflns.pdbx_netI_over_av_sigmaI         ? 
_reflns.pdbx_netI_over_sigmaI            5.900 
_reflns.pdbx_res_netI_over_av_sigmaI_2   ? 
_reflns.pdbx_res_netI_over_sigmaI_2      ? 
_reflns.pdbx_chi_squared                 1.245 
_reflns.pdbx_scaling_rejects             ? 
_reflns.pdbx_d_res_high_opt              ? 
_reflns.pdbx_d_res_low_opt               ? 
_reflns.pdbx_d_res_opt_method            ? 
_reflns.phase_calculation_details        ? 
_reflns.pdbx_Rrim_I_all                  0.106 
_reflns.pdbx_Rpim_I_all                  0.036 
_reflns.pdbx_d_opt                       ? 
_reflns.pdbx_number_measured_all         ? 
_reflns.pdbx_diffrn_id                   1 
_reflns.pdbx_ordinal                     1 
_reflns.pdbx_CC_half                     ? 
_reflns.pdbx_CC_star                     ? 
_reflns.pdbx_R_split                     ? 
# 
loop_
_reflns_shell.d_res_high 
_reflns_shell.d_res_low 
_reflns_shell.meanI_over_sigI_all 
_reflns_shell.meanI_over_sigI_obs 
_reflns_shell.number_measured_all 
_reflns_shell.number_measured_obs 
_reflns_shell.number_possible 
_reflns_shell.number_unique_all 
_reflns_shell.number_unique_obs 
_reflns_shell.percent_possible_all 
_reflns_shell.percent_possible_obs 
_reflns_shell.Rmerge_F_all 
_reflns_shell.Rmerge_F_obs 
_reflns_shell.Rmerge_I_all 
_reflns_shell.Rmerge_I_obs 
_reflns_shell.meanI_over_sigI_gt 
_reflns_shell.meanI_over_uI_all 
_reflns_shell.meanI_over_uI_gt 
_reflns_shell.number_measured_gt 
_reflns_shell.number_unique_gt 
_reflns_shell.percent_possible_gt 
_reflns_shell.Rmerge_F_gt 
_reflns_shell.Rmerge_I_gt 
_reflns_shell.pdbx_redundancy 
_reflns_shell.pdbx_Rsym_value 
_reflns_shell.pdbx_chi_squared 
_reflns_shell.pdbx_netI_over_sigmaI_all 
_reflns_shell.pdbx_netI_over_sigmaI_obs 
_reflns_shell.pdbx_Rrim_I_all 
_reflns_shell.pdbx_Rpim_I_all 
_reflns_shell.pdbx_rejects 
_reflns_shell.pdbx_ordinal 
_reflns_shell.pdbx_diffrn_id 
_reflns_shell.pdbx_CC_half 
_reflns_shell.pdbx_CC_star 
_reflns_shell.pdbx_R_split 
1.700 1.760  ? ? ? ? ? ? 545 99.800  ? ? ? ? 0.500 ? ? ? ? ? ? ? ? 9.000 ? 0.612 ? ? 0.533 0.182 ? 1  1 0.841 ? ? 
1.760 1.830  ? ? ? ? ? ? 537 100.000 ? ? ? ? 0.402 ? ? ? ? ? ? ? ? 8.800 ? 0.696 ? ? 0.429 0.146 ? 2  1 0.933 ? ? 
1.830 1.910  ? ? ? ? ? ? 561 99.800  ? ? ? ? 0.293 ? ? ? ? ? ? ? ? 8.600 ? 0.802 ? ? 0.314 0.109 ? 3  1 0.940 ? ? 
1.910 2.020  ? ? ? ? ? ? 549 99.600  ? ? ? ? 0.248 ? ? ? ? ? ? ? ? 8.100 ? 1.007 ? ? 0.266 0.094 ? 4  1 0.950 ? ? 
2.020 2.140  ? ? ? ? ? ? 548 100.000 ? ? ? ? 0.199 ? ? ? ? ? ? ? ? 9.300 ? 1.157 ? ? 0.213 0.072 ? 5  1 0.967 ? ? 
2.140 2.310  ? ? ? ? ? ? 556 99.800  ? ? ? ? 0.158 ? ? ? ? ? ? ? ? 9.100 ? 1.322 ? ? 0.168 0.056 ? 6  1 0.984 ? ? 
2.310 2.540  ? ? ? ? ? ? 559 100.000 ? ? ? ? 0.140 ? ? ? ? ? ? ? ? 8.900 ? 1.404 ? ? 0.150 0.050 ? 7  1 0.982 ? ? 
2.540 2.910  ? ? ? ? ? ? 565 99.800  ? ? ? ? 0.113 ? ? ? ? ? ? ? ? 8.100 ? 1.618 ? ? 0.121 0.043 ? 8  1 0.989 ? ? 
2.910 3.660  ? ? ? ? ? ? 581 100.000 ? ? ? ? 0.087 ? ? ? ? ? ? ? ? 9.100 ? 1.857 ? ? 0.092 0.030 ? 9  1 0.993 ? ? 
3.660 50.000 ? ? ? ? ? ? 629 99.800  ? ? ? ? 0.069 ? ? ? ? ? ? ? ? 8.100 ? 1.888 ? ? 0.074 0.026 ? 10 1 0.992 ? ? 
# 
_refine.aniso_B[1][1]                            ? 
_refine.aniso_B[1][2]                            ? 
_refine.aniso_B[1][3]                            ? 
_refine.aniso_B[2][2]                            ? 
_refine.aniso_B[2][3]                            ? 
_refine.aniso_B[3][3]                            ? 
_refine.B_iso_max                                91.100 
_refine.B_iso_mean                               32.7157 
_refine.B_iso_min                                17.850 
_refine.correlation_coeff_Fo_to_Fc               ? 
_refine.correlation_coeff_Fo_to_Fc_free          ? 
_refine.details                                  ? 
_refine.diff_density_max                         ? 
_refine.diff_density_max_esd                     ? 
_refine.diff_density_min                         ? 
_refine.diff_density_min_esd                     ? 
_refine.diff_density_rms                         ? 
_refine.diff_density_rms_esd                     ? 
_refine.entry_id                                 7DE9 
_refine.pdbx_refine_id                           'X-RAY DIFFRACTION' 
_refine.ls_abs_structure_details                 ? 
_refine.ls_abs_structure_Flack                   ? 
_refine.ls_abs_structure_Flack_esd               ? 
_refine.ls_abs_structure_Rogers                  ? 
_refine.ls_abs_structure_Rogers_esd              ? 
_refine.ls_d_res_high                            1.7110 
_refine.ls_d_res_low                             28.9780 
_refine.ls_extinction_coef                       ? 
_refine.ls_extinction_coef_esd                   ? 
_refine.ls_extinction_expression                 ? 
_refine.ls_extinction_method                     ? 
_refine.ls_goodness_of_fit_all                   ? 
_refine.ls_goodness_of_fit_all_esd               ? 
_refine.ls_goodness_of_fit_obs                   ? 
_refine.ls_goodness_of_fit_obs_esd               ? 
_refine.ls_hydrogen_treatment                    ? 
_refine.ls_matrix_type                           ? 
_refine.ls_number_constraints                    ? 
_refine.ls_number_parameters                     ? 
_refine.ls_number_reflns_all                     ? 
_refine.ls_number_reflns_obs                     5595 
_refine.ls_number_reflns_R_free                  464 
_refine.ls_number_reflns_R_work                  9672 
_refine.ls_number_restraints                     ? 
_refine.ls_percent_reflns_obs                    98.4400 
_refine.ls_percent_reflns_R_free                 4.5800 
_refine.ls_R_factor_all                          ? 
_refine.ls_R_factor_obs                          0.1843 
_refine.ls_R_factor_R_free                       0.2022 
_refine.ls_R_factor_R_free_error                 ? 
_refine.ls_R_factor_R_free_error_details         ? 
_refine.ls_R_factor_R_work                       0.1834 
_refine.ls_R_Fsqd_factor_obs                     ? 
_refine.ls_R_I_factor_obs                        ? 
_refine.ls_redundancy_reflns_all                 ? 
_refine.ls_redundancy_reflns_obs                 ? 
_refine.ls_restrained_S_all                      ? 
_refine.ls_restrained_S_obs                      ? 
_refine.ls_shift_over_esd_max                    ? 
_refine.ls_shift_over_esd_mean                   ? 
_refine.ls_structure_factor_coef                 ? 
_refine.ls_weighting_details                     ? 
_refine.ls_weighting_scheme                      ? 
_refine.ls_wR_factor_all                         ? 
_refine.ls_wR_factor_obs                         ? 
_refine.ls_wR_factor_R_free                      ? 
_refine.ls_wR_factor_R_work                      ? 
_refine.occupancy_max                            ? 
_refine.occupancy_min                            ? 
_refine.solvent_model_details                    'FLAT BULK SOLVENT MODEL' 
_refine.solvent_model_param_bsol                 ? 
_refine.solvent_model_param_ksol                 ? 
_refine.pdbx_R_complete                          ? 
_refine.ls_R_factor_gt                           ? 
_refine.ls_goodness_of_fit_gt                    ? 
_refine.ls_goodness_of_fit_ref                   ? 
_refine.ls_shift_over_su_max                     ? 
_refine.ls_shift_over_su_max_lt                  ? 
_refine.ls_shift_over_su_mean                    ? 
_refine.ls_shift_over_su_mean_lt                 ? 
_refine.pdbx_ls_sigma_I                          ? 
_refine.pdbx_ls_sigma_F                          0.310 
_refine.pdbx_ls_sigma_Fsqd                       ? 
_refine.pdbx_data_cutoff_high_absF               ? 
_refine.pdbx_data_cutoff_high_rms_absF           ? 
_refine.pdbx_data_cutoff_low_absF                ? 
_refine.pdbx_isotropic_thermal_model             ? 
_refine.pdbx_ls_cross_valid_method               THROUGHOUT 
_refine.pdbx_method_to_determine_struct          SAD 
_refine.pdbx_starting_model                      ? 
_refine.pdbx_stereochemistry_target_values       ML 
_refine.pdbx_R_Free_selection_details            ? 
_refine.pdbx_stereochem_target_val_spec_case     ? 
_refine.pdbx_overall_ESU_R                       ? 
_refine.pdbx_overall_ESU_R_Free                  ? 
_refine.pdbx_solvent_vdw_probe_radii             1.1100 
_refine.pdbx_solvent_ion_probe_radii             ? 
_refine.pdbx_solvent_shrinkage_radii             0.9000 
_refine.pdbx_real_space_R                        ? 
_refine.pdbx_density_correlation                 ? 
_refine.pdbx_pd_number_of_powder_patterns        ? 
_refine.pdbx_pd_number_of_points                 ? 
_refine.pdbx_pd_meas_number_of_points            ? 
_refine.pdbx_pd_proc_ls_prof_R_factor            ? 
_refine.pdbx_pd_proc_ls_prof_wR_factor           ? 
_refine.pdbx_pd_Marquardt_correlation_coeff      ? 
_refine.pdbx_pd_Fsqrd_R_factor                   ? 
_refine.pdbx_pd_ls_matrix_band_width             ? 
_refine.pdbx_overall_phase_error                 25.8600 
_refine.pdbx_overall_SU_R_free_Cruickshank_DPI   ? 
_refine.pdbx_overall_SU_R_free_Blow_DPI          ? 
_refine.pdbx_overall_SU_R_Blow_DPI               ? 
_refine.pdbx_TLS_residual_ADP_flag               ? 
_refine.pdbx_diffrn_id                           1 
_refine.overall_SU_B                             ? 
_refine.overall_SU_ML                            0.1200 
_refine.overall_SU_R_Cruickshank_DPI             ? 
_refine.overall_SU_R_free                        ? 
_refine.overall_FOM_free_R_set                   ? 
_refine.overall_FOM_work_R_set                   ? 
_refine.pdbx_average_fsc_overall                 ? 
_refine.pdbx_average_fsc_work                    ? 
_refine.pdbx_average_fsc_free                    ? 
# 
_refine_hist.pdbx_refine_id                   'X-RAY DIFFRACTION' 
_refine_hist.cycle_id                         final 
_refine_hist.details                          ? 
_refine_hist.d_res_high                       1.7110 
_refine_hist.d_res_low                        28.9780 
_refine_hist.number_atoms_solvent             25 
_refine_hist.number_atoms_total               542 
_refine_hist.number_reflns_all                ? 
_refine_hist.number_reflns_obs                ? 
_refine_hist.number_reflns_R_free             ? 
_refine_hist.number_reflns_R_work             ? 
_refine_hist.R_factor_all                     ? 
_refine_hist.R_factor_obs                     ? 
_refine_hist.R_factor_R_free                  ? 
_refine_hist.R_factor_R_work                  ? 
_refine_hist.pdbx_number_residues_total       63 
_refine_hist.pdbx_B_iso_mean_ligand           ? 
_refine_hist.pdbx_B_iso_mean_solvent          37.86 
_refine_hist.pdbx_number_atoms_protein        517 
_refine_hist.pdbx_number_atoms_nucleic_acid   0 
_refine_hist.pdbx_number_atoms_ligand         0 
_refine_hist.pdbx_number_atoms_lipid          ? 
_refine_hist.pdbx_number_atoms_carb           ? 
_refine_hist.pdbx_pseudo_atom_details         ? 
# 
loop_
_refine_ls_restr.pdbx_refine_id 
_refine_ls_restr.criterion 
_refine_ls_restr.dev_ideal 
_refine_ls_restr.dev_ideal_target 
_refine_ls_restr.number 
_refine_ls_restr.rejects 
_refine_ls_restr.type 
_refine_ls_restr.weight 
_refine_ls_restr.pdbx_restraint_function 
'X-RAY DIFFRACTION' ? 0.005  ? 529 ? f_bond_d           ? ? 
'X-RAY DIFFRACTION' ? 0.954  ? 712 ? f_angle_d          ? ? 
'X-RAY DIFFRACTION' ? 0.034  ? 73  ? f_chiral_restr     ? ? 
'X-RAY DIFFRACTION' ? 0.004  ? 87  ? f_plane_restr      ? ? 
'X-RAY DIFFRACTION' ? 16.912 ? 195 ? f_dihedral_angle_d ? ? 
# 
loop_
_refine_ls_shell.pdbx_refine_id 
_refine_ls_shell.d_res_high 
_refine_ls_shell.d_res_low 
_refine_ls_shell.number_reflns_all 
_refine_ls_shell.number_reflns_obs 
_refine_ls_shell.number_reflns_R_free 
_refine_ls_shell.number_reflns_R_work 
_refine_ls_shell.percent_reflns_obs 
_refine_ls_shell.percent_reflns_R_free 
_refine_ls_shell.R_factor_all 
_refine_ls_shell.R_factor_obs 
_refine_ls_shell.R_factor_R_free 
_refine_ls_shell.R_factor_R_free_error 
_refine_ls_shell.R_factor_R_work 
_refine_ls_shell.redundancy_reflns_all 
_refine_ls_shell.redundancy_reflns_obs 
_refine_ls_shell.wR_factor_all 
_refine_ls_shell.wR_factor_obs 
_refine_ls_shell.wR_factor_R_free 
_refine_ls_shell.wR_factor_R_work 
_refine_ls_shell.pdbx_R_complete 
_refine_ls_shell.pdbx_total_number_of_bins_used 
_refine_ls_shell.pdbx_phase_error 
_refine_ls_shell.pdbx_fsc_work 
_refine_ls_shell.pdbx_fsc_free 
'X-RAY DIFFRACTION' 1.7112 1.9588 . . 147 3127 96.0000  . . . 0.2864 0.0000 0.2187 . . . . . . . . . . . 
'X-RAY DIFFRACTION' 1.9588 2.4676 . . 168 3265 100.0000 . . . 0.2312 0.0000 0.2004 . . . . . . . . . . . 
'X-RAY DIFFRACTION' 2.4676 28     . . 149 3280 100.0000 . . . 0.1725 0.0000 0.1703 . . . . . . . . . . . 
# 
_struct.entry_id                     7DE9 
_struct.title                        'crystal structure of Arabidopsis RDM15 tudor domain in complex with an H3K4me1 peptide' 
_struct.pdbx_model_details           ? 
_struct.pdbx_formula_weight          ? 
_struct.pdbx_formula_weight_method   ? 
_struct.pdbx_model_type_details      ? 
_struct.pdbx_CASP_flag               N 
# 
_struct_keywords.entry_id        7DE9 
_struct_keywords.text            'tudor domain, histone, epigenetics, DNA methylation, GENE REGULATION' 
_struct_keywords.pdbx_keywords   'GENE REGULATION' 
# 
loop_
_struct_asym.id 
_struct_asym.pdbx_blank_PDB_chainid_flag 
_struct_asym.pdbx_modified 
_struct_asym.entity_id 
_struct_asym.details 
A N N 1 ? 
B N N 2 ? 
C N N 3 ? 
D N N 3 ? 
# 
loop_
_struct_ref.id 
_struct_ref.db_name 
_struct_ref.db_code 
_struct_ref.pdbx_db_accession 
_struct_ref.pdbx_db_isoform 
_struct_ref.entity_id 
_struct_ref.pdbx_seq_one_letter_code 
_struct_ref.pdbx_align_begin 
1 UNP Q8GUP3_ARATH Q8GUP3 ? 1 SLGQGKASGESLVGSRIKVWWPMDQAYYKGVVESYDAAKKKHLVIYDDGDQEILYLKNQKWSPLDE 597 
2 UNP H32_ARATH    P59226 ? 2 ARTKQTARKSTGGKA                                                    2   
# 
loop_
_struct_ref_seq.align_id 
_struct_ref_seq.ref_id 
_struct_ref_seq.pdbx_PDB_id_code 
_struct_ref_seq.pdbx_strand_id 
_struct_ref_seq.seq_align_beg 
_struct_ref_seq.pdbx_seq_align_beg_ins_code 
_struct_ref_seq.seq_align_end 
_struct_ref_seq.pdbx_seq_align_end_ins_code 
_struct_ref_seq.pdbx_db_accession 
_struct_ref_seq.db_align_beg 
_struct_ref_seq.pdbx_db_align_beg_ins_code 
_struct_ref_seq.db_align_end 
_struct_ref_seq.pdbx_db_align_end_ins_code 
_struct_ref_seq.pdbx_auth_seq_align_beg 
_struct_ref_seq.pdbx_auth_seq_align_end 
1 1 7DE9 A 1 ? 66 ? Q8GUP3 597 ? 662 ? 596 661 
2 2 7DE9 P 1 ? 15 ? P59226 2   ? 16  ? 1   15  
# 
_pdbx_struct_assembly.id                   1 
_pdbx_struct_assembly.details              author_and_software_defined_assembly 
_pdbx_struct_assembly.method_details       PISA 
_pdbx_struct_assembly.oligomeric_details   dimeric 
_pdbx_struct_assembly.oligomeric_count     2 
# 
loop_
_pdbx_struct_assembly_prop.biol_id 
_pdbx_struct_assembly_prop.type 
_pdbx_struct_assembly_prop.value 
_pdbx_struct_assembly_prop.details 
1 'ABSA (A^2)' 710  ? 
1 MORE         -3   ? 
1 'SSA (A^2)'  4270 ? 
# 
_pdbx_struct_assembly_gen.assembly_id       1 
_pdbx_struct_assembly_gen.oper_expression   1 
_pdbx_struct_assembly_gen.asym_id_list      A,B,C,D 
# 
_pdbx_struct_assembly_auth_evidence.id                     1 
_pdbx_struct_assembly_auth_evidence.assembly_id            1 
_pdbx_struct_assembly_auth_evidence.experimental_support   'isothermal titration calorimetry' 
_pdbx_struct_assembly_auth_evidence.details                ? 
# 
_pdbx_struct_oper_list.id                   1 
_pdbx_struct_oper_list.type                 'identity operation' 
_pdbx_struct_oper_list.name                 1_555 
_pdbx_struct_oper_list.symmetry_operation   x,y,z 
_pdbx_struct_oper_list.matrix[1][1]         1.0000000000 
_pdbx_struct_oper_list.matrix[1][2]         0.0000000000 
_pdbx_struct_oper_list.matrix[1][3]         0.0000000000 
_pdbx_struct_oper_list.vector[1]            0.0000000000 
_pdbx_struct_oper_list.matrix[2][1]         0.0000000000 
_pdbx_struct_oper_list.matrix[2][2]         1.0000000000 
_pdbx_struct_oper_list.matrix[2][3]         0.0000000000 
_pdbx_struct_oper_list.vector[2]            0.0000000000 
_pdbx_struct_oper_list.matrix[3][1]         0.0000000000 
_pdbx_struct_oper_list.matrix[3][2]         0.0000000000 
_pdbx_struct_oper_list.matrix[3][3]         1.0000000000 
_pdbx_struct_oper_list.vector[3]            0.0000000000 
# 
loop_
_struct_conf.conf_type_id 
_struct_conf.id 
_struct_conf.pdbx_PDB_helix_id 
_struct_conf.beg_label_comp_id 
_struct_conf.beg_label_asym_id 
_struct_conf.beg_label_seq_id 
_struct_conf.pdbx_beg_PDB_ins_code 
_struct_conf.end_label_comp_id 
_struct_conf.end_label_asym_id 
_struct_conf.end_label_seq_id 
_struct_conf.pdbx_end_PDB_ins_code 
_struct_conf.beg_auth_comp_id 
_struct_conf.beg_auth_asym_id 
_struct_conf.beg_auth_seq_id 
_struct_conf.end_auth_comp_id 
_struct_conf.end_auth_asym_id 
_struct_conf.end_auth_seq_id 
_struct_conf.pdbx_PDB_helix_class 
_struct_conf.details 
_struct_conf.pdbx_PDB_helix_length 
HELX_P HELX_P1 AA1 GLY A 9  ? VAL A 13 ? GLY A 604 VAL A 608 5 ? 5 
HELX_P HELX_P2 AA2 TYR A 55 ? GLN A 59 ? TYR A 650 GLN A 654 5 ? 5 
# 
_struct_conf_type.id          HELX_P 
_struct_conf_type.criteria    ? 
_struct_conf_type.reference   ? 
# 
loop_
_struct_conn.id 
_struct_conn.conn_type_id 
_struct_conn.pdbx_leaving_atom_flag 
_struct_conn.pdbx_PDB_id 
_struct_conn.ptnr1_label_asym_id 
_struct_conn.ptnr1_label_comp_id 
_struct_conn.ptnr1_label_seq_id 
_struct_conn.ptnr1_label_atom_id 
_struct_conn.pdbx_ptnr1_label_alt_id 
_struct_conn.pdbx_ptnr1_PDB_ins_code 
_struct_conn.pdbx_ptnr1_standard_comp_id 
_struct_conn.ptnr1_symmetry 
_struct_conn.ptnr2_label_asym_id 
_struct_conn.ptnr2_label_comp_id 
_struct_conn.ptnr2_label_seq_id 
_struct_conn.ptnr2_label_atom_id 
_struct_conn.pdbx_ptnr2_label_alt_id 
_struct_conn.pdbx_ptnr2_PDB_ins_code 
_struct_conn.ptnr1_auth_asym_id 
_struct_conn.ptnr1_auth_comp_id 
_struct_conn.ptnr1_auth_seq_id 
_struct_conn.ptnr2_auth_asym_id 
_struct_conn.ptnr2_auth_comp_id 
_struct_conn.ptnr2_auth_seq_id 
_struct_conn.ptnr2_symmetry 
_struct_conn.pdbx_ptnr3_label_atom_id 
_struct_conn.pdbx_ptnr3_label_seq_id 
_struct_conn.pdbx_ptnr3_label_comp_id 
_struct_conn.pdbx_ptnr3_label_asym_id 
_struct_conn.pdbx_ptnr3_label_alt_id 
_struct_conn.pdbx_ptnr3_PDB_ins_code 
_struct_conn.details 
_struct_conn.pdbx_dist_value 
_struct_conn.pdbx_value_order 
_struct_conn.pdbx_role 
covale1 covale both ? A PRO 22 C ? ? ? 1_555 A MSE 23 N ? ? A PRO 617 A MSE 618 1_555 ? ? ? ? ? ? ? 1.327 ? ? 
covale2 covale both ? A MSE 23 C ? ? ? 1_555 A ASP 24 N ? ? A MSE 618 A ASP 619 1_555 ? ? ? ? ? ? ? 1.330 ? ? 
covale3 covale both ? B THR 3  C ? ? ? 1_555 B MLZ 4  N ? ? P THR 3   P MLZ 4   1_555 ? ? ? ? ? ? ? 1.331 ? ? 
covale4 covale both ? B MLZ 4  C ? ? ? 1_555 B GLN 5  N ? ? P MLZ 4   P GLN 5   1_555 ? ? ? ? ? ? ? 1.326 ? ? 
# 
_struct_conn_type.id          covale 
_struct_conn_type.criteria    ? 
_struct_conn_type.reference   ? 
# 
loop_
_pdbx_modification_feature.ordinal 
_pdbx_modification_feature.label_comp_id 
_pdbx_modification_feature.label_asym_id 
_pdbx_modification_feature.label_seq_id 
_pdbx_modification_feature.label_alt_id 
_pdbx_modification_feature.modified_residue_label_comp_id 
_pdbx_modification_feature.modified_residue_label_asym_id 
_pdbx_modification_feature.modified_residue_label_seq_id 
_pdbx_modification_feature.modified_residue_label_alt_id 
_pdbx_modification_feature.auth_comp_id 
_pdbx_modification_feature.auth_asym_id 
_pdbx_modification_feature.auth_seq_id 
_pdbx_modification_feature.PDB_ins_code 
_pdbx_modification_feature.symmetry 
_pdbx_modification_feature.modified_residue_auth_comp_id 
_pdbx_modification_feature.modified_residue_auth_asym_id 
_pdbx_modification_feature.modified_residue_auth_seq_id 
_pdbx_modification_feature.modified_residue_PDB_ins_code 
_pdbx_modification_feature.modified_residue_symmetry 
_pdbx_modification_feature.comp_id_linking_atom 
_pdbx_modification_feature.modified_residue_id_linking_atom 
_pdbx_modification_feature.modified_residue_id 
_pdbx_modification_feature.ref_pcm_id 
_pdbx_modification_feature.ref_comp_id 
_pdbx_modification_feature.type 
_pdbx_modification_feature.category 
1 MSE A 23 ? . . . . MSE A 618 ? 1_555 . . . . . . . MET 1 MSE Selenomethionine 'Named protein modification' 
2 MLZ B 4  ? . . . . MLZ P 4   ? 1_555 . . . . . . . LYS 1 MLZ Methylation      'Named protein modification' 
# 
_struct_sheet.id               AA1 
_struct_sheet.type             ? 
_struct_sheet.number_strands   5 
_struct_sheet.details          ? 
# 
loop_
_struct_sheet_order.sheet_id 
_struct_sheet_order.range_id_1 
_struct_sheet_order.range_id_2 
_struct_sheet_order.offset 
_struct_sheet_order.sense 
AA1 1 2 ? anti-parallel 
AA1 2 3 ? anti-parallel 
AA1 3 4 ? anti-parallel 
AA1 4 5 ? anti-parallel 
# 
loop_
_struct_sheet_range.sheet_id 
_struct_sheet_range.id 
_struct_sheet_range.beg_label_comp_id 
_struct_sheet_range.beg_label_asym_id 
_struct_sheet_range.beg_label_seq_id 
_struct_sheet_range.pdbx_beg_PDB_ins_code 
_struct_sheet_range.end_label_comp_id 
_struct_sheet_range.end_label_asym_id 
_struct_sheet_range.end_label_seq_id 
_struct_sheet_range.pdbx_end_PDB_ins_code 
_struct_sheet_range.beg_auth_comp_id 
_struct_sheet_range.beg_auth_asym_id 
_struct_sheet_range.beg_auth_seq_id 
_struct_sheet_range.end_auth_comp_id 
_struct_sheet_range.end_auth_asym_id 
_struct_sheet_range.end_auth_seq_id 
AA1 1 GLN A 51 ? LEU A 54 ? GLN A 646 LEU A 649 
AA1 2 LYS A 41 ? TYR A 46 ? LYS A 636 TYR A 641 
AA1 3 ALA A 26 ? ASP A 36 ? ALA A 621 ASP A 631 
AA1 4 ARG A 16 ? TRP A 21 ? ARG A 611 TRP A 616 
AA1 5 TRP A 61 ? PRO A 63 ? TRP A 656 PRO A 658 
# 
loop_
_pdbx_struct_sheet_hbond.sheet_id 
_pdbx_struct_sheet_hbond.range_id_1 
_pdbx_struct_sheet_hbond.range_id_2 
_pdbx_struct_sheet_hbond.range_1_label_atom_id 
_pdbx_struct_sheet_hbond.range_1_label_comp_id 
_pdbx_struct_sheet_hbond.range_1_label_asym_id 
_pdbx_struct_sheet_hbond.range_1_label_seq_id 
_pdbx_struct_sheet_hbond.range_1_PDB_ins_code 
_pdbx_struct_sheet_hbond.range_1_auth_atom_id 
_pdbx_struct_sheet_hbond.range_1_auth_comp_id 
_pdbx_struct_sheet_hbond.range_1_auth_asym_id 
_pdbx_struct_sheet_hbond.range_1_auth_seq_id 
_pdbx_struct_sheet_hbond.range_2_label_atom_id 
_pdbx_struct_sheet_hbond.range_2_label_comp_id 
_pdbx_struct_sheet_hbond.range_2_label_asym_id 
_pdbx_struct_sheet_hbond.range_2_label_seq_id 
_pdbx_struct_sheet_hbond.range_2_PDB_ins_code 
_pdbx_struct_sheet_hbond.range_2_auth_atom_id 
_pdbx_struct_sheet_hbond.range_2_auth_comp_id 
_pdbx_struct_sheet_hbond.range_2_auth_asym_id 
_pdbx_struct_sheet_hbond.range_2_auth_seq_id 
AA1 1 2 O GLU A 52 ? O GLU A 647 N VAL A 44 ? N VAL A 639 
AA1 2 3 O LYS A 41 ? O LYS A 636 N ASP A 36 ? N ASP A 631 
AA1 3 4 O ALA A 26 ? O ALA A 621 N TRP A 21 ? N TRP A 616 
AA1 4 5 N LYS A 18 ? N LYS A 613 O SER A 62 ? O SER A 657 
# 
_pdbx_entry_details.entry_id                   7DE9 
_pdbx_entry_details.has_ligand_of_interest     Y 
_pdbx_entry_details.compound_details           ? 
_pdbx_entry_details.source_details             ? 
_pdbx_entry_details.nonpolymer_details         ? 
_pdbx_entry_details.sequence_details           ? 
_pdbx_entry_details.has_protein_modification   Y 
# 
loop_
_pdbx_validate_torsion.id 
_pdbx_validate_torsion.PDB_model_num 
_pdbx_validate_torsion.auth_comp_id 
_pdbx_validate_torsion.auth_asym_id 
_pdbx_validate_torsion.auth_seq_id 
_pdbx_validate_torsion.PDB_ins_code 
_pdbx_validate_torsion.label_alt_id 
_pdbx_validate_torsion.phi 
_pdbx_validate_torsion.psi 
1 1 SER A 603 ? ? -113.52 -156.35 
2 1 PRO A 658 ? ? -67.70  -173.76 
# 
loop_
_pdbx_struct_mod_residue.id 
_pdbx_struct_mod_residue.label_asym_id 
_pdbx_struct_mod_residue.label_comp_id 
_pdbx_struct_mod_residue.label_seq_id 
_pdbx_struct_mod_residue.auth_asym_id 
_pdbx_struct_mod_residue.auth_comp_id 
_pdbx_struct_mod_residue.auth_seq_id 
_pdbx_struct_mod_residue.PDB_ins_code 
_pdbx_struct_mod_residue.parent_comp_id 
_pdbx_struct_mod_residue.details 
1 A MSE 23 A MSE 618 ? MET 'modified residue' 
2 B MLZ 4  P MLZ 4   ? LYS 'modified residue' 
# 
loop_
_pdbx_refine_tls.id 
_pdbx_refine_tls.pdbx_refine_id 
_pdbx_refine_tls.details 
_pdbx_refine_tls.method 
_pdbx_refine_tls.origin_x 
_pdbx_refine_tls.origin_y 
_pdbx_refine_tls.origin_z 
_pdbx_refine_tls.T[1][1] 
_pdbx_refine_tls.T[1][1]_esd 
_pdbx_refine_tls.T[1][2] 
_pdbx_refine_tls.T[1][2]_esd 
_pdbx_refine_tls.T[1][3] 
_pdbx_refine_tls.T[1][3]_esd 
_pdbx_refine_tls.T[2][2] 
_pdbx_refine_tls.T[2][2]_esd 
_pdbx_refine_tls.T[2][3] 
_pdbx_refine_tls.T[2][3]_esd 
_pdbx_refine_tls.T[3][3] 
_pdbx_refine_tls.T[3][3]_esd 
_pdbx_refine_tls.L[1][1] 
_pdbx_refine_tls.L[1][1]_esd 
_pdbx_refine_tls.L[1][2] 
_pdbx_refine_tls.L[1][2]_esd 
_pdbx_refine_tls.L[1][3] 
_pdbx_refine_tls.L[1][3]_esd 
_pdbx_refine_tls.L[2][2] 
_pdbx_refine_tls.L[2][2]_esd 
_pdbx_refine_tls.L[2][3] 
_pdbx_refine_tls.L[2][3]_esd 
_pdbx_refine_tls.L[3][3] 
_pdbx_refine_tls.L[3][3]_esd 
_pdbx_refine_tls.S[1][1] 
_pdbx_refine_tls.S[1][1]_esd 
_pdbx_refine_tls.S[1][2] 
_pdbx_refine_tls.S[1][2]_esd 
_pdbx_refine_tls.S[1][3] 
_pdbx_refine_tls.S[1][3]_esd 
_pdbx_refine_tls.S[2][1] 
_pdbx_refine_tls.S[2][1]_esd 
_pdbx_refine_tls.S[2][2] 
_pdbx_refine_tls.S[2][2]_esd 
_pdbx_refine_tls.S[2][3] 
_pdbx_refine_tls.S[2][3]_esd 
_pdbx_refine_tls.S[3][1] 
_pdbx_refine_tls.S[3][1]_esd 
_pdbx_refine_tls.S[3][2] 
_pdbx_refine_tls.S[3][2]_esd 
_pdbx_refine_tls.S[3][3] 
_pdbx_refine_tls.S[3][3]_esd 
1 'X-RAY DIFFRACTION' ? refined 0.7344  -3.2613 0.5390  0.1591 ? -0.0203 ? 0.0352  ? 0.1582 ? -0.0191 ? 0.1651 ? 6.7331 ? -0.8924 ? 3.4350  ? 2.4022 ? -0.8270 ? 3.7774 ? 0.1242  ? 0.0576  ? -0.4229 ? -0.1680 ? 0.0374  ? 0.0607  ? 0.2010  ? -0.2589 ? -0.1421 ? 
2 'X-RAY DIFFRACTION' ? refined -2.6686 0.1480  0.6299  0.1524 ? -0.0315 ? -0.0273 ? 0.1636 ? -0.0361 ? 0.1791 ? 4.5064 ? -1.7535 ? 1.9100  ? 4.7305 ? -3.8329 ? 8.1334 ? -0.2722 ? 0.1108  ? 0.0582  ? -0.1144 ? 0.2416  ? -0.1939 ? -0.1641 ? -0.5001 ? 0.0431  ? 
3 'X-RAY DIFFRACTION' ? refined -0.9600 4.8774  -0.1118 0.1643 ? 0.0202  ? -0.0156 ? 0.1793 ? -0.0129 ? 0.1932 ? 3.8314 ? -0.4536 ? 0.1256  ? 4.2407 ? -0.5161 ? 2.0456 ? -0.1419 ? -0.0936 ? 0.2267  ? 0.0722  ? 0.0324  ? -0.0377 ? -0.2627 ? 0.0046  ? 0.0870  ? 
4 'X-RAY DIFFRACTION' ? refined 3.6444  -3.6892 -4.8156 0.4121 ? -0.0137 ? 0.0229  ? 0.3323 ? -0.0304 ? 0.3749 ? 3.4891 ? 3.0845  ? -0.0535 ? 4.9941 ? -4.2200 ? 7.7060 ? 0.1879  ? -0.2766 ? -0.6025 ? -0.6719 ? -0.3926 ? -0.2143 ? 0.9683  ? -0.0412 ? -0.1158 ? 
5 'X-RAY DIFFRACTION' ? refined 9.0343  2.1012  9.9738  0.2457 ? 0.0203  ? -0.0860 ? 0.2445 ? -0.0268 ? 0.2991 ? 8.8195 ? 1.8372  ? -1.0484 ? 4.3076 ? -0.8937 ? 5.5771 ? -0.0418 ? -0.7983 ? 0.0088  ? 0.4586  ? -0.1175 ? -0.3462 ? -0.1255 ? 0.4523  ? 0.0367  ? 
# 
loop_
_pdbx_refine_tls_group.id 
_pdbx_refine_tls_group.pdbx_refine_id 
_pdbx_refine_tls_group.refine_tls_id 
_pdbx_refine_tls_group.beg_label_asym_id 
_pdbx_refine_tls_group.beg_label_seq_id 
_pdbx_refine_tls_group.beg_auth_asym_id 
_pdbx_refine_tls_group.beg_auth_seq_id 
_pdbx_refine_tls_group.beg_PDB_ins_code 
_pdbx_refine_tls_group.end_label_asym_id 
_pdbx_refine_tls_group.end_label_seq_id 
_pdbx_refine_tls_group.end_auth_asym_id 
_pdbx_refine_tls_group.end_auth_seq_id 
_pdbx_refine_tls_group.end_PDB_ins_code 
_pdbx_refine_tls_group.selection 
_pdbx_refine_tls_group.selection_details 
1 'X-RAY DIFFRACTION' 1 ? ? A 602 ? ? ? A 620 ? ? 
;chain 'A' and (resid 602 through 620 )
;
2 'X-RAY DIFFRACTION' 2 ? ? A 621 ? ? ? A 631 ? ? 
;chain 'A' and (resid 621 through 631 )
;
3 'X-RAY DIFFRACTION' 3 ? ? A 632 ? ? ? A 649 ? ? 
;chain 'A' and (resid 632 through 649 )
;
4 'X-RAY DIFFRACTION' 4 ? ? A 650 ? ? ? A 658 ? ? 
;chain 'A' and (resid 650 through 658 )
;
5 'X-RAY DIFFRACTION' 5 ? ? P 1   ? ? ? P 5   ? ? 
;chain 'P' and (resid 1 through 5 )
;
# 
loop_
_pdbx_unobs_or_zero_occ_residues.id 
_pdbx_unobs_or_zero_occ_residues.PDB_model_num 
_pdbx_unobs_or_zero_occ_residues.polymer_flag 
_pdbx_unobs_or_zero_occ_residues.occupancy_flag 
_pdbx_unobs_or_zero_occ_residues.auth_asym_id 
_pdbx_unobs_or_zero_occ_residues.auth_comp_id 
_pdbx_unobs_or_zero_occ_residues.auth_seq_id 
_pdbx_unobs_or_zero_occ_residues.PDB_ins_code 
_pdbx_unobs_or_zero_occ_residues.label_asym_id 
_pdbx_unobs_or_zero_occ_residues.label_comp_id 
_pdbx_unobs_or_zero_occ_residues.label_seq_id 
1  1 Y 1 A SER 596 ? A SER 1  
2  1 Y 1 A LEU 597 ? A LEU 2  
3  1 Y 1 A GLY 598 ? A GLY 3  
4  1 Y 1 A GLN 599 ? A GLN 4  
5  1 Y 1 A GLY 600 ? A GLY 5  
6  1 Y 1 A LYS 601 ? A LYS 6  
7  1 Y 1 A ASP 660 ? A ASP 65 
8  1 Y 1 A GLU 661 ? A GLU 66 
9  1 Y 1 P THR 6   ? B THR 6  
10 1 Y 1 P ALA 7   ? B ALA 7  
11 1 Y 1 P ARG 8   ? B ARG 8  
12 1 Y 1 P LYS 9   ? B LYS 9  
13 1 Y 1 P SER 10  ? B SER 10 
14 1 Y 1 P THR 11  ? B THR 11 
15 1 Y 1 P GLY 12  ? B GLY 12 
16 1 Y 1 P GLY 13  ? B GLY 13 
17 1 Y 1 P LYS 14  ? B LYS 14 
18 1 Y 1 P ALA 15  ? B ALA 15 
# 
loop_
_chem_comp_atom.comp_id 
_chem_comp_atom.atom_id 
_chem_comp_atom.type_symbol 
_chem_comp_atom.pdbx_aromatic_flag 
_chem_comp_atom.pdbx_stereo_config 
_chem_comp_atom.pdbx_ordinal 
ALA N    N  N N 1   
ALA CA   C  N S 2   
ALA C    C  N N 3   
ALA O    O  N N 4   
ALA CB   C  N N 5   
ALA OXT  O  N N 6   
ALA H    H  N N 7   
ALA H2   H  N N 8   
ALA HA   H  N N 9   
ALA HB1  H  N N 10  
ALA HB2  H  N N 11  
ALA HB3  H  N N 12  
ALA HXT  H  N N 13  
ARG N    N  N N 14  
ARG CA   C  N S 15  
ARG C    C  N N 16  
ARG O    O  N N 17  
ARG CB   C  N N 18  
ARG CG   C  N N 19  
ARG CD   C  N N 20  
ARG NE   N  N N 21  
ARG CZ   C  N N 22  
ARG NH1  N  N N 23  
ARG NH2  N  N N 24  
ARG OXT  O  N N 25  
ARG H    H  N N 26  
ARG H2   H  N N 27  
ARG HA   H  N N 28  
ARG HB2  H  N N 29  
ARG HB3  H  N N 30  
ARG HG2  H  N N 31  
ARG HG3  H  N N 32  
ARG HD2  H  N N 33  
ARG HD3  H  N N 34  
ARG HE   H  N N 35  
ARG HH11 H  N N 36  
ARG HH12 H  N N 37  
ARG HH21 H  N N 38  
ARG HH22 H  N N 39  
ARG HXT  H  N N 40  
ASN N    N  N N 41  
ASN CA   C  N S 42  
ASN C    C  N N 43  
ASN O    O  N N 44  
ASN CB   C  N N 45  
ASN CG   C  N N 46  
ASN OD1  O  N N 47  
ASN ND2  N  N N 48  
ASN OXT  O  N N 49  
ASN H    H  N N 50  
ASN H2   H  N N 51  
ASN HA   H  N N 52  
ASN HB2  H  N N 53  
ASN HB3  H  N N 54  
ASN HD21 H  N N 55  
ASN HD22 H  N N 56  
ASN HXT  H  N N 57  
ASP N    N  N N 58  
ASP CA   C  N S 59  
ASP C    C  N N 60  
ASP O    O  N N 61  
ASP CB   C  N N 62  
ASP CG   C  N N 63  
ASP OD1  O  N N 64  
ASP OD2  O  N N 65  
ASP OXT  O  N N 66  
ASP H    H  N N 67  
ASP H2   H  N N 68  
ASP HA   H  N N 69  
ASP HB2  H  N N 70  
ASP HB3  H  N N 71  
ASP HD2  H  N N 72  
ASP HXT  H  N N 73  
GLN N    N  N N 74  
GLN CA   C  N S 75  
GLN C    C  N N 76  
GLN O    O  N N 77  
GLN CB   C  N N 78  
GLN CG   C  N N 79  
GLN CD   C  N N 80  
GLN OE1  O  N N 81  
GLN NE2  N  N N 82  
GLN OXT  O  N N 83  
GLN H    H  N N 84  
GLN H2   H  N N 85  
GLN HA   H  N N 86  
GLN HB2  H  N N 87  
GLN HB3  H  N N 88  
GLN HG2  H  N N 89  
GLN HG3  H  N N 90  
GLN HE21 H  N N 91  
GLN HE22 H  N N 92  
GLN HXT  H  N N 93  
GLU N    N  N N 94  
GLU CA   C  N S 95  
GLU C    C  N N 96  
GLU O    O  N N 97  
GLU CB   C  N N 98  
GLU CG   C  N N 99  
GLU CD   C  N N 100 
GLU OE1  O  N N 101 
GLU OE2  O  N N 102 
GLU OXT  O  N N 103 
GLU H    H  N N 104 
GLU H2   H  N N 105 
GLU HA   H  N N 106 
GLU HB2  H  N N 107 
GLU HB3  H  N N 108 
GLU HG2  H  N N 109 
GLU HG3  H  N N 110 
GLU HE2  H  N N 111 
GLU HXT  H  N N 112 
GLY N    N  N N 113 
GLY CA   C  N N 114 
GLY C    C  N N 115 
GLY O    O  N N 116 
GLY OXT  O  N N 117 
GLY H    H  N N 118 
GLY H2   H  N N 119 
GLY HA2  H  N N 120 
GLY HA3  H  N N 121 
GLY HXT  H  N N 122 
HIS N    N  N N 123 
HIS CA   C  N S 124 
HIS C    C  N N 125 
HIS O    O  N N 126 
HIS CB   C  N N 127 
HIS CG   C  Y N 128 
HIS ND1  N  Y N 129 
HIS CD2  C  Y N 130 
HIS CE1  C  Y N 131 
HIS NE2  N  Y N 132 
HIS OXT  O  N N 133 
HIS H    H  N N 134 
HIS H2   H  N N 135 
HIS HA   H  N N 136 
HIS HB2  H  N N 137 
HIS HB3  H  N N 138 
HIS HD1  H  N N 139 
HIS HD2  H  N N 140 
HIS HE1  H  N N 141 
HIS HE2  H  N N 142 
HIS HXT  H  N N 143 
HOH O    O  N N 144 
HOH H1   H  N N 145 
HOH H2   H  N N 146 
ILE N    N  N N 147 
ILE CA   C  N S 148 
ILE C    C  N N 149 
ILE O    O  N N 150 
ILE CB   C  N S 151 
ILE CG1  C  N N 152 
ILE CG2  C  N N 153 
ILE CD1  C  N N 154 
ILE OXT  O  N N 155 
ILE H    H  N N 156 
ILE H2   H  N N 157 
ILE HA   H  N N 158 
ILE HB   H  N N 159 
ILE HG12 H  N N 160 
ILE HG13 H  N N 161 
ILE HG21 H  N N 162 
ILE HG22 H  N N 163 
ILE HG23 H  N N 164 
ILE HD11 H  N N 165 
ILE HD12 H  N N 166 
ILE HD13 H  N N 167 
ILE HXT  H  N N 168 
LEU N    N  N N 169 
LEU CA   C  N S 170 
LEU C    C  N N 171 
LEU O    O  N N 172 
LEU CB   C  N N 173 
LEU CG   C  N N 174 
LEU CD1  C  N N 175 
LEU CD2  C  N N 176 
LEU OXT  O  N N 177 
LEU H    H  N N 178 
LEU H2   H  N N 179 
LEU HA   H  N N 180 
LEU HB2  H  N N 181 
LEU HB3  H  N N 182 
LEU HG   H  N N 183 
LEU HD11 H  N N 184 
LEU HD12 H  N N 185 
LEU HD13 H  N N 186 
LEU HD21 H  N N 187 
LEU HD22 H  N N 188 
LEU HD23 H  N N 189 
LEU HXT  H  N N 190 
LYS N    N  N N 191 
LYS CA   C  N S 192 
LYS C    C  N N 193 
LYS O    O  N N 194 
LYS CB   C  N N 195 
LYS CG   C  N N 196 
LYS CD   C  N N 197 
LYS CE   C  N N 198 
LYS NZ   N  N N 199 
LYS OXT  O  N N 200 
LYS H    H  N N 201 
LYS H2   H  N N 202 
LYS HA   H  N N 203 
LYS HB2  H  N N 204 
LYS HB3  H  N N 205 
LYS HG2  H  N N 206 
LYS HG3  H  N N 207 
LYS HD2  H  N N 208 
LYS HD3  H  N N 209 
LYS HE2  H  N N 210 
LYS HE3  H  N N 211 
LYS HZ1  H  N N 212 
LYS HZ2  H  N N 213 
LYS HZ3  H  N N 214 
LYS HXT  H  N N 215 
MLZ N    N  N N 216 
MLZ CA   C  N S 217 
MLZ CB   C  N N 218 
MLZ CG   C  N N 219 
MLZ CD   C  N N 220 
MLZ CE   C  N N 221 
MLZ NZ   N  N N 222 
MLZ CM   C  N N 223 
MLZ C    C  N N 224 
MLZ O    O  N N 225 
MLZ OXT  O  N N 226 
MLZ H    H  N N 227 
MLZ H2   H  N N 228 
MLZ HA   H  N N 229 
MLZ HB2  H  N N 230 
MLZ HB3  H  N N 231 
MLZ HG2  H  N N 232 
MLZ HG3  H  N N 233 
MLZ HD2  H  N N 234 
MLZ HD3  H  N N 235 
MLZ HE2  H  N N 236 
MLZ HE3  H  N N 237 
MLZ HZ   H  N N 238 
MLZ HCM1 H  N N 239 
MLZ HCM2 H  N N 240 
MLZ HCM3 H  N N 241 
MLZ HXT  H  N N 242 
MSE N    N  N N 243 
MSE CA   C  N S 244 
MSE C    C  N N 245 
MSE O    O  N N 246 
MSE OXT  O  N N 247 
MSE CB   C  N N 248 
MSE CG   C  N N 249 
MSE SE   SE N N 250 
MSE CE   C  N N 251 
MSE H    H  N N 252 
MSE H2   H  N N 253 
MSE HA   H  N N 254 
MSE HXT  H  N N 255 
MSE HB2  H  N N 256 
MSE HB3  H  N N 257 
MSE HG2  H  N N 258 
MSE HG3  H  N N 259 
MSE HE1  H  N N 260 
MSE HE2  H  N N 261 
MSE HE3  H  N N 262 
PRO N    N  N N 263 
PRO CA   C  N S 264 
PRO C    C  N N 265 
PRO O    O  N N 266 
PRO CB   C  N N 267 
PRO CG   C  N N 268 
PRO CD   C  N N 269 
PRO OXT  O  N N 270 
PRO H    H  N N 271 
PRO HA   H  N N 272 
PRO HB2  H  N N 273 
PRO HB3  H  N N 274 
PRO HG2  H  N N 275 
PRO HG3  H  N N 276 
PRO HD2  H  N N 277 
PRO HD3  H  N N 278 
PRO HXT  H  N N 279 
SER N    N  N N 280 
SER CA   C  N S 281 
SER C    C  N N 282 
SER O    O  N N 283 
SER CB   C  N N 284 
SER OG   O  N N 285 
SER OXT  O  N N 286 
SER H    H  N N 287 
SER H2   H  N N 288 
SER HA   H  N N 289 
SER HB2  H  N N 290 
SER HB3  H  N N 291 
SER HG   H  N N 292 
SER HXT  H  N N 293 
THR N    N  N N 294 
THR CA   C  N S 295 
THR C    C  N N 296 
THR O    O  N N 297 
THR CB   C  N R 298 
THR OG1  O  N N 299 
THR CG2  C  N N 300 
THR OXT  O  N N 301 
THR H    H  N N 302 
THR H2   H  N N 303 
THR HA   H  N N 304 
THR HB   H  N N 305 
THR HG1  H  N N 306 
THR HG21 H  N N 307 
THR HG22 H  N N 308 
THR HG23 H  N N 309 
THR HXT  H  N N 310 
TRP N    N  N N 311 
TRP CA   C  N S 312 
TRP C    C  N N 313 
TRP O    O  N N 314 
TRP CB   C  N N 315 
TRP CG   C  Y N 316 
TRP CD1  C  Y N 317 
TRP CD2  C  Y N 318 
TRP NE1  N  Y N 319 
TRP CE2  C  Y N 320 
TRP CE3  C  Y N 321 
TRP CZ2  C  Y N 322 
TRP CZ3  C  Y N 323 
TRP CH2  C  Y N 324 
TRP OXT  O  N N 325 
TRP H    H  N N 326 
TRP H2   H  N N 327 
TRP HA   H  N N 328 
TRP HB2  H  N N 329 
TRP HB3  H  N N 330 
TRP HD1  H  N N 331 
TRP HE1  H  N N 332 
TRP HE3  H  N N 333 
TRP HZ2  H  N N 334 
TRP HZ3  H  N N 335 
TRP HH2  H  N N 336 
TRP HXT  H  N N 337 
TYR N    N  N N 338 
TYR CA   C  N S 339 
TYR C    C  N N 340 
TYR O    O  N N 341 
TYR CB   C  N N 342 
TYR CG   C  Y N 343 
TYR CD1  C  Y N 344 
TYR CD2  C  Y N 345 
TYR CE1  C  Y N 346 
TYR CE2  C  Y N 347 
TYR CZ   C  Y N 348 
TYR OH   O  N N 349 
TYR OXT  O  N N 350 
TYR H    H  N N 351 
TYR H2   H  N N 352 
TYR HA   H  N N 353 
TYR HB2  H  N N 354 
TYR HB3  H  N N 355 
TYR HD1  H  N N 356 
TYR HD2  H  N N 357 
TYR HE1  H  N N 358 
TYR HE2  H  N N 359 
TYR HH   H  N N 360 
TYR HXT  H  N N 361 
VAL N    N  N N 362 
VAL CA   C  N S 363 
VAL C    C  N N 364 
VAL O    O  N N 365 
VAL CB   C  N N 366 
VAL CG1  C  N N 367 
VAL CG2  C  N N 368 
VAL OXT  O  N N 369 
VAL H    H  N N 370 
VAL H2   H  N N 371 
VAL HA   H  N N 372 
VAL HB   H  N N 373 
VAL HG11 H  N N 374 
VAL HG12 H  N N 375 
VAL HG13 H  N N 376 
VAL HG21 H  N N 377 
VAL HG22 H  N N 378 
VAL HG23 H  N N 379 
VAL HXT  H  N N 380 
# 
loop_
_chem_comp_bond.comp_id 
_chem_comp_bond.atom_id_1 
_chem_comp_bond.atom_id_2 
_chem_comp_bond.value_order 
_chem_comp_bond.pdbx_aromatic_flag 
_chem_comp_bond.pdbx_stereo_config 
_chem_comp_bond.pdbx_ordinal 
ALA N   CA   sing N N 1   
ALA N   H    sing N N 2   
ALA N   H2   sing N N 3   
ALA CA  C    sing N N 4   
ALA CA  CB   sing N N 5   
ALA CA  HA   sing N N 6   
ALA C   O    doub N N 7   
ALA C   OXT  sing N N 8   
ALA CB  HB1  sing N N 9   
ALA CB  HB2  sing N N 10  
ALA CB  HB3  sing N N 11  
ALA OXT HXT  sing N N 12  
ARG N   CA   sing N N 13  
ARG N   H    sing N N 14  
ARG N   H2   sing N N 15  
ARG CA  C    sing N N 16  
ARG CA  CB   sing N N 17  
ARG CA  HA   sing N N 18  
ARG C   O    doub N N 19  
ARG C   OXT  sing N N 20  
ARG CB  CG   sing N N 21  
ARG CB  HB2  sing N N 22  
ARG CB  HB3  sing N N 23  
ARG CG  CD   sing N N 24  
ARG CG  HG2  sing N N 25  
ARG CG  HG3  sing N N 26  
ARG CD  NE   sing N N 27  
ARG CD  HD2  sing N N 28  
ARG CD  HD3  sing N N 29  
ARG NE  CZ   sing N N 30  
ARG NE  HE   sing N N 31  
ARG CZ  NH1  sing N N 32  
ARG CZ  NH2  doub N N 33  
ARG NH1 HH11 sing N N 34  
ARG NH1 HH12 sing N N 35  
ARG NH2 HH21 sing N N 36  
ARG NH2 HH22 sing N N 37  
ARG OXT HXT  sing N N 38  
ASN N   CA   sing N N 39  
ASN N   H    sing N N 40  
ASN N   H2   sing N N 41  
ASN CA  C    sing N N 42  
ASN CA  CB   sing N N 43  
ASN CA  HA   sing N N 44  
ASN C   O    doub N N 45  
ASN C   OXT  sing N N 46  
ASN CB  CG   sing N N 47  
ASN CB  HB2  sing N N 48  
ASN CB  HB3  sing N N 49  
ASN CG  OD1  doub N N 50  
ASN CG  ND2  sing N N 51  
ASN ND2 HD21 sing N N 52  
ASN ND2 HD22 sing N N 53  
ASN OXT HXT  sing N N 54  
ASP N   CA   sing N N 55  
ASP N   H    sing N N 56  
ASP N   H2   sing N N 57  
ASP CA  C    sing N N 58  
ASP CA  CB   sing N N 59  
ASP CA  HA   sing N N 60  
ASP C   O    doub N N 61  
ASP C   OXT  sing N N 62  
ASP CB  CG   sing N N 63  
ASP CB  HB2  sing N N 64  
ASP CB  HB3  sing N N 65  
ASP CG  OD1  doub N N 66  
ASP CG  OD2  sing N N 67  
ASP OD2 HD2  sing N N 68  
ASP OXT HXT  sing N N 69  
GLN N   CA   sing N N 70  
GLN N   H    sing N N 71  
GLN N   H2   sing N N 72  
GLN CA  C    sing N N 73  
GLN CA  CB   sing N N 74  
GLN CA  HA   sing N N 75  
GLN C   O    doub N N 76  
GLN C   OXT  sing N N 77  
GLN CB  CG   sing N N 78  
GLN CB  HB2  sing N N 79  
GLN CB  HB3  sing N N 80  
GLN CG  CD   sing N N 81  
GLN CG  HG2  sing N N 82  
GLN CG  HG3  sing N N 83  
GLN CD  OE1  doub N N 84  
GLN CD  NE2  sing N N 85  
GLN NE2 HE21 sing N N 86  
GLN NE2 HE22 sing N N 87  
GLN OXT HXT  sing N N 88  
GLU N   CA   sing N N 89  
GLU N   H    sing N N 90  
GLU N   H2   sing N N 91  
GLU CA  C    sing N N 92  
GLU CA  CB   sing N N 93  
GLU CA  HA   sing N N 94  
GLU C   O    doub N N 95  
GLU C   OXT  sing N N 96  
GLU CB  CG   sing N N 97  
GLU CB  HB2  sing N N 98  
GLU CB  HB3  sing N N 99  
GLU CG  CD   sing N N 100 
GLU CG  HG2  sing N N 101 
GLU CG  HG3  sing N N 102 
GLU CD  OE1  doub N N 103 
GLU CD  OE2  sing N N 104 
GLU OE2 HE2  sing N N 105 
GLU OXT HXT  sing N N 106 
GLY N   CA   sing N N 107 
GLY N   H    sing N N 108 
GLY N   H2   sing N N 109 
GLY CA  C    sing N N 110 
GLY CA  HA2  sing N N 111 
GLY CA  HA3  sing N N 112 
GLY C   O    doub N N 113 
GLY C   OXT  sing N N 114 
GLY OXT HXT  sing N N 115 
HIS N   CA   sing N N 116 
HIS N   H    sing N N 117 
HIS N   H2   sing N N 118 
HIS CA  C    sing N N 119 
HIS CA  CB   sing N N 120 
HIS CA  HA   sing N N 121 
HIS C   O    doub N N 122 
HIS C   OXT  sing N N 123 
HIS CB  CG   sing N N 124 
HIS CB  HB2  sing N N 125 
HIS CB  HB3  sing N N 126 
HIS CG  ND1  sing Y N 127 
HIS CG  CD2  doub Y N 128 
HIS ND1 CE1  doub Y N 129 
HIS ND1 HD1  sing N N 130 
HIS CD2 NE2  sing Y N 131 
HIS CD2 HD2  sing N N 132 
HIS CE1 NE2  sing Y N 133 
HIS CE1 HE1  sing N N 134 
HIS NE2 HE2  sing N N 135 
HIS OXT HXT  sing N N 136 
HOH O   H1   sing N N 137 
HOH O   H2   sing N N 138 
ILE N   CA   sing N N 139 
ILE N   H    sing N N 140 
ILE N   H2   sing N N 141 
ILE CA  C    sing N N 142 
ILE CA  CB   sing N N 143 
ILE CA  HA   sing N N 144 
ILE C   O    doub N N 145 
ILE C   OXT  sing N N 146 
ILE CB  CG1  sing N N 147 
ILE CB  CG2  sing N N 148 
ILE CB  HB   sing N N 149 
ILE CG1 CD1  sing N N 150 
ILE CG1 HG12 sing N N 151 
ILE CG1 HG13 sing N N 152 
ILE CG2 HG21 sing N N 153 
ILE CG2 HG22 sing N N 154 
ILE CG2 HG23 sing N N 155 
ILE CD1 HD11 sing N N 156 
ILE CD1 HD12 sing N N 157 
ILE CD1 HD13 sing N N 158 
ILE OXT HXT  sing N N 159 
LEU N   CA   sing N N 160 
LEU N   H    sing N N 161 
LEU N   H2   sing N N 162 
LEU CA  C    sing N N 163 
LEU CA  CB   sing N N 164 
LEU CA  HA   sing N N 165 
LEU C   O    doub N N 166 
LEU C   OXT  sing N N 167 
LEU CB  CG   sing N N 168 
LEU CB  HB2  sing N N 169 
LEU CB  HB3  sing N N 170 
LEU CG  CD1  sing N N 171 
LEU CG  CD2  sing N N 172 
LEU CG  HG   sing N N 173 
LEU CD1 HD11 sing N N 174 
LEU CD1 HD12 sing N N 175 
LEU CD1 HD13 sing N N 176 
LEU CD2 HD21 sing N N 177 
LEU CD2 HD22 sing N N 178 
LEU CD2 HD23 sing N N 179 
LEU OXT HXT  sing N N 180 
LYS N   CA   sing N N 181 
LYS N   H    sing N N 182 
LYS N   H2   sing N N 183 
LYS CA  C    sing N N 184 
LYS CA  CB   sing N N 185 
LYS CA  HA   sing N N 186 
LYS C   O    doub N N 187 
LYS C   OXT  sing N N 188 
LYS CB  CG   sing N N 189 
LYS CB  HB2  sing N N 190 
LYS CB  HB3  sing N N 191 
LYS CG  CD   sing N N 192 
LYS CG  HG2  sing N N 193 
LYS CG  HG3  sing N N 194 
LYS CD  CE   sing N N 195 
LYS CD  HD2  sing N N 196 
LYS CD  HD3  sing N N 197 
LYS CE  NZ   sing N N 198 
LYS CE  HE2  sing N N 199 
LYS CE  HE3  sing N N 200 
LYS NZ  HZ1  sing N N 201 
LYS NZ  HZ2  sing N N 202 
LYS NZ  HZ3  sing N N 203 
LYS OXT HXT  sing N N 204 
MLZ N   CA   sing N N 205 
MLZ N   H    sing N N 206 
MLZ N   H2   sing N N 207 
MLZ CA  CB   sing N N 208 
MLZ CA  C    sing N N 209 
MLZ CA  HA   sing N N 210 
MLZ CB  CG   sing N N 211 
MLZ CB  HB2  sing N N 212 
MLZ CB  HB3  sing N N 213 
MLZ CG  CD   sing N N 214 
MLZ CG  HG2  sing N N 215 
MLZ CG  HG3  sing N N 216 
MLZ CD  CE   sing N N 217 
MLZ CD  HD2  sing N N 218 
MLZ CD  HD3  sing N N 219 
MLZ CE  NZ   sing N N 220 
MLZ CE  HE2  sing N N 221 
MLZ CE  HE3  sing N N 222 
MLZ NZ  CM   sing N N 223 
MLZ NZ  HZ   sing N N 224 
MLZ CM  HCM1 sing N N 225 
MLZ CM  HCM2 sing N N 226 
MLZ CM  HCM3 sing N N 227 
MLZ C   O    doub N N 228 
MLZ C   OXT  sing N N 229 
MLZ OXT HXT  sing N N 230 
MSE N   CA   sing N N 231 
MSE N   H    sing N N 232 
MSE N   H2   sing N N 233 
MSE CA  C    sing N N 234 
MSE CA  CB   sing N N 235 
MSE CA  HA   sing N N 236 
MSE C   O    doub N N 237 
MSE C   OXT  sing N N 238 
MSE OXT HXT  sing N N 239 
MSE CB  CG   sing N N 240 
MSE CB  HB2  sing N N 241 
MSE CB  HB3  sing N N 242 
MSE CG  SE   sing N N 243 
MSE CG  HG2  sing N N 244 
MSE CG  HG3  sing N N 245 
MSE SE  CE   sing N N 246 
MSE CE  HE1  sing N N 247 
MSE CE  HE2  sing N N 248 
MSE CE  HE3  sing N N 249 
PRO N   CA   sing N N 250 
PRO N   CD   sing N N 251 
PRO N   H    sing N N 252 
PRO CA  C    sing N N 253 
PRO CA  CB   sing N N 254 
PRO CA  HA   sing N N 255 
PRO C   O    doub N N 256 
PRO C   OXT  sing N N 257 
PRO CB  CG   sing N N 258 
PRO CB  HB2  sing N N 259 
PRO CB  HB3  sing N N 260 
PRO CG  CD   sing N N 261 
PRO CG  HG2  sing N N 262 
PRO CG  HG3  sing N N 263 
PRO CD  HD2  sing N N 264 
PRO CD  HD3  sing N N 265 
PRO OXT HXT  sing N N 266 
SER N   CA   sing N N 267 
SER N   H    sing N N 268 
SER N   H2   sing N N 269 
SER CA  C    sing N N 270 
SER CA  CB   sing N N 271 
SER CA  HA   sing N N 272 
SER C   O    doub N N 273 
SER C   OXT  sing N N 274 
SER CB  OG   sing N N 275 
SER CB  HB2  sing N N 276 
SER CB  HB3  sing N N 277 
SER OG  HG   sing N N 278 
SER OXT HXT  sing N N 279 
THR N   CA   sing N N 280 
THR N   H    sing N N 281 
THR N   H2   sing N N 282 
THR CA  C    sing N N 283 
THR CA  CB   sing N N 284 
THR CA  HA   sing N N 285 
THR C   O    doub N N 286 
THR C   OXT  sing N N 287 
THR CB  OG1  sing N N 288 
THR CB  CG2  sing N N 289 
THR CB  HB   sing N N 290 
THR OG1 HG1  sing N N 291 
THR CG2 HG21 sing N N 292 
THR CG2 HG22 sing N N 293 
THR CG2 HG23 sing N N 294 
THR OXT HXT  sing N N 295 
TRP N   CA   sing N N 296 
TRP N   H    sing N N 297 
TRP N   H2   sing N N 298 
TRP CA  C    sing N N 299 
TRP CA  CB   sing N N 300 
TRP CA  HA   sing N N 301 
TRP C   O    doub N N 302 
TRP C   OXT  sing N N 303 
TRP CB  CG   sing N N 304 
TRP CB  HB2  sing N N 305 
TRP CB  HB3  sing N N 306 
TRP CG  CD1  doub Y N 307 
TRP CG  CD2  sing Y N 308 
TRP CD1 NE1  sing Y N 309 
TRP CD1 HD1  sing N N 310 
TRP CD2 CE2  doub Y N 311 
TRP CD2 CE3  sing Y N 312 
TRP NE1 CE2  sing Y N 313 
TRP NE1 HE1  sing N N 314 
TRP CE2 CZ2  sing Y N 315 
TRP CE3 CZ3  doub Y N 316 
TRP CE3 HE3  sing N N 317 
TRP CZ2 CH2  doub Y N 318 
TRP CZ2 HZ2  sing N N 319 
TRP CZ3 CH2  sing Y N 320 
TRP CZ3 HZ3  sing N N 321 
TRP CH2 HH2  sing N N 322 
TRP OXT HXT  sing N N 323 
TYR N   CA   sing N N 324 
TYR N   H    sing N N 325 
TYR N   H2   sing N N 326 
TYR CA  C    sing N N 327 
TYR CA  CB   sing N N 328 
TYR CA  HA   sing N N 329 
TYR C   O    doub N N 330 
TYR C   OXT  sing N N 331 
TYR CB  CG   sing N N 332 
TYR CB  HB2  sing N N 333 
TYR CB  HB3  sing N N 334 
TYR CG  CD1  doub Y N 335 
TYR CG  CD2  sing Y N 336 
TYR CD1 CE1  sing Y N 337 
TYR CD1 HD1  sing N N 338 
TYR CD2 CE2  doub Y N 339 
TYR CD2 HD2  sing N N 340 
TYR CE1 CZ   doub Y N 341 
TYR CE1 HE1  sing N N 342 
TYR CE2 CZ   sing Y N 343 
TYR CE2 HE2  sing N N 344 
TYR CZ  OH   sing N N 345 
TYR OH  HH   sing N N 346 
TYR OXT HXT  sing N N 347 
VAL N   CA   sing N N 348 
VAL N   H    sing N N 349 
VAL N   H2   sing N N 350 
VAL CA  C    sing N N 351 
VAL CA  CB   sing N N 352 
VAL CA  HA   sing N N 353 
VAL C   O    doub N N 354 
VAL C   OXT  sing N N 355 
VAL CB  CG1  sing N N 356 
VAL CB  CG2  sing N N 357 
VAL CB  HB   sing N N 358 
VAL CG1 HG11 sing N N 359 
VAL CG1 HG12 sing N N 360 
VAL CG1 HG13 sing N N 361 
VAL CG2 HG21 sing N N 362 
VAL CG2 HG22 sing N N 363 
VAL CG2 HG23 sing N N 364 
VAL OXT HXT  sing N N 365 
# 
_atom_sites.entry_id                    7DE9 
_atom_sites.Cartn_transf_matrix[1][1]   ? 
_atom_sites.Cartn_transf_matrix[1][2]   ? 
_atom_sites.Cartn_transf_matrix[1][3]   ? 
_atom_sites.Cartn_transf_matrix[2][1]   ? 
_atom_sites.Cartn_transf_matrix[2][2]   ? 
_atom_sites.Cartn_transf_matrix[2][3]   ? 
_atom_sites.Cartn_transf_matrix[3][1]   ? 
_atom_sites.Cartn_transf_matrix[3][2]   ? 
_atom_sites.Cartn_transf_matrix[3][3]   ? 
_atom_sites.Cartn_transf_vector[1]      ? 
_atom_sites.Cartn_transf_vector[2]      ? 
_atom_sites.Cartn_transf_vector[3]      ? 
_atom_sites.fract_transf_matrix[1][1]   -0.01281176 
_atom_sites.fract_transf_matrix[1][2]   0.03251692 
_atom_sites.fract_transf_matrix[1][3]   0.00169662 
_atom_sites.fract_transf_matrix[2][1]   -0.02515023 
_atom_sites.fract_transf_matrix[2][2]   -0.00981945 
_atom_sites.fract_transf_matrix[2][3]   -0.00172133 
_atom_sites.fract_transf_matrix[3][1]   -0.00088965 
_atom_sites.fract_transf_matrix[3][2]   -0.00146472 
_atom_sites.fract_transf_matrix[3][3]   0.02135434 
_atom_sites.fract_transf_vector[1]      0.411308 
_atom_sites.fract_transf_vector[2]      0.498895 
_atom_sites.fract_transf_vector[3]      0.401483 
_atom_sites.solution_primary            ? 
_atom_sites.solution_secondary          ? 
_atom_sites.solution_hydrogens          ? 
_atom_sites.special_details             ? 
# 
loop_
_atom_type.symbol 
C  
N  
O  
SE 
# 
loop_
_atom_site.group_PDB 
_atom_site.id 
_atom_site.type_symbol 
_atom_site.label_atom_id 
_atom_site.label_alt_id 
_atom_site.label_comp_id 
_atom_site.label_asym_id 
_atom_site.label_entity_id 
_atom_site.label_seq_id 
_atom_site.pdbx_PDB_ins_code 
_atom_site.Cartn_x 
_atom_site.Cartn_y 
_atom_site.Cartn_z 
_atom_site.occupancy 
_atom_site.B_iso_or_equiv 
_atom_site.pdbx_formal_charge 
_atom_site.auth_seq_id 
_atom_site.auth_comp_id 
_atom_site.auth_asym_id 
_atom_site.auth_atom_id 
_atom_site.pdbx_PDB_model_num 
ATOM   1   N  N   . ALA A 1 7  ? -1.115  -7.505  -9.045  1.00 32.71 ? 602 ALA A N   1 
ATOM   2   C  CA  . ALA A 1 7  ? -2.410  -6.885  -9.331  1.00 40.01 ? 602 ALA A CA  1 
ATOM   3   C  C   . ALA A 1 7  ? -2.443  -5.403  -8.962  1.00 44.56 ? 602 ALA A C   1 
ATOM   4   O  O   . ALA A 1 7  ? -2.730  -5.043  -7.825  1.00 58.80 ? 602 ALA A O   1 
ATOM   5   C  CB  . ALA A 1 7  ? -3.516  -7.628  -8.603  1.00 41.62 ? 602 ALA A CB  1 
ATOM   6   N  N   . SER A 1 8  ? -2.182  -4.541  -9.937  1.00 32.14 ? 603 SER A N   1 
ATOM   7   C  CA  . SER A 1 8  ? -2.095  -3.108  -9.681  1.00 30.90 ? 603 SER A CA  1 
ATOM   8   C  C   . SER A 1 8  ? -3.223  -2.326  -10.363 1.00 33.95 ? 603 SER A C   1 
ATOM   9   O  O   . SER A 1 8  ? -4.290  -2.866  -10.663 1.00 36.55 ? 603 SER A O   1 
ATOM   10  C  CB  . SER A 1 8  ? -0.734  -2.584  -10.150 1.00 38.92 ? 603 SER A CB  1 
ATOM   11  O  OG  . SER A 1 8  ? -0.677  -1.168  -10.105 1.00 49.30 ? 603 SER A OG  1 
ATOM   12  N  N   . GLY A 1 9  ? -2.980  -1.043  -10.606 1.00 33.68 ? 604 GLY A N   1 
ATOM   13  C  CA  . GLY A 1 9  ? -3.902  -0.228  -11.375 1.00 26.36 ? 604 GLY A CA  1 
ATOM   14  C  C   . GLY A 1 9  ? -5.172  0.180   -10.657 1.00 25.88 ? 604 GLY A C   1 
ATOM   15  O  O   . GLY A 1 9  ? -5.323  -0.018  -9.450  1.00 24.22 ? 604 GLY A O   1 
ATOM   16  N  N   . GLU A 1 10 ? -6.094  0.746   -11.423 1.00 25.02 ? 605 GLU A N   1 
ATOM   17  C  CA  . GLU A 1 10 ? -7.298  1.325   -10.854 1.00 24.53 ? 605 GLU A CA  1 
ATOM   18  C  C   . GLU A 1 10 ? -8.191  0.250   -10.241 1.00 27.57 ? 605 GLU A C   1 
ATOM   19  O  O   . GLU A 1 10 ? -8.970  0.527   -9.329  1.00 32.09 ? 605 GLU A O   1 
ATOM   20  C  CB  . GLU A 1 10 ? -8.060  2.115   -11.919 1.00 33.30 ? 605 GLU A CB  1 
ATOM   21  C  CG  . GLU A 1 10 ? -9.051  3.120   -11.357 1.00 39.55 ? 605 GLU A CG  1 
ATOM   22  C  CD  . GLU A 1 10 ? -9.482  4.144   -12.389 1.00 56.08 ? 605 GLU A CD  1 
ATOM   23  O  OE1 . GLU A 1 10 ? -8.747  4.330   -13.382 1.00 54.53 ? 605 GLU A OE1 1 
ATOM   24  O  OE2 . GLU A 1 10 ? -10.553 4.763   -12.210 1.00 70.74 ? 605 GLU A OE2 1 
ATOM   25  N  N   . SER A 1 11 ? -8.061  -0.982  -10.721 1.00 27.03 ? 606 SER A N   1 
ATOM   26  C  CA  . SER A 1 11 ? -8.932  -2.057  -10.253 1.00 31.17 ? 606 SER A CA  1 
ATOM   27  C  C   . SER A 1 11 ? -8.668  -2.436  -8.793  1.00 30.31 ? 606 SER A C   1 
ATOM   28  O  O   . SER A 1 11 ? -9.483  -3.110  -8.166  1.00 30.99 ? 606 SER A O   1 
ATOM   29  C  CB  . SER A 1 11 ? -8.773  -3.290  -11.142 1.00 34.74 ? 606 SER A CB  1 
ATOM   30  O  OG  . SER A 1 11 ? -7.443  -3.779  -11.095 1.00 35.31 ? 606 SER A OG  1 
ATOM   31  N  N   . LEU A 1 12 ? -7.537  -2.002  -8.251  1.00 24.53 ? 607 LEU A N   1 
ATOM   32  C  CA  . LEU A 1 12 ? -7.150  -2.379  -6.895  1.00 27.26 ? 607 LEU A CA  1 
ATOM   33  C  C   . LEU A 1 12 ? -7.855  -1.535  -5.834  1.00 25.16 ? 607 LEU A C   1 
ATOM   34  O  O   . LEU A 1 12 ? -7.921  -1.920  -4.661  1.00 27.25 ? 607 LEU A O   1 
ATOM   35  C  CB  . LEU A 1 12 ? -5.634  -2.261  -6.736  1.00 28.79 ? 607 LEU A CB  1 
ATOM   36  C  CG  . LEU A 1 12 ? -5.026  -2.966  -5.528  1.00 30.94 ? 607 LEU A CG  1 
ATOM   37  C  CD1 . LEU A 1 12 ? -5.339  -4.453  -5.571  1.00 31.87 ? 607 LEU A CD1 1 
ATOM   38  C  CD2 . LEU A 1 12 ? -3.531  -2.732  -5.505  1.00 28.91 ? 607 LEU A CD2 1 
ATOM   39  N  N   . VAL A 1 13 ? -8.369  -0.382  -6.245  1.00 25.39 ? 608 VAL A N   1 
ATOM   40  C  CA  . VAL A 1 13 ? -9.021  0.530   -5.317  1.00 26.37 ? 608 VAL A CA  1 
ATOM   41  C  C   . VAL A 1 13 ? -10.172 -0.181  -4.626  1.00 23.73 ? 608 VAL A C   1 
ATOM   42  O  O   . VAL A 1 13 ? -10.923 -0.919  -5.260  1.00 25.44 ? 608 VAL A O   1 
ATOM   43  C  CB  . VAL A 1 13 ? -9.530  1.798   -6.031  1.00 28.27 ? 608 VAL A CB  1 
ATOM   44  C  CG1 . VAL A 1 13 ? -10.283 2.690   -5.062  1.00 24.77 ? 608 VAL A CG1 1 
ATOM   45  C  CG2 . VAL A 1 13 ? -8.357  2.556   -6.661  1.00 26.91 ? 608 VAL A CG2 1 
ATOM   46  N  N   . GLY A 1 14 ? -10.280 0.009   -3.316  1.00 23.80 ? 609 GLY A N   1 
ATOM   47  C  CA  . GLY A 1 14 ? -11.338 -0.611  -2.542  1.00 24.56 ? 609 GLY A CA  1 
ATOM   48  C  C   . GLY A 1 14 ? -10.896 -1.886  -1.850  1.00 26.84 ? 609 GLY A C   1 
ATOM   49  O  O   . GLY A 1 14 ? -11.531 -2.334  -0.896  1.00 31.20 ? 609 GLY A O   1 
ATOM   50  N  N   . SER A 1 15 ? -9.801  -2.467  -2.330  1.00 27.37 ? 610 SER A N   1 
ATOM   51  C  CA  . SER A 1 15 ? -9.293  -3.717  -1.783  1.00 24.56 ? 610 SER A CA  1 
ATOM   52  C  C   . SER A 1 15 ? -8.497  -3.527  -0.499  1.00 24.47 ? 610 SER A C   1 
ATOM   53  O  O   . SER A 1 15 ? -7.772  -2.546  -0.338  1.00 26.33 ? 610 SER A O   1 
ATOM   54  C  CB  . SER A 1 15 ? -8.412  -4.428  -2.811  1.00 26.98 ? 610 SER A CB  1 
ATOM   55  O  OG  . SER A 1 15 ? -9.181  -4.851  -3.924  1.00 45.91 ? 610 SER A OG  1 
ATOM   56  N  N   . ARG A 1 16 ? -8.648  -4.482  0.411   1.00 27.51 ? 611 ARG A N   1 
ATOM   57  C  CA  . ARG A 1 16 ? -7.783  -4.579  1.573   1.00 28.75 ? 611 ARG A CA  1 
ATOM   58  C  C   . ARG A 1 16 ? -6.524  -5.324  1.174   1.00 25.99 ? 611 ARG A C   1 
ATOM   59  O  O   . ARG A 1 16 ? -6.592  -6.412  0.601   1.00 28.26 ? 611 ARG A O   1 
ATOM   60  C  CB  . ARG A 1 16 ? -8.477  -5.304  2.724   1.00 29.97 ? 611 ARG A CB  1 
ATOM   61  C  CG  . ARG A 1 16 ? -9.614  -4.537  3.372   1.00 45.02 ? 611 ARG A CG  1 
ATOM   62  C  CD  . ARG A 1 16 ? -10.549 -5.492  4.108   1.00 58.39 ? 611 ARG A CD  1 
ATOM   63  N  NE  . ARG A 1 16 ? -11.234 -6.397  3.186   1.00 64.65 ? 611 ARG A NE  1 
ATOM   64  C  CZ  . ARG A 1 16 ? -12.155 -7.284  3.550   1.00 70.26 ? 611 ARG A CZ  1 
ATOM   65  N  NH1 . ARG A 1 16 ? -12.503 -7.399  4.825   1.00 72.48 ? 611 ARG A NH1 1 
ATOM   66  N  NH2 . ARG A 1 16 ? -12.725 -8.062  2.638   1.00 66.13 ? 611 ARG A NH2 1 
ATOM   67  N  N   . ILE A 1 17 ? -5.374  -4.734  1.470   1.00 24.13 ? 612 ILE A N   1 
ATOM   68  C  CA  . ILE A 1 17 ? -4.105  -5.359  1.145   1.00 24.17 ? 612 ILE A CA  1 
ATOM   69  C  C   . ILE A 1 17 ? -3.165  -5.341  2.338   1.00 25.69 ? 612 ILE A C   1 
ATOM   70  O  O   . ILE A 1 17 ? -3.402  -4.645  3.324   1.00 26.99 ? 612 ILE A O   1 
ATOM   71  C  CB  . ILE A 1 17 ? -3.416  -4.669  -0.047  1.00 24.38 ? 612 ILE A CB  1 
ATOM   72  C  CG1 . ILE A 1 17 ? -2.943  -3.264  0.325   1.00 24.99 ? 612 ILE A CG1 1 
ATOM   73  C  CG2 . ILE A 1 17 ? -4.346  -4.622  -1.258  1.00 34.19 ? 612 ILE A CG2 1 
ATOM   74  C  CD1 . ILE A 1 17 ? -2.175  -2.584  -0.790  1.00 25.84 ? 612 ILE A CD1 1 
ATOM   75  N  N   . LYS A 1 18 ? -2.112  -6.138  2.258   1.00 24.36 ? 613 LYS A N   1 
ATOM   76  C  CA  . LYS A 1 18 ? -1.033  -6.019  3.218   1.00 23.82 ? 613 LYS A CA  1 
ATOM   77  C  C   . LYS A 1 18 ? 0.234   -5.642  2.466   1.00 21.97 ? 613 LYS A C   1 
ATOM   78  O  O   . LYS A 1 18 ? 0.576   -6.238  1.439   1.00 28.81 ? 613 LYS A O   1 
ATOM   79  C  CB  . LYS A 1 18 ? -0.858  -7.299  4.036   1.00 32.52 ? 613 LYS A CB  1 
ATOM   80  C  CG  . LYS A 1 18 ? -0.724  -8.576  3.246   1.00 41.26 ? 613 LYS A CG  1 
ATOM   81  C  CD  . LYS A 1 18 ? -0.974  -9.764  4.167   1.00 55.46 ? 613 LYS A CD  1 
ATOM   82  C  CE  . LYS A 1 18 ? -0.161  -10.981 3.766   1.00 70.92 ? 613 LYS A CE  1 
ATOM   83  N  NZ  . LYS A 1 18 ? -0.412  -12.128 4.682   1.00 79.97 ? 613 LYS A NZ  1 
ATOM   84  N  N   . VAL A 1 19 ? 0.903   -4.617  2.975   1.00 20.03 ? 614 VAL A N   1 
ATOM   85  C  CA  . VAL A 1 19 ? 2.077   -4.048  2.330   1.00 22.22 ? 614 VAL A CA  1 
ATOM   86  C  C   . VAL A 1 19 ? 3.312   -4.394  3.155   1.00 23.75 ? 614 VAL A C   1 
ATOM   87  O  O   . VAL A 1 19 ? 3.308   -4.259  4.380   1.00 22.67 ? 614 VAL A O   1 
ATOM   88  C  CB  . VAL A 1 19 ? 1.961   -2.514  2.172   1.00 20.91 ? 614 VAL A CB  1 
ATOM   89  C  CG1 . VAL A 1 19 ? 3.141   -1.966  1.403   1.00 23.83 ? 614 VAL A CG1 1 
ATOM   90  C  CG2 . VAL A 1 19 ? 0.654   -2.136  1.473   1.00 24.35 ? 614 VAL A CG2 1 
ATOM   91  N  N   . TRP A 1 20 ? 4.352   -4.858  2.472   1.00 24.37 ? 615 TRP A N   1 
ATOM   92  C  CA  . TRP A 1 20 ? 5.604   -5.233  3.114   1.00 22.91 ? 615 TRP A CA  1 
ATOM   93  C  C   . TRP A 1 20 ? 6.491   -4.013  3.372   1.00 23.12 ? 615 TRP A C   1 
ATOM   94  O  O   . TRP A 1 20 ? 6.858   -3.294  2.444   1.00 29.02 ? 615 TRP A O   1 
ATOM   95  C  CB  . TRP A 1 20 ? 6.333   -6.261  2.241   1.00 23.65 ? 615 TRP A CB  1 
ATOM   96  C  CG  . TRP A 1 20 ? 7.658   -6.698  2.740   1.00 26.71 ? 615 TRP A CG  1 
ATOM   97  C  CD1 . TRP A 1 20 ? 8.877   -6.286  2.288   1.00 28.39 ? 615 TRP A CD1 1 
ATOM   98  C  CD2 . TRP A 1 20 ? 7.913   -7.653  3.775   1.00 28.30 ? 615 TRP A CD2 1 
ATOM   99  N  NE1 . TRP A 1 20 ? 9.874   -6.920  2.985   1.00 29.47 ? 615 TRP A NE1 1 
ATOM   100 C  CE2 . TRP A 1 20 ? 9.309   -7.764  3.907   1.00 24.55 ? 615 TRP A CE2 1 
ATOM   101 C  CE3 . TRP A 1 20 ? 7.094   -8.421  4.612   1.00 26.22 ? 615 TRP A CE3 1 
ATOM   102 C  CZ2 . TRP A 1 20 ? 9.908   -8.610  4.837   1.00 24.80 ? 615 TRP A CZ2 1 
ATOM   103 C  CZ3 . TRP A 1 20 ? 7.688   -9.260  5.533   1.00 31.10 ? 615 TRP A CZ3 1 
ATOM   104 C  CH2 . TRP A 1 20 ? 9.085   -9.350  5.637   1.00 28.09 ? 615 TRP A CH2 1 
ATOM   105 N  N   . TRP A 1 21 ? 6.823   -3.781  4.637   1.00 20.81 ? 616 TRP A N   1 
ATOM   106 C  CA  . TRP A 1 21 ? 7.842   -2.802  5.010   1.00 23.11 ? 616 TRP A CA  1 
ATOM   107 C  C   . TRP A 1 21 ? 9.115   -3.568  5.347   1.00 22.18 ? 616 TRP A C   1 
ATOM   108 O  O   . TRP A 1 21 ? 9.190   -4.243  6.394   1.00 21.61 ? 616 TRP A O   1 
ATOM   109 C  CB  . TRP A 1 21 ? 7.410   -1.947  6.202   1.00 23.72 ? 616 TRP A CB  1 
ATOM   110 C  CG  . TRP A 1 21 ? 6.284   -0.994  5.924   1.00 20.53 ? 616 TRP A CG  1 
ATOM   111 C  CD1 . TRP A 1 21 ? 5.299   -1.131  4.989   1.00 22.63 ? 616 TRP A CD1 1 
ATOM   112 C  CD2 . TRP A 1 21 ? 6.039   0.244   6.590   1.00 20.73 ? 616 TRP A CD2 1 
ATOM   113 N  NE1 . TRP A 1 21 ? 4.449   -0.052  5.043   1.00 23.57 ? 616 TRP A NE1 1 
ATOM   114 C  CE2 . TRP A 1 21 ? 4.885   0.809   6.015   1.00 21.91 ? 616 TRP A CE2 1 
ATOM   115 C  CE3 . TRP A 1 21 ? 6.682   0.932   7.625   1.00 22.24 ? 616 TRP A CE3 1 
ATOM   116 C  CZ2 . TRP A 1 21 ? 4.364   2.027   6.433   1.00 21.62 ? 616 TRP A CZ2 1 
ATOM   117 C  CZ3 . TRP A 1 21 ? 6.162   2.142   8.042   1.00 24.46 ? 616 TRP A CZ3 1 
ATOM   118 C  CH2 . TRP A 1 21 ? 5.013   2.678   7.447   1.00 27.22 ? 616 TRP A CH2 1 
ATOM   119 N  N   . PRO A 1 22 ? 10.099  -3.499  4.436   1.00 22.66 ? 617 PRO A N   1 
ATOM   120 C  CA  . PRO A 1 22 ? 11.353  -4.254  4.540   1.00 22.27 ? 617 PRO A CA  1 
ATOM   121 C  C   . PRO A 1 22 ? 12.121  -3.951  5.820   1.00 22.27 ? 617 PRO A C   1 
ATOM   122 O  O   . PRO A 1 22 ? 12.721  -4.857  6.402   1.00 23.51 ? 617 PRO A O   1 
ATOM   123 C  CB  . PRO A 1 22 ? 12.142  -3.790  3.314   1.00 31.96 ? 617 PRO A CB  1 
ATOM   124 C  CG  . PRO A 1 22 ? 11.116  -3.361  2.341   1.00 31.79 ? 617 PRO A CG  1 
ATOM   125 C  CD  . PRO A 1 22 ? 9.984   -2.796  3.145   1.00 23.32 ? 617 PRO A CD  1 
HETATM 126 N  N   . MSE A 1 23 ? 12.112  -2.694  6.247   1.00 25.34 ? 618 MSE A N   1 
HETATM 127 C  CA  . MSE A 1 23 ? 12.910  -2.305  7.401   1.00 23.77 ? 618 MSE A CA  1 
HETATM 128 C  C   . MSE A 1 23 ? 12.437  -2.993  8.662   1.00 19.42 ? 618 MSE A C   1 
HETATM 129 O  O   . MSE A 1 23 ? 13.243  -3.309  9.533   1.00 25.55 ? 618 MSE A O   1 
HETATM 130 C  CB  . MSE A 1 23 ? 12.880  -0.798  7.606   1.00 24.41 ? 618 MSE A CB  1 
HETATM 131 C  CG  . MSE A 1 23 ? 14.193  -0.146  7.260   1.00 41.42 ? 618 MSE A CG  1 
HETATM 132 SE SE  . MSE A 1 23 ? 14.135  1.749   7.558   0.26 19.17 ? 618 MSE A SE  1 
HETATM 133 C  CE  . MSE A 1 23 ? 14.658  1.789   9.402   1.00 45.92 ? 618 MSE A CE  1 
ATOM   134 N  N   . ASP A 1 24 ? 11.130  -3.214  8.764   1.00 22.88 ? 619 ASP A N   1 
ATOM   135 C  CA  . ASP A 1 24 ? 10.563  -3.900  9.923   1.00 21.57 ? 619 ASP A CA  1 
ATOM   136 C  C   . ASP A 1 24 ? 10.414  -5.397  9.689   1.00 24.10 ? 619 ASP A C   1 
ATOM   137 O  O   . ASP A 1 24 ? 10.047  -6.130  10.606  1.00 28.60 ? 619 ASP A O   1 
ATOM   138 C  CB  . ASP A 1 24 ? 9.192   -3.322  10.294  1.00 22.01 ? 619 ASP A CB  1 
ATOM   139 C  CG  . ASP A 1 24 ? 9.262   -1.884  10.792  1.00 25.15 ? 619 ASP A CG  1 
ATOM   140 O  OD1 . ASP A 1 24 ? 10.357  -1.414  11.166  1.00 24.68 ? 619 ASP A OD1 1 
ATOM   141 O  OD2 . ASP A 1 24 ? 8.199   -1.229  10.813  1.00 22.68 ? 619 ASP A OD2 1 
ATOM   142 N  N   . GLN A 1 25 ? 10.696  -5.839  8.462   1.00 20.99 ? 620 GLN A N   1 
ATOM   143 C  CA  . GLN A 1 25 ? 10.377  -7.193  8.011   1.00 23.62 ? 620 GLN A CA  1 
ATOM   144 C  C   . GLN A 1 25 ? 8.956   -7.513  8.410   1.00 20.13 ? 620 GLN A C   1 
ATOM   145 O  O   . GLN A 1 25 ? 8.699   -8.524  9.079   1.00 23.24 ? 620 GLN A O   1 
ATOM   146 C  CB  . GLN A 1 25 ? 11.323  -8.248  8.588   1.00 24.05 ? 620 GLN A CB  1 
ATOM   147 C  CG  . GLN A 1 25 ? 12.786  -7.986  8.333   1.00 26.79 ? 620 GLN A CG  1 
ATOM   148 C  CD  . GLN A 1 25 ? 13.476  -7.424  9.557   1.00 30.07 ? 620 GLN A CD  1 
ATOM   149 O  OE1 . GLN A 1 25 ? 13.659  -8.123  10.555  1.00 35.74 ? 620 GLN A OE1 1 
ATOM   150 N  NE2 . GLN A 1 25 ? 13.843  -6.150  9.497   1.00 25.78 ? 620 GLN A NE2 1 
ATOM   151 N  N   . ALA A 1 26 ? 8.035   -6.638  8.018   1.00 23.12 ? 621 ALA A N   1 
ATOM   152 C  CA  . ALA A 1 26 ? 6.656   -6.802  8.468   1.00 24.56 ? 621 ALA A CA  1 
ATOM   153 C  C   . ALA A 1 26 ? 5.647   -6.535  7.369   1.00 25.13 ? 621 ALA A C   1 
ATOM   154 O  O   . ALA A 1 26 ? 5.915   -5.766  6.461   1.00 24.40 ? 621 ALA A O   1 
ATOM   155 C  CB  . ALA A 1 26 ? 6.378   -5.877  9.649   1.00 22.71 ? 621 ALA A CB  1 
ATOM   156 N  N   . TYR A 1 27 ? 4.480   -7.162  7.468   1.00 23.74 ? 622 TYR A N   1 
ATOM   157 C  CA  . TYR A 1 27 ? 3.332   -6.759  6.664   1.00 19.75 ? 622 TYR A CA  1 
ATOM   158 C  C   . TYR A 1 27 ? 2.434   -5.860  7.492   1.00 24.72 ? 622 TYR A C   1 
ATOM   159 O  O   . TYR A 1 27 ? 2.198   -6.130  8.672   1.00 28.41 ? 622 TYR A O   1 
ATOM   160 C  CB  . TYR A 1 27 ? 2.536   -7.969  6.179   1.00 25.72 ? 622 TYR A CB  1 
ATOM   161 C  CG  . TYR A 1 27 ? 3.100   -8.654  4.961   1.00 26.38 ? 622 TYR A CG  1 
ATOM   162 C  CD1 . TYR A 1 27 ? 2.918   -8.112  3.694   1.00 29.11 ? 622 TYR A CD1 1 
ATOM   163 C  CD2 . TYR A 1 27 ? 3.794   -9.850  5.070   1.00 34.32 ? 622 TYR A CD2 1 
ATOM   164 C  CE1 . TYR A 1 27 ? 3.421   -8.735  2.574   1.00 30.54 ? 622 TYR A CE1 1 
ATOM   165 C  CE2 . TYR A 1 27 ? 4.305   -10.476 3.955   1.00 36.82 ? 622 TYR A CE2 1 
ATOM   166 C  CZ  . TYR A 1 27 ? 4.115   -9.914  2.709   1.00 37.82 ? 622 TYR A CZ  1 
ATOM   167 O  OH  . TYR A 1 27 ? 4.619   -10.539 1.589   1.00 42.77 ? 622 TYR A OH  1 
ATOM   168 N  N   . TYR A 1 28 ? 1.937   -4.789  6.884   1.00 24.28 ? 623 TYR A N   1 
ATOM   169 C  CA  . TYR A 1 28 ? 0.952   -3.939  7.546   1.00 23.11 ? 623 TYR A CA  1 
ATOM   170 C  C   . TYR A 1 28 ? -0.302  -3.872  6.699   1.00 21.37 ? 623 TYR A C   1 
ATOM   171 O  O   . TYR A 1 28 ? -0.230  -3.755  5.476   1.00 24.72 ? 623 TYR A O   1 
ATOM   172 C  CB  . TYR A 1 28 ? 1.507   -2.539  7.803   1.00 23.14 ? 623 TYR A CB  1 
ATOM   173 C  CG  . TYR A 1 28 ? 2.712   -2.556  8.710   1.00 22.49 ? 623 TYR A CG  1 
ATOM   174 C  CD1 . TYR A 1 28 ? 2.597   -2.954  10.031  1.00 23.37 ? 623 TYR A CD1 1 
ATOM   175 C  CD2 . TYR A 1 28 ? 3.962   -2.186  8.246   1.00 19.71 ? 623 TYR A CD2 1 
ATOM   176 C  CE1 . TYR A 1 28 ? 3.685   -2.975  10.859  1.00 22.72 ? 623 TYR A CE1 1 
ATOM   177 C  CE2 . TYR A 1 28 ? 5.064   -2.200  9.072   1.00 22.73 ? 623 TYR A CE2 1 
ATOM   178 C  CZ  . TYR A 1 28 ? 4.917   -2.603  10.378  1.00 24.62 ? 623 TYR A CZ  1 
ATOM   179 O  OH  . TYR A 1 28 ? 5.998   -2.623  11.213  1.00 27.77 ? 623 TYR A OH  1 
ATOM   180 N  N   . LYS A 1 29 ? -1.450  -3.962  7.364   1.00 24.06 ? 624 LYS A N   1 
ATOM   181 C  CA  . LYS A 1 29 ? -2.737  -4.039  6.684   1.00 20.81 ? 624 LYS A CA  1 
ATOM   182 C  C   . LYS A 1 29 ? -3.345  -2.666  6.427   1.00 21.32 ? 624 LYS A C   1 
ATOM   183 O  O   . LYS A 1 29 ? -3.293  -1.774  7.274   1.00 22.70 ? 624 LYS A O   1 
ATOM   184 C  CB  . LYS A 1 29 ? -3.715  -4.893  7.498   1.00 28.11 ? 624 LYS A CB  1 
ATOM   185 C  CG  . LYS A 1 29 ? -3.289  -6.346  7.642   1.00 46.36 ? 624 LYS A CG  1 
ATOM   186 C  CD  . LYS A 1 29 ? -4.459  -7.262  7.976   1.00 61.56 ? 624 LYS A CD  1 
ATOM   187 C  CE  . LYS A 1 29 ? -4.849  -7.182  9.443   1.00 61.04 ? 624 LYS A CE  1 
ATOM   188 N  NZ  . LYS A 1 29 ? -5.799  -8.268  9.816   1.00 63.11 ? 624 LYS A NZ  1 
ATOM   189 N  N   . GLY A 1 30 ? -3.931  -2.509  5.248   1.00 26.47 ? 625 GLY A N   1 
ATOM   190 C  CA  . GLY A 1 30 ? -4.565  -1.259  4.895   1.00 24.42 ? 625 GLY A CA  1 
ATOM   191 C  C   . GLY A 1 30 ? -5.573  -1.446  3.786   1.00 27.11 ? 625 GLY A C   1 
ATOM   192 O  O   . GLY A 1 30 ? -5.810  -2.557  3.319   1.00 25.14 ? 625 GLY A O   1 
ATOM   193 N  N   . VAL A 1 31 ? -6.187  -0.349  3.377   1.00 20.82 ? 626 VAL A N   1 
ATOM   194 C  CA  . VAL A 1 31 ? -7.095  -0.371  2.245   1.00 19.27 ? 626 VAL A CA  1 
ATOM   195 C  C   . VAL A 1 31 ? -6.590  0.592   1.168   1.00 26.24 ? 626 VAL A C   1 
ATOM   196 O  O   . VAL A 1 31 ? -6.036  1.657   1.471   1.00 25.84 ? 626 VAL A O   1 
ATOM   197 C  CB  . VAL A 1 31 ? -8.534  -0.005  2.671   1.00 26.45 ? 626 VAL A CB  1 
ATOM   198 C  CG1 . VAL A 1 31 ? -8.607  1.430   3.173   1.00 30.58 ? 626 VAL A CG1 1 
ATOM   199 C  CG2 . VAL A 1 31 ? -9.500  -0.210  1.520   1.00 28.16 ? 626 VAL A CG2 1 
ATOM   200 N  N   . VAL A 1 32 ? -6.756  0.201   -0.091  1.00 24.44 ? 627 VAL A N   1 
ATOM   201 C  CA  . VAL A 1 32 ? -6.442  1.080   -1.207  1.00 24.85 ? 627 VAL A CA  1 
ATOM   202 C  C   . VAL A 1 32 ? -7.609  2.029   -1.439  1.00 22.54 ? 627 VAL A C   1 
ATOM   203 O  O   . VAL A 1 32 ? -8.680  1.612   -1.891  1.00 25.01 ? 627 VAL A O   1 
ATOM   204 C  CB  . VAL A 1 32 ? -6.155  0.286   -2.484  1.00 25.79 ? 627 VAL A CB  1 
ATOM   205 C  CG1 . VAL A 1 32 ? -5.729  1.217   -3.604  1.00 26.20 ? 627 VAL A CG1 1 
ATOM   206 C  CG2 . VAL A 1 32 ? -5.091  -0.757  -2.210  1.00 23.01 ? 627 VAL A CG2 1 
ATOM   207 N  N   . GLU A 1 33 ? -7.403  3.304   -1.123  1.00 22.79 ? 628 GLU A N   1 
ATOM   208 C  CA  . GLU A 1 33 ? -8.476  4.286   -1.193  1.00 26.77 ? 628 GLU A CA  1 
ATOM   209 C  C   . GLU A 1 33 ? -8.599  4.973   -2.554  1.00 29.45 ? 628 GLU A C   1 
ATOM   210 O  O   . GLU A 1 33 ? -9.690  5.371   -2.951  1.00 31.32 ? 628 GLU A O   1 
ATOM   211 C  CB  . GLU A 1 33 ? -8.291  5.342   -0.105  1.00 27.62 ? 628 GLU A CB  1 
ATOM   212 C  CG  . GLU A 1 33 ? -9.534  6.189   0.113   1.00 45.07 ? 628 GLU A CG  1 
ATOM   213 C  CD  . GLU A 1 33 ? -9.242  7.672   0.107   1.00 80.03 ? 628 GLU A CD  1 
ATOM   214 O  OE1 . GLU A 1 33 ? -8.267  8.090   0.767   1.00 91.10 ? 628 GLU A OE1 1 
ATOM   215 O  OE2 . GLU A 1 33 ? -9.985  8.418   -0.566  1.00 90.48 ? 628 GLU A OE2 1 
ATOM   216 N  N   . SER A 1 34 ? -7.491  5.122   -3.269  1.00 24.68 ? 629 SER A N   1 
ATOM   217 C  CA  . SER A 1 34 ? -7.545  5.748   -4.584  1.00 23.25 ? 629 SER A CA  1 
ATOM   218 C  C   . SER A 1 34 ? -6.346  5.388   -5.442  1.00 25.33 ? 629 SER A C   1 
ATOM   219 O  O   . SER A 1 34 ? -5.381  4.800   -4.962  1.00 24.28 ? 629 SER A O   1 
ATOM   220 C  CB  . SER A 1 34 ? -7.638  7.265   -4.450  1.00 32.98 ? 629 SER A CB  1 
ATOM   221 O  OG  . SER A 1 34 ? -6.556  7.757   -3.689  1.00 35.62 ? 629 SER A OG  1 
ATOM   222 N  N   . TYR A 1 35 ? -6.430  5.751   -6.718  1.00 27.16 ? 630 TYR A N   1 
ATOM   223 C  CA  . TYR A 1 35 ? -5.364  5.520   -7.689  1.00 24.00 ? 630 TYR A CA  1 
ATOM   224 C  C   . TYR A 1 35 ? -5.171  6.740   -8.585  1.00 27.28 ? 630 TYR A C   1 
ATOM   225 O  O   . TYR A 1 35 ? -6.122  7.242   -9.194  1.00 30.99 ? 630 TYR A O   1 
ATOM   226 C  CB  . TYR A 1 35 ? -5.672  4.289   -8.542  1.00 23.46 ? 630 TYR A CB  1 
ATOM   227 C  CG  . TYR A 1 35 ? -4.648  3.994   -9.619  1.00 24.39 ? 630 TYR A CG  1 
ATOM   228 C  CD1 . TYR A 1 35 ? -3.356  3.608   -9.290  1.00 28.17 ? 630 TYR A CD1 1 
ATOM   229 C  CD2 . TYR A 1 35 ? -4.985  4.079   -10.963 1.00 27.58 ? 630 TYR A CD2 1 
ATOM   230 C  CE1 . TYR A 1 35 ? -2.425  3.330   -10.273 1.00 33.04 ? 630 TYR A CE1 1 
ATOM   231 C  CE2 . TYR A 1 35 ? -4.067  3.801   -11.947 1.00 37.38 ? 630 TYR A CE2 1 
ATOM   232 C  CZ  . TYR A 1 35 ? -2.788  3.427   -11.598 1.00 34.98 ? 630 TYR A CZ  1 
ATOM   233 O  OH  . TYR A 1 35 ? -1.874  3.151   -12.591 1.00 47.73 ? 630 TYR A OH  1 
ATOM   234 N  N   . ASP A 1 36 ? -3.934  7.212   -8.659  1.00 25.97 ? 631 ASP A N   1 
ATOM   235 C  CA  . ASP A 1 36 ? -3.572  8.319   -9.532  1.00 26.89 ? 631 ASP A CA  1 
ATOM   236 C  C   . ASP A 1 36 ? -3.020  7.748   -10.827 1.00 32.85 ? 631 ASP A C   1 
ATOM   237 O  O   . ASP A 1 36 ? -1.901  7.237   -10.859 1.00 29.20 ? 631 ASP A O   1 
ATOM   238 C  CB  . ASP A 1 36 ? -2.548  9.224   -8.842  1.00 27.51 ? 631 ASP A CB  1 
ATOM   239 C  CG  . ASP A 1 36 ? -2.151  10.423  -9.684  1.00 43.23 ? 631 ASP A CG  1 
ATOM   240 O  OD1 . ASP A 1 36 ? -1.739  10.242  -10.850 1.00 41.17 ? 631 ASP A OD1 1 
ATOM   241 O  OD2 . ASP A 1 36 ? -2.240  11.558  -9.168  1.00 49.91 ? 631 ASP A OD2 1 
ATOM   242 N  N   . ALA A 1 37 ? -3.808  7.847   -11.891 1.00 27.84 ? 632 ALA A N   1 
ATOM   243 C  CA  . ALA A 1 37 ? -3.487  7.202   -13.160 1.00 33.97 ? 632 ALA A CA  1 
ATOM   244 C  C   . ALA A 1 37 ? -2.206  7.736   -13.790 1.00 35.49 ? 632 ALA A C   1 
ATOM   245 O  O   . ALA A 1 37 ? -1.401  6.970   -14.314 1.00 37.23 ? 632 ALA A O   1 
ATOM   246 C  CB  . ALA A 1 37 ? -4.644  7.358   -14.127 1.00 34.93 ? 632 ALA A CB  1 
ATOM   247 N  N   . ALA A 1 38 ? -2.023  9.052   -13.740 1.00 32.29 ? 633 ALA A N   1 
ATOM   248 C  CA  . ALA A 1 38 ? -0.883  9.683   -14.399 1.00 30.86 ? 633 ALA A CA  1 
ATOM   249 C  C   . ALA A 1 38 ? 0.437   9.347   -13.714 1.00 31.63 ? 633 ALA A C   1 
ATOM   250 O  O   . ALA A 1 38 ? 1.460   9.184   -14.377 1.00 40.50 ? 633 ALA A O   1 
ATOM   251 C  CB  . ALA A 1 38 ? -1.071  11.176  -14.450 1.00 35.22 ? 633 ALA A CB  1 
ATOM   252 N  N   . LYS A 1 39 ? 0.413   9.254   -12.390 1.00 28.15 ? 634 LYS A N   1 
ATOM   253 C  CA  . LYS A 1 39 ? 1.635   9.006   -11.622 1.00 29.68 ? 634 LYS A CA  1 
ATOM   254 C  C   . LYS A 1 39 ? 1.797   7.534   -11.260 1.00 30.81 ? 634 LYS A C   1 
ATOM   255 O  O   . LYS A 1 39 ? 2.828   7.135   -10.712 1.00 30.22 ? 634 LYS A O   1 
ATOM   256 C  CB  . LYS A 1 39 ? 1.650   9.845   -10.341 1.00 35.43 ? 634 LYS A CB  1 
ATOM   257 C  CG  . LYS A 1 39 ? 1.448   11.339  -10.541 1.00 41.10 ? 634 LYS A CG  1 
ATOM   258 C  CD  . LYS A 1 39 ? 1.376   12.050  -9.193  1.00 36.10 ? 634 LYS A CD  1 
ATOM   259 C  CE  . LYS A 1 39 ? 0.922   13.493  -9.335  1.00 44.57 ? 634 LYS A CE  1 
ATOM   260 N  NZ  . LYS A 1 39 ? -0.474  13.590  -9.844  1.00 35.11 ? 634 LYS A NZ  1 
ATOM   261 N  N   . LYS A 1 40 ? 0.767   6.746   -11.568 1.00 29.33 ? 635 LYS A N   1 
ATOM   262 C  CA  . LYS A 1 40 ? 0.703   5.326   -11.228 1.00 28.62 ? 635 LYS A CA  1 
ATOM   263 C  C   . LYS A 1 40 ? 0.894   5.111   -9.718  1.00 29.42 ? 635 LYS A C   1 
ATOM   264 O  O   . LYS A 1 40 ? 1.657   4.249   -9.274  1.00 29.56 ? 635 LYS A O   1 
ATOM   265 C  CB  . LYS A 1 40 ? 1.725   4.537   -12.045 1.00 28.05 ? 635 LYS A CB  1 
ATOM   266 C  CG  . LYS A 1 40 ? 1.494   4.654   -13.561 1.00 35.89 ? 635 LYS A CG  1 
ATOM   267 C  CD  . LYS A 1 40 ? 1.822   3.353   -14.284 1.00 52.46 ? 635 LYS A CD  1 
ATOM   268 C  CE  . LYS A 1 40 ? 3.323   3.189   -14.458 1.00 56.41 ? 635 LYS A CE  1 
ATOM   269 N  NZ  . LYS A 1 40 ? 3.776   1.765   -14.547 1.00 34.93 ? 635 LYS A NZ  1 
ATOM   270 N  N   . LYS A 1 41 ? 0.165   5.904   -8.943  1.00 22.28 ? 636 LYS A N   1 
ATOM   271 C  CA  . LYS A 1 41 ? 0.244   5.881   -7.491  1.00 20.13 ? 636 LYS A CA  1 
ATOM   272 C  C   . LYS A 1 41 ? -1.042  5.355   -6.859  1.00 28.03 ? 636 LYS A C   1 
ATOM   273 O  O   . LYS A 1 41 ? -2.139  5.701   -7.296  1.00 27.67 ? 636 LYS A O   1 
ATOM   274 C  CB  . LYS A 1 41 ? 0.524   7.284   -6.954  1.00 23.84 ? 636 LYS A CB  1 
ATOM   275 C  CG  . LYS A 1 41 ? 1.879   7.859   -7.326  1.00 27.09 ? 636 LYS A CG  1 
ATOM   276 C  CD  . LYS A 1 41 ? 2.990   7.105   -6.632  1.00 31.41 ? 636 LYS A CD  1 
ATOM   277 C  CE  . LYS A 1 41 ? 3.876   6.402   -7.641  1.00 30.97 ? 636 LYS A CE  1 
ATOM   278 N  NZ  . LYS A 1 41 ? 4.605   7.369   -8.513  1.00 33.52 ? 636 LYS A NZ  1 
ATOM   279 N  N   . HIS A 1 42 ? -0.896  4.526   -5.829  1.00 21.22 ? 637 HIS A N   1 
ATOM   280 C  CA  . HIS A 1 42 ? -2.026  4.109   -4.996  1.00 19.36 ? 637 HIS A CA  1 
ATOM   281 C  C   . HIS A 1 42 ? -1.943  4.767   -3.632  1.00 24.84 ? 637 HIS A C   1 
ATOM   282 O  O   . HIS A 1 42 ? -0.873  4.835   -3.047  1.00 23.04 ? 637 HIS A O   1 
ATOM   283 C  CB  . HIS A 1 42 ? -2.053  2.596   -4.807  1.00 20.55 ? 637 HIS A CB  1 
ATOM   284 C  CG  . HIS A 1 42 ? -2.413  1.833   -6.043  1.00 21.32 ? 637 HIS A CG  1 
ATOM   285 N  ND1 . HIS A 1 42 ? -1.471  1.421   -6.959  1.00 24.03 ? 637 HIS A ND1 1 
ATOM   286 C  CD2 . HIS A 1 42 ? -3.608  1.399   -6.505  1.00 24.13 ? 637 HIS A CD2 1 
ATOM   287 C  CE1 . HIS A 1 42 ? -2.072  0.765   -7.936  1.00 23.59 ? 637 HIS A CE1 1 
ATOM   288 N  NE2 . HIS A 1 42 ? -3.367  0.734   -7.684  1.00 25.63 ? 637 HIS A NE2 1 
ATOM   289 N  N   . LEU A 1 43 ? -3.074  5.235   -3.119  1.00 21.95 ? 638 LEU A N   1 
ATOM   290 C  CA  . LEU A 1 43 ? -3.116  5.753   -1.763  1.00 22.71 ? 638 LEU A CA  1 
ATOM   291 C  C   . LEU A 1 43 ? -3.558  4.634   -0.841  1.00 21.32 ? 638 LEU A C   1 
ATOM   292 O  O   . LEU A 1 43 ? -4.653  4.109   -0.990  1.00 25.89 ? 638 LEU A O   1 
ATOM   293 C  CB  . LEU A 1 43 ? -4.065  6.944   -1.656  1.00 23.71 ? 638 LEU A CB  1 
ATOM   294 C  CG  . LEU A 1 43 ? -4.303  7.525   -0.262  1.00 24.13 ? 638 LEU A CG  1 
ATOM   295 C  CD1 . LEU A 1 43 ? -3.012  8.019   0.359   1.00 27.38 ? 638 LEU A CD1 1 
ATOM   296 C  CD2 . LEU A 1 43 ? -5.308  8.650   -0.340  1.00 27.53 ? 638 LEU A CD2 1 
ATOM   297 N  N   . VAL A 1 44 ? -2.696  4.255   0.092   1.00 20.73 ? 639 VAL A N   1 
ATOM   298 C  CA  . VAL A 1 44 ? -3.023  3.206   1.052   1.00 21.21 ? 639 VAL A CA  1 
ATOM   299 C  C   . VAL A 1 44 ? -3.224  3.809   2.437   1.00 25.60 ? 639 VAL A C   1 
ATOM   300 O  O   . VAL A 1 44 ? -2.353  4.526   2.956   1.00 24.23 ? 639 VAL A O   1 
ATOM   301 C  CB  . VAL A 1 44 ? -1.928  2.120   1.107   1.00 25.19 ? 639 VAL A CB  1 
ATOM   302 C  CG1 . VAL A 1 44 ? -2.237  1.082   2.182   1.00 24.77 ? 639 VAL A CG1 1 
ATOM   303 C  CG2 . VAL A 1 44 ? -1.790  1.449   -0.251  1.00 25.43 ? 639 VAL A CG2 1 
ATOM   304 N  N   . ILE A 1 45 ? -4.392  3.538   3.016   1.00 20.13 ? 640 ILE A N   1 
ATOM   305 C  CA  . ILE A 1 45 ? -4.678  3.969   4.379   1.00 21.92 ? 640 ILE A CA  1 
ATOM   306 C  C   . ILE A 1 45 ? -4.571  2.751   5.273   1.00 23.39 ? 640 ILE A C   1 
ATOM   307 O  O   . ILE A 1 45 ? -5.310  1.788   5.100   1.00 25.56 ? 640 ILE A O   1 
ATOM   308 C  CB  . ILE A 1 45 ? -6.073  4.617   4.520   1.00 25.68 ? 640 ILE A CB  1 
ATOM   309 C  CG1 . ILE A 1 45 ? -6.061  6.053   3.994   1.00 36.28 ? 640 ILE A CG1 1 
ATOM   310 C  CG2 . ILE A 1 45 ? -6.500  4.664   5.980   1.00 32.85 ? 640 ILE A CG2 1 
ATOM   311 C  CD1 . ILE A 1 45 ? -6.078  6.171   2.517   1.00 49.13 ? 640 ILE A CD1 1 
ATOM   312 N  N   . TYR A 1 46 ? -3.643  2.793   6.225   1.00 24.60 ? 641 TYR A N   1 
ATOM   313 C  CA  . TYR A 1 46 ? -3.361  1.648   7.084   1.00 24.92 ? 641 TYR A CA  1 
ATOM   314 C  C   . TYR A 1 46 ? -4.253  1.562   8.318   1.00 26.05 ? 641 TYR A C   1 
ATOM   315 O  O   . TYR A 1 46 ? -4.786  2.569   8.790   1.00 26.08 ? 641 TYR A O   1 
ATOM   316 C  CB  . TYR A 1 46 ? -1.896  1.677   7.527   1.00 25.34 ? 641 TYR A CB  1 
ATOM   317 C  CG  . TYR A 1 46 ? -0.918  1.410   6.406   1.00 21.70 ? 641 TYR A CG  1 
ATOM   318 C  CD1 . TYR A 1 46 ? -0.626  0.108   6.008   1.00 24.14 ? 641 TYR A CD1 1 
ATOM   319 C  CD2 . TYR A 1 46 ? -0.288  2.458   5.741   1.00 21.52 ? 641 TYR A CD2 1 
ATOM   320 C  CE1 . TYR A 1 46 ? 0.264   -0.147  4.980   1.00 21.05 ? 641 TYR A CE1 1 
ATOM   321 C  CE2 . TYR A 1 46 ? 0.606   2.215   4.708   1.00 21.47 ? 641 TYR A CE2 1 
ATOM   322 C  CZ  . TYR A 1 46 ? 0.880   0.911   4.335   1.00 22.49 ? 641 TYR A CZ  1 
ATOM   323 O  OH  . TYR A 1 46 ? 1.768   0.661   3.313   1.00 24.15 ? 641 TYR A OH  1 
ATOM   324 N  N   . ASP A 1 47 ? -4.393  0.340   8.828   1.00 27.75 ? 642 ASP A N   1 
ATOM   325 C  CA  . ASP A 1 47 ? -5.085  0.049   10.081  1.00 28.24 ? 642 ASP A CA  1 
ATOM   326 C  C   . ASP A 1 47 ? -4.703  0.984   11.218  1.00 26.42 ? 642 ASP A C   1 
ATOM   327 O  O   . ASP A 1 47 ? -5.549  1.409   12.005  1.00 37.20 ? 642 ASP A O   1 
ATOM   328 C  CB  . ASP A 1 47 ? -4.787  -1.388  10.522  1.00 38.38 ? 642 ASP A CB  1 
ATOM   329 C  CG  . ASP A 1 47 ? -5.750  -2.393  9.941   1.00 62.18 ? 642 ASP A CG  1 
ATOM   330 O  OD1 . ASP A 1 47 ? -6.826  -1.979  9.465   1.00 74.78 ? 642 ASP A OD1 1 
ATOM   331 O  OD2 . ASP A 1 47 ? -5.431  -3.601  9.968   1.00 74.95 ? 642 ASP A OD2 1 
ATOM   332 N  N   . ASP A 1 48 ? -3.416  1.287   11.316  1.00 25.31 ? 643 ASP A N   1 
ATOM   333 C  CA  . ASP A 1 48 ? -2.903  1.992   12.480  1.00 26.92 ? 643 ASP A CA  1 
ATOM   334 C  C   . ASP A 1 48 ? -2.867  3.509   12.293  1.00 34.02 ? 643 ASP A C   1 
ATOM   335 O  O   . ASP A 1 48 ? -2.303  4.229   13.115  1.00 36.51 ? 643 ASP A O   1 
ATOM   336 C  CB  . ASP A 1 48 ? -1.509  1.472   12.833  1.00 27.23 ? 643 ASP A CB  1 
ATOM   337 C  CG  . ASP A 1 48 ? -0.527  1.589   11.689  1.00 33.03 ? 643 ASP A CG  1 
ATOM   338 O  OD1 . ASP A 1 48 ? -0.819  2.305   10.707  1.00 33.07 ? 643 ASP A OD1 1 
ATOM   339 O  OD2 . ASP A 1 48 ? 0.548   0.958   11.774  1.00 35.18 ? 643 ASP A OD2 1 
ATOM   340 N  N   . GLY A 1 49 ? -3.454  3.986   11.201  1.00 29.28 ? 644 GLY A N   1 
ATOM   341 C  CA  . GLY A 1 49 ? -3.586  5.413   10.984  1.00 29.47 ? 644 GLY A CA  1 
ATOM   342 C  C   . GLY A 1 49 ? -2.547  6.015   10.063  1.00 34.02 ? 644 GLY A C   1 
ATOM   343 O  O   . GLY A 1 49 ? -2.646  7.186   9.688   1.00 30.30 ? 644 GLY A O   1 
ATOM   344 N  N   . ASP A 1 50 ? -1.540  5.225   9.709   1.00 25.87 ? 645 ASP A N   1 
ATOM   345 C  CA  . ASP A 1 50 ? -0.544  5.655   8.737   1.00 25.52 ? 645 ASP A CA  1 
ATOM   346 C  C   . ASP A 1 50 ? -1.170  5.731   7.354   1.00 25.83 ? 645 ASP A C   1 
ATOM   347 O  O   . ASP A 1 50 ? -2.172  5.074   7.090   1.00 26.63 ? 645 ASP A O   1 
ATOM   348 C  CB  . ASP A 1 50 ? 0.651   4.703   8.725   1.00 24.16 ? 645 ASP A CB  1 
ATOM   349 C  CG  . ASP A 1 50 ? 1.634   4.992   9.834   1.00 31.40 ? 645 ASP A CG  1 
ATOM   350 O  OD1 . ASP A 1 50 ? 1.342   5.874   10.669  1.00 39.49 ? 645 ASP A OD1 1 
ATOM   351 O  OD2 . ASP A 1 50 ? 2.701   4.339   9.875   1.00 33.94 ? 645 ASP A OD2 1 
ATOM   352 N  N   . GLN A 1 51 ? -0.589  6.554   6.484   1.00 22.90 ? 646 GLN A N   1 
ATOM   353 C  CA  . GLN A 1 51 ? -0.980  6.616   5.073   1.00 19.44 ? 646 GLN A CA  1 
ATOM   354 C  C   . GLN A 1 51 ? 0.267   6.638   4.203   1.00 25.40 ? 646 GLN A C   1 
ATOM   355 O  O   . GLN A 1 51 ? 1.289   7.212   4.584   1.00 26.56 ? 646 GLN A O   1 
ATOM   356 C  CB  . GLN A 1 51 ? -1.833  7.853   4.783   1.00 25.85 ? 646 GLN A CB  1 
ATOM   357 C  CG  . GLN A 1 51 ? -3.066  7.975   5.661   1.00 35.85 ? 646 GLN A CG  1 
ATOM   358 C  CD  . GLN A 1 51 ? -3.754  9.321   5.530   1.00 48.13 ? 646 GLN A CD  1 
ATOM   359 O  OE1 . GLN A 1 51 ? -3.161  10.363  5.805   1.00 45.02 ? 646 GLN A OE1 1 
ATOM   360 N  NE2 . GLN A 1 51 ? -5.018  9.301   5.118   1.00 50.25 ? 646 GLN A NE2 1 
ATOM   361 N  N   . GLU A 1 52 ? 0.194   6.010   3.038   1.00 21.48 ? 647 GLU A N   1 
ATOM   362 C  CA  . GLU A 1 52 ? 1.319   6.040   2.109   1.00 18.24 ? 647 GLU A CA  1 
ATOM   363 C  C   . GLU A 1 52 ? 0.811   6.226   0.692   1.00 24.98 ? 647 GLU A C   1 
ATOM   364 O  O   . GLU A 1 52 ? -0.193  5.636   0.311   1.00 27.59 ? 647 GLU A O   1 
ATOM   365 C  CB  . GLU A 1 52 ? 2.160   4.758   2.192   1.00 17.85 ? 647 GLU A CB  1 
ATOM   366 C  CG  . GLU A 1 52 ? 3.178   4.727   3.328   1.00 21.53 ? 647 GLU A CG  1 
ATOM   367 C  CD  . GLU A 1 52 ? 4.075   3.495   3.281   1.00 23.68 ? 647 GLU A CD  1 
ATOM   368 O  OE1 . GLU A 1 52 ? 3.578   2.404   2.921   1.00 26.16 ? 647 GLU A OE1 1 
ATOM   369 O  OE2 . GLU A 1 52 ? 5.278   3.623   3.598   1.00 26.05 ? 647 GLU A OE2 1 
ATOM   370 N  N   . ILE A 1 53 ? 1.494   7.067   -0.071  1.00 22.68 ? 648 ILE A N   1 
ATOM   371 C  CA  . ILE A 1 53 ? 1.320   7.117   -1.516  1.00 19.48 ? 648 ILE A CA  1 
ATOM   372 C  C   . ILE A 1 53 ? 2.394   6.226   -2.117  1.00 22.87 ? 648 ILE A C   1 
ATOM   373 O  O   . ILE A 1 53 ? 3.580   6.511   -1.971  1.00 29.83 ? 648 ILE A O   1 
ATOM   374 C  CB  . ILE A 1 53 ? 1.454   8.537   -2.069  1.00 26.25 ? 648 ILE A CB  1 
ATOM   375 C  CG1 . ILE A 1 53 ? 0.382   9.443   -1.477  1.00 30.33 ? 648 ILE A CG1 1 
ATOM   376 C  CG2 . ILE A 1 53 ? 1.336   8.530   -3.579  1.00 30.28 ? 648 ILE A CG2 1 
ATOM   377 C  CD1 . ILE A 1 53 ? 0.590   10.892  -1.828  1.00 26.65 ? 648 ILE A CD1 1 
ATOM   378 N  N   . LEU A 1 54 ? 1.978   5.153   -2.782  1.00 19.22 ? 649 LEU A N   1 
ATOM   379 C  CA  . LEU A 1 54 ? 2.881   4.066   -3.156  1.00 21.90 ? 649 LEU A CA  1 
ATOM   380 C  C   . LEU A 1 54 ? 2.873   3.729   -4.640  1.00 24.14 ? 649 LEU A C   1 
ATOM   381 O  O   . LEU A 1 54 ? 1.830   3.774   -5.286  1.00 26.14 ? 649 LEU A O   1 
ATOM   382 C  CB  . LEU A 1 54 ? 2.514   2.792   -2.386  1.00 25.74 ? 649 LEU A CB  1 
ATOM   383 C  CG  . LEU A 1 54 ? 2.692   2.739   -0.872  1.00 29.95 ? 649 LEU A CG  1 
ATOM   384 C  CD1 . LEU A 1 54 ? 2.036   1.484   -0.329  1.00 30.99 ? 649 LEU A CD1 1 
ATOM   385 C  CD2 . LEU A 1 54 ? 4.169   2.765   -0.516  1.00 30.57 ? 649 LEU A CD2 1 
ATOM   386 N  N   . TYR A 1 55 ? 4.041   3.363   -5.162  1.00 24.79 ? 650 TYR A N   1 
ATOM   387 C  CA  . TYR A 1 55 ? 4.135   2.662   -6.431  1.00 25.06 ? 650 TYR A CA  1 
ATOM   388 C  C   . TYR A 1 55 ? 4.168   1.176   -6.114  1.00 27.99 ? 650 TYR A C   1 
ATOM   389 O  O   . TYR A 1 55 ? 5.211   0.633   -5.755  1.00 32.43 ? 650 TYR A O   1 
ATOM   390 C  CB  . TYR A 1 55 ? 5.382   3.077   -7.205  1.00 31.54 ? 650 TYR A CB  1 
ATOM   391 C  CG  . TYR A 1 55 ? 5.494   2.478   -8.592  1.00 31.26 ? 650 TYR A CG  1 
ATOM   392 C  CD1 . TYR A 1 55 ? 4.575   2.793   -9.584  1.00 29.50 ? 650 TYR A CD1 1 
ATOM   393 C  CD2 . TYR A 1 55 ? 6.530   1.612   -8.913  1.00 35.53 ? 650 TYR A CD2 1 
ATOM   394 C  CE1 . TYR A 1 55 ? 4.681   2.259   -10.853 1.00 29.18 ? 650 TYR A CE1 1 
ATOM   395 C  CE2 . TYR A 1 55 ? 6.646   1.074   -10.179 1.00 37.98 ? 650 TYR A CE2 1 
ATOM   396 C  CZ  . TYR A 1 55 ? 5.717   1.397   -11.144 1.00 43.68 ? 650 TYR A CZ  1 
ATOM   397 O  OH  . TYR A 1 55 ? 5.828   0.860   -12.407 1.00 53.15 ? 650 TYR A OH  1 
ATOM   398 N  N   . LEU A 1 56 ? 3.020   0.523   -6.222  1.00 27.62 ? 651 LEU A N   1 
ATOM   399 C  CA  . LEU A 1 56 ? 2.897   -0.845  -5.748  1.00 28.82 ? 651 LEU A CA  1 
ATOM   400 C  C   . LEU A 1 56 ? 3.713   -1.842  -6.565  1.00 30.89 ? 651 LEU A C   1 
ATOM   401 O  O   . LEU A 1 56 ? 4.079   -2.904  -6.058  1.00 34.95 ? 651 LEU A O   1 
ATOM   402 C  CB  . LEU A 1 56 ? 1.429   -1.252  -5.724  1.00 29.04 ? 651 LEU A CB  1 
ATOM   403 C  CG  . LEU A 1 56 ? 0.718   -0.602  -4.543  1.00 31.08 ? 651 LEU A CG  1 
ATOM   404 C  CD1 . LEU A 1 56 ? -0.759  -0.872  -4.586  1.00 41.98 ? 651 LEU A CD1 1 
ATOM   405 C  CD2 . LEU A 1 56 ? 1.303   -1.117  -3.245  1.00 34.73 ? 651 LEU A CD2 1 
ATOM   406 N  N   . LYS A 1 57 ? 4.024   -1.490  -7.810  1.00 29.00 ? 652 LYS A N   1 
ATOM   407 C  CA  . LYS A 1 57 ? 4.781   -2.378  -8.686  1.00 33.83 ? 652 LYS A CA  1 
ATOM   408 C  C   . LYS A 1 57 ? 6.195   -2.625  -8.165  1.00 36.13 ? 652 LYS A C   1 
ATOM   409 O  O   . LYS A 1 57 ? 6.794   -3.666  -8.443  1.00 41.74 ? 652 LYS A O   1 
ATOM   410 C  CB  . LYS A 1 57 ? 4.834   -1.812  -10.105 1.00 39.40 ? 652 LYS A CB  1 
ATOM   411 C  CG  . LYS A 1 57 ? 3.973   -2.566  -11.102 1.00 43.36 ? 652 LYS A CG  1 
ATOM   412 C  CD  . LYS A 1 57 ? 3.513   -1.680  -12.247 1.00 49.17 ? 652 LYS A CD  1 
ATOM   413 C  CE  . LYS A 1 57 ? 2.605   -0.571  -11.745 1.00 51.17 ? 652 LYS A CE  1 
ATOM   414 N  NZ  . LYS A 1 57 ? 2.015   0.189   -12.877 1.00 51.23 ? 652 LYS A NZ  1 
ATOM   415 N  N   . ASN A 1 58 ? 6.726   -1.669  -7.409  1.00 29.92 ? 653 ASN A N   1 
ATOM   416 C  CA  . ASN A 1 58 ? 8.044   -1.821  -6.799  1.00 39.09 ? 653 ASN A CA  1 
ATOM   417 C  C   . ASN A 1 58 ? 7.939   -2.080  -5.304  1.00 38.62 ? 653 ASN A C   1 
ATOM   418 O  O   . ASN A 1 58 ? 8.880   -1.841  -4.548  1.00 41.08 ? 653 ASN A O   1 
ATOM   419 C  CB  . ASN A 1 58 ? 8.910   -0.589  -7.064  1.00 50.91 ? 653 ASN A CB  1 
ATOM   420 C  CG  . ASN A 1 58 ? 10.054  -0.881  -8.015  1.00 66.69 ? 653 ASN A CG  1 
ATOM   421 O  OD1 . ASN A 1 58 ? 10.702  -1.924  -7.921  1.00 88.61 ? 653 ASN A OD1 1 
ATOM   422 N  ND2 . ASN A 1 58 ? 10.297  0.030   -8.948  1.00 61.38 ? 653 ASN A ND2 1 
ATOM   423 N  N   . GLN A 1 59 ? 6.778   -2.576  -4.894  1.00 32.78 ? 654 GLN A N   1 
ATOM   424 C  CA  . GLN A 1 59 ? 6.539   -2.956  -3.511  1.00 30.76 ? 654 GLN A CA  1 
ATOM   425 C  C   . GLN A 1 59 ? 6.301   -4.449  -3.414  1.00 39.49 ? 654 GLN A C   1 
ATOM   426 O  O   . GLN A 1 59 ? 5.773   -5.065  -4.337  1.00 41.70 ? 654 GLN A O   1 
ATOM   427 C  CB  . GLN A 1 59 ? 5.328   -2.215  -2.938  1.00 37.37 ? 654 GLN A CB  1 
ATOM   428 C  CG  . GLN A 1 59 ? 5.508   -0.717  -2.793  1.00 41.99 ? 654 GLN A CG  1 
ATOM   429 C  CD  . GLN A 1 59 ? 6.435   -0.354  -1.655  1.00 40.39 ? 654 GLN A CD  1 
ATOM   430 O  OE1 . GLN A 1 59 ? 6.508   -1.063  -0.649  1.00 36.82 ? 654 GLN A OE1 1 
ATOM   431 N  NE2 . GLN A 1 59 ? 7.156   0.752   -1.809  1.00 39.65 ? 654 GLN A NE2 1 
ATOM   432 N  N   . LYS A 1 60 ? 6.695   -5.035  -2.295  1.00 34.45 ? 655 LYS A N   1 
ATOM   433 C  CA  . LYS A 1 60 ? 6.187   -6.345  -1.960  1.00 37.20 ? 655 LYS A CA  1 
ATOM   434 C  C   . LYS A 1 60 ? 4.891   -6.128  -1.206  1.00 40.36 ? 655 LYS A C   1 
ATOM   435 O  O   . LYS A 1 60 ? 4.835   -5.384  -0.229  1.00 35.21 ? 655 LYS A O   1 
ATOM   436 C  CB  . LYS A 1 60 ? 7.201   -7.157  -1.155  1.00 40.49 ? 655 LYS A CB  1 
ATOM   437 C  CG  . LYS A 1 60 ? 8.431   -7.474  -1.958  1.00 52.79 ? 655 LYS A CG  1 
ATOM   438 C  CD  . LYS A 1 60 ? 8.134   -8.662  -2.851  1.00 67.43 ? 655 LYS A CD  1 
ATOM   439 C  CE  . LYS A 1 60 ? 9.051   -8.717  -4.048  1.00 72.04 ? 655 LYS A CE  1 
ATOM   440 N  NZ  . LYS A 1 60 ? 10.286  -7.884  -3.897  1.00 72.63 ? 655 LYS A NZ  1 
ATOM   441 N  N   . TRP A 1 61 ? 3.835   -6.746  -1.706  1.00 42.63 ? 656 TRP A N   1 
ATOM   442 C  CA  . TRP A 1 61 ? 2.527   -6.604  -1.103  1.00 39.02 ? 656 TRP A CA  1 
ATOM   443 C  C   . TRP A 1 61 ? 1.648   -7.735  -1.606  1.00 45.64 ? 656 TRP A C   1 
ATOM   444 O  O   . TRP A 1 61 ? 1.957   -8.370  -2.615  1.00 37.44 ? 656 TRP A O   1 
ATOM   445 C  CB  . TRP A 1 61 ? 1.911   -5.247  -1.445  1.00 32.50 ? 656 TRP A CB  1 
ATOM   446 C  CG  . TRP A 1 61 ? 1.536   -5.163  -2.879  1.00 31.90 ? 656 TRP A CG  1 
ATOM   447 C  CD1 . TRP A 1 61 ? 2.330   -4.769  -3.916  1.00 37.82 ? 656 TRP A CD1 1 
ATOM   448 C  CD2 . TRP A 1 61 ? 0.274   -5.511  -3.448  1.00 32.96 ? 656 TRP A CD2 1 
ATOM   449 N  NE1 . TRP A 1 61 ? 1.631   -4.839  -5.096  1.00 36.67 ? 656 TRP A NE1 1 
ATOM   450 C  CE2 . TRP A 1 61 ? 0.366   -5.296  -4.834  1.00 33.13 ? 656 TRP A CE2 1 
ATOM   451 C  CE3 . TRP A 1 61 ? -0.928  -5.984  -2.917  1.00 34.18 ? 656 TRP A CE3 1 
ATOM   452 C  CZ2 . TRP A 1 61 ? -0.698  -5.536  -5.694  1.00 37.31 ? 656 TRP A CZ2 1 
ATOM   453 C  CZ3 . TRP A 1 61 ? -1.982  -6.222  -3.768  1.00 41.81 ? 656 TRP A CZ3 1 
ATOM   454 C  CH2 . TRP A 1 61 ? -1.862  -5.997  -5.143  1.00 40.28 ? 656 TRP A CH2 1 
ATOM   455 N  N   . SER A 1 62 ? 0.553   -7.990  -0.907  1.00 35.78 ? 657 SER A N   1 
ATOM   456 C  CA  . SER A 1 62 ? -0.359  -9.037  -1.331  1.00 40.94 ? 657 SER A CA  1 
ATOM   457 C  C   . SER A 1 62 ? -1.773  -8.680  -0.925  1.00 38.13 ? 657 SER A C   1 
ATOM   458 O  O   . SER A 1 62 ? -1.973  -7.968  0.055   1.00 40.83 ? 657 SER A O   1 
ATOM   459 C  CB  . SER A 1 62 ? 0.057   -10.376 -0.728  1.00 47.70 ? 657 SER A CB  1 
ATOM   460 O  OG  . SER A 1 62 ? 0.343   -10.230 0.649   1.00 55.47 ? 657 SER A OG  1 
ATOM   461 N  N   . PRO A 1 63 ? -2.763  -9.168  -1.679  1.00 39.83 ? 658 PRO A N   1 
ATOM   462 C  CA  . PRO A 1 63 ? -4.155  -8.987  -1.257  1.00 49.92 ? 658 PRO A CA  1 
ATOM   463 C  C   . PRO A 1 63 ? -4.454  -9.791  0.008   1.00 56.30 ? 658 PRO A C   1 
ATOM   464 O  O   . PRO A 1 63 ? -3.532  -10.368 0.586   1.00 50.64 ? 658 PRO A O   1 
ATOM   465 C  CB  . PRO A 1 63 ? -4.949  -9.510  -2.452  1.00 49.49 ? 658 PRO A CB  1 
ATOM   466 C  CG  . PRO A 1 63 ? -4.042  -10.519 -3.076  1.00 44.45 ? 658 PRO A CG  1 
ATOM   467 C  CD  . PRO A 1 63 ? -2.660  -9.962  -2.916  1.00 47.50 ? 658 PRO A CD  1 
ATOM   468 N  N   . LEU A 1 64 ? -5.719  -9.817  0.427   1.00 49.13 ? 659 LEU A N   1 
ATOM   469 C  CA  . LEU A 1 64 ? -6.147  -10.586 1.598   1.00 55.99 ? 659 LEU A CA  1 
ATOM   470 C  C   . LEU A 1 64 ? -5.570  -9.976  2.868   1.00 54.91 ? 659 LEU A C   1 
ATOM   471 O  O   . LEU A 1 64 ? -6.025  -8.927  3.323   1.00 53.79 ? 659 LEU A O   1 
ATOM   472 C  CB  . LEU A 1 64 ? -5.730  -12.060 1.477   1.00 53.66 ? 659 LEU A CB  1 
ATOM   473 C  CG  . LEU A 1 64 ? -6.704  -13.103 0.922   1.00 56.07 ? 659 LEU A CG  1 
ATOM   474 C  CD1 . LEU A 1 64 ? -7.311  -12.654 -0.401  1.00 50.53 ? 659 LEU A CD1 1 
ATOM   475 C  CD2 . LEU A 1 64 ? -5.975  -14.425 0.743   1.00 51.44 ? 659 LEU A CD2 1 
ATOM   476 N  N   . ALA B 2 1  ? 12.872  7.185   8.441   1.00 31.67 ? 1   ALA P N   1 
ATOM   477 C  CA  . ALA B 2 1  ? 12.937  6.022   7.563   1.00 27.67 ? 1   ALA P CA  1 
ATOM   478 C  C   . ALA B 2 1  ? 11.633  5.236   7.607   1.00 32.75 ? 1   ALA P C   1 
ATOM   479 O  O   . ALA B 2 1  ? 10.771  5.503   8.445   1.00 30.24 ? 1   ALA P O   1 
ATOM   480 C  CB  . ALA B 2 1  ? 14.107  5.146   7.946   1.00 36.89 ? 1   ALA P CB  1 
ATOM   481 N  N   . ARG B 2 2  ? 11.483  4.273   6.702   1.00 26.83 ? 2   ARG P N   1 
ATOM   482 C  CA  . ARG B 2 2  ? 10.211  3.566   6.563   1.00 23.85 ? 2   ARG P CA  1 
ATOM   483 C  C   . ARG B 2 2  ? 10.096  2.440   7.582   1.00 21.99 ? 2   ARG P C   1 
ATOM   484 O  O   . ARG B 2 2  ? 10.180  1.253   7.253   1.00 24.22 ? 2   ARG P O   1 
ATOM   485 C  CB  . ARG B 2 2  ? 10.044  3.022   5.147   1.00 22.82 ? 2   ARG P CB  1 
ATOM   486 C  CG  . ARG B 2 2  ? 8.603   2.698   4.804   1.00 22.75 ? 2   ARG P CG  1 
ATOM   487 C  CD  . ARG B 2 2  ? 8.519   1.897   3.530   1.00 28.83 ? 2   ARG P CD  1 
ATOM   488 N  NE  . ARG B 2 2  ? 7.140   1.662   3.118   1.00 26.34 ? 2   ARG P NE  1 
ATOM   489 C  CZ  . ARG B 2 2  ? 6.796   0.806   2.164   1.00 28.25 ? 2   ARG P CZ  1 
ATOM   490 N  NH1 . ARG B 2 2  ? 7.734   0.108   1.536   1.00 30.30 ? 2   ARG P NH1 1 
ATOM   491 N  NH2 . ARG B 2 2  ? 5.520   0.639   1.843   1.00 24.84 ? 2   ARG P NH2 1 
ATOM   492 N  N   . THR B 2 3  ? 9.895   2.840   8.829   1.00 23.88 ? 3   THR P N   1 
ATOM   493 C  CA  . THR B 2 3  ? 9.759   1.917   9.930   1.00 25.67 ? 3   THR P CA  1 
ATOM   494 C  C   . THR B 2 3  ? 8.704   2.451   10.888  1.00 27.53 ? 3   THR P C   1 
ATOM   495 O  O   . THR B 2 3  ? 8.491   3.662   10.961  1.00 28.87 ? 3   THR P O   1 
ATOM   496 C  CB  . THR B 2 3  ? 11.094  1.730   10.668  1.00 31.15 ? 3   THR P CB  1 
ATOM   497 O  OG1 . THR B 2 3  ? 10.903  0.872   11.797  1.00 28.48 ? 3   THR P OG1 1 
ATOM   498 C  CG2 . THR B 2 3  ? 11.642  3.076   11.141  1.00 27.49 ? 3   THR P CG2 1 
HETATM 499 N  N   . MLZ B 2 4  ? 8.040   1.556   11.616  1.00 25.82 ? 4   MLZ P N   1 
HETATM 500 C  CA  . MLZ B 2 4  ? 7.087   1.964   12.593  1.00 25.70 ? 4   MLZ P CA  1 
HETATM 501 C  CB  . MLZ B 2 4  ? 6.052   0.895   12.856  1.00 27.81 ? 4   MLZ P CB  1 
HETATM 502 C  CG  . MLZ B 2 4  ? 5.359   0.520   11.561  1.00 26.60 ? 4   MLZ P CG  1 
HETATM 503 C  CD  . MLZ B 2 4  ? 4.222   1.458   11.222  1.00 26.99 ? 4   MLZ P CD  1 
HETATM 504 C  CE  . MLZ B 2 4  ? 3.439   0.852   10.076  1.00 23.43 ? 4   MLZ P CE  1 
HETATM 505 N  NZ  . MLZ B 2 4  ? 2.266   1.618   9.811   1.00 24.95 ? 4   MLZ P NZ  1 
HETATM 506 C  CM  . MLZ B 2 4  ? 1.603   1.057   8.673   1.00 22.10 ? 4   MLZ P CM  1 
HETATM 507 C  C   . MLZ B 2 4  ? 7.817   2.276   13.876  1.00 44.94 ? 4   MLZ P C   1 
HETATM 508 O  O   . MLZ B 2 4  ? 7.445   3.236   14.600  1.00 58.34 ? 4   MLZ P O   1 
ATOM   509 N  N   . GLN B 2 5  ? 8.847   1.500   14.183  1.00 37.33 ? 5   GLN P N   1 
ATOM   510 C  CA  . GLN B 2 5  ? 9.617   1.736   15.399  1.00 45.26 ? 5   GLN P CA  1 
ATOM   511 C  C   . GLN B 2 5  ? 10.548  2.917   15.201  1.00 40.95 ? 5   GLN P C   1 
ATOM   512 O  O   . GLN B 2 5  ? 10.165  4.052   15.472  1.00 48.75 ? 5   GLN P O   1 
ATOM   513 C  CB  . GLN B 2 5  ? 10.411  0.498   15.799  1.00 49.62 ? 5   GLN P CB  1 
ATOM   514 C  CG  . GLN B 2 5  ? 11.053  -0.221  14.637  1.00 47.78 ? 5   GLN P CG  1 
ATOM   515 C  CD  . GLN B 2 5  ? 11.538  -1.603  15.006  1.00 52.74 ? 5   GLN P CD  1 
ATOM   516 O  OE1 . GLN B 2 5  ? 11.542  -1.983  16.177  1.00 45.49 ? 5   GLN P OE1 1 
ATOM   517 N  NE2 . GLN B 2 5  ? 11.945  -2.371  14.002  1.00 63.34 ? 5   GLN P NE2 1 
HETATM 518 O  O   . HOH C 3 .  ? -7.252  4.387   -15.270 1.00 40.12 ? 701 HOH A O   1 
HETATM 519 O  O   . HOH C 3 .  ? 7.638   -3.379  -0.199  1.00 37.66 ? 702 HOH A O   1 
HETATM 520 O  O   . HOH C 3 .  ? 6.085   5.550   5.323   1.00 29.59 ? 703 HOH A O   1 
HETATM 521 O  O   . HOH C 3 .  ? -7.544  -8.297  -1.124  1.00 46.62 ? 704 HOH A O   1 
HETATM 522 O  O   . HOH C 3 .  ? -0.717  0.668   -12.907 1.00 26.86 ? 705 HOH A O   1 
HETATM 523 O  O   . HOH C 3 .  ? 3.865   10.538  -14.226 1.00 43.58 ? 706 HOH A O   1 
HETATM 524 O  O   . HOH C 3 .  ? 1.147   1.725   -7.891  1.00 21.39 ? 707 HOH A O   1 
HETATM 525 O  O   . HOH C 3 .  ? -10.277 6.016   -14.981 1.00 42.93 ? 708 HOH A O   1 
HETATM 526 O  O   . HOH C 3 .  ? -12.294 -4.434  0.812   1.00 36.21 ? 709 HOH A O   1 
HETATM 527 O  O   . HOH C 3 .  ? 0.060   14.144  -12.609 1.00 34.96 ? 710 HOH A O   1 
HETATM 528 O  O   . HOH C 3 .  ? -2.089  4.272   -15.242 1.00 46.96 ? 711 HOH A O   1 
HETATM 529 O  O   . HOH C 3 .  ? 12.658  -7.441  2.308   1.00 28.09 ? 712 HOH A O   1 
HETATM 530 O  O   . HOH C 3 .  ? 6.436   3.761   -3.473  1.00 31.74 ? 713 HOH A O   1 
HETATM 531 O  O   . HOH C 3 .  ? -13.203 -0.448  0.730   1.00 40.34 ? 714 HOH A O   1 
HETATM 532 O  O   . HOH C 3 .  ? -6.488  9.272   -11.732 1.00 36.58 ? 715 HOH A O   1 
HETATM 533 O  O   . HOH C 3 .  ? -1.720  -1.119  9.820   1.00 41.70 ? 716 HOH A O   1 
HETATM 534 O  O   . HOH C 3 .  ? -1.540  -3.708  10.422  1.00 38.72 ? 717 HOH A O   1 
HETATM 535 O  O   . HOH C 3 .  ? 4.027   -7.342  -5.692  1.00 53.94 ? 718 HOH A O   1 
HETATM 536 O  O   . HOH C 3 .  ? -9.437  6.195   -7.674  1.00 33.52 ? 719 HOH A O   1 
HETATM 537 O  O   . HOH C 3 .  ? 1.265   -9.214  -5.916  1.00 44.50 ? 720 HOH A O   1 
HETATM 538 O  O   . HOH C 3 .  ? 0.650   -10.630 -9.196  1.00 53.88 ? 721 HOH A O   1 
HETATM 539 O  O   . HOH C 3 .  ? -9.267  -9.943  -0.333  1.00 46.65 ? 722 HOH A O   1 
HETATM 540 O  O   . HOH C 3 .  ? -8.369  7.139   -16.770 1.00 30.97 ? 723 HOH A O   1 
HETATM 541 O  O   . HOH D 3 .  ? 10.778  -0.401  5.013   1.00 23.27 ? 101 HOH P O   1 
HETATM 542 O  O   . HOH D 3 .  ? 13.454  3.581   4.520   1.00 35.60 ? 102 HOH P O   1 
# 
loop_
_atom_site_anisotrop.id 
_atom_site_anisotrop.type_symbol 
_atom_site_anisotrop.pdbx_label_atom_id 
_atom_site_anisotrop.pdbx_label_alt_id 
_atom_site_anisotrop.pdbx_label_comp_id 
_atom_site_anisotrop.pdbx_label_asym_id 
_atom_site_anisotrop.pdbx_label_seq_id 
_atom_site_anisotrop.pdbx_PDB_ins_code 
_atom_site_anisotrop.U[1][1] 
_atom_site_anisotrop.U[2][2] 
_atom_site_anisotrop.U[3][3] 
_atom_site_anisotrop.U[1][2] 
_atom_site_anisotrop.U[1][3] 
_atom_site_anisotrop.U[2][3] 
_atom_site_anisotrop.pdbx_auth_seq_id 
_atom_site_anisotrop.pdbx_auth_comp_id 
_atom_site_anisotrop.pdbx_auth_asym_id 
_atom_site_anisotrop.pdbx_auth_atom_id 
1   N  N   . ALA A 7  ? 0.4418 0.4375 0.3635 0.0227  -0.0466 -0.1667 602 ALA A N   
2   C  CA  . ALA A 7  ? 0.5320 0.5376 0.4507 0.0103  -0.0518 -0.1520 602 ALA A CA  
3   C  C   . ALA A 7  ? 0.5842 0.6122 0.4967 0.0037  -0.0292 -0.1205 602 ALA A C   
4   O  O   . ALA A 7  ? 0.7600 0.7798 0.6944 -0.0076 -0.0230 -0.0995 602 ALA A O   
5   C  CB  . ALA A 7  ? 0.5494 0.5284 0.5037 -0.0076 -0.0728 -0.1446 602 ALA A CB  
6   N  N   . SER A 8  ? 0.4267 0.4846 0.3100 0.0114  -0.0197 -0.1172 603 SER A N   
7   C  CA  . SER A 8  ? 0.4066 0.4801 0.2876 0.0060  -0.0040 -0.0875 603 SER A CA  
8   C  C   . SER A 8  ? 0.4434 0.5313 0.3151 0.0015  -0.0123 -0.0755 603 SER A C   
9   O  O   . SER A 8  ? 0.4766 0.5593 0.3527 -0.0016 -0.0293 -0.0857 603 SER A O   
10  C  CB  . SER A 8  ? 0.5056 0.6050 0.3684 0.0145  0.0130  -0.0820 603 SER A CB  
11  O  OG  . SER A 8  ? 0.6328 0.7448 0.4954 0.0074  0.0212  -0.0515 603 SER A OG  
12  N  N   . GLY A 9  ? 0.4372 0.5422 0.3004 0.0005  -0.0033 -0.0518 604 GLY A N   
13  C  CA  . GLY A 9  ? 0.3425 0.4629 0.1961 -0.0018 -0.0128 -0.0379 604 GLY A CA  
14  C  C   . GLY A 9  ? 0.3327 0.4389 0.2121 -0.0081 -0.0223 -0.0290 604 GLY A C   
15  O  O   . GLY A 9  ? 0.3088 0.3981 0.2132 -0.0113 -0.0187 -0.0297 604 GLY A O   
16  N  N   . GLU A 10 ? 0.3194 0.4392 0.1923 -0.0085 -0.0344 -0.0202 605 GLU A N   
17  C  CA  . GLU A 10 ? 0.3058 0.4216 0.2045 -0.0107 -0.0433 -0.0106 605 GLU A CA  
18  C  C   . GLU A 10 ? 0.3384 0.4494 0.2599 -0.0158 -0.0502 -0.0252 605 GLU A C   
19  O  O   . GLU A 10 ? 0.3854 0.4992 0.3348 -0.0170 -0.0507 -0.0184 605 GLU A O   
20  C  CB  . GLU A 10 ? 0.4149 0.5479 0.3026 -0.0093 -0.0575 0.0026  605 GLU A CB  
21  C  CG  . GLU A 10 ? 0.4853 0.6161 0.4012 -0.0064 -0.0659 0.0165  605 GLU A CG  
22  C  CD  . GLU A 10 ? 0.6941 0.8367 0.5999 -0.0043 -0.0808 0.0361  605 GLU A CD  
23  O  OE1 . GLU A 10 ? 0.6804 0.8344 0.5568 -0.0067 -0.0799 0.0471  605 GLU A OE1 
24  O  OE2 . GLU A 10 ? 0.8714 1.0167 0.7999 0.0004  -0.0937 0.0422  605 GLU A OE2 
25  N  N   . SER A 11 ? 0.3360 0.4429 0.2481 -0.0182 -0.0573 -0.0450 606 SER A N   
26  C  CA  . SER A 11 ? 0.3816 0.4823 0.3206 -0.0273 -0.0702 -0.0541 606 SER A CA  
27  C  C   . SER A 11 ? 0.3652 0.4548 0.3318 -0.0331 -0.0592 -0.0483 606 SER A C   
28  O  O   . SER A 11 ? 0.3627 0.4557 0.3593 -0.0438 -0.0678 -0.0444 606 SER A O   
29  C  CB  . SER A 11 ? 0.4349 0.5257 0.3594 -0.0270 -0.0869 -0.0800 606 SER A CB  
30  O  OG  . SER A 11 ? 0.4520 0.5291 0.3607 -0.0195 -0.0765 -0.0939 606 SER A OG  
31  N  N   . LEU A 12 ? 0.2979 0.3787 0.2554 -0.0273 -0.0414 -0.0446 607 LEU A N   
32  C  CA  . LEU A 12 ? 0.3287 0.4006 0.3067 -0.0314 -0.0317 -0.0397 607 LEU A CA  
33  C  C   . LEU A 12 ? 0.2893 0.3792 0.2875 -0.0303 -0.0247 -0.0238 607 LEU A C   
34  O  O   . LEU A 12 ? 0.3074 0.4029 0.3251 -0.0348 -0.0191 -0.0172 607 LEU A O   
35  C  CB  . LEU A 12 ? 0.3583 0.4157 0.3197 -0.0248 -0.0177 -0.0437 607 LEU A CB  
36  C  CG  . LEU A 12 ? 0.3845 0.4285 0.3625 -0.0288 -0.0115 -0.0427 607 LEU A CG  
37  C  CD1 . LEU A 12 ? 0.3956 0.4261 0.3892 -0.0377 -0.0276 -0.0524 607 LEU A CD1 
38  C  CD2 . LEU A 12 ? 0.3672 0.4015 0.3300 -0.0211 0.0011  -0.0465 607 LEU A CD2 
39  N  N   . VAL A 13 ? 0.2896 0.3918 0.2833 -0.0224 -0.0264 -0.0179 608 VAL A N   
40  C  CA  . VAL A 13 ? 0.2897 0.4104 0.3018 -0.0144 -0.0223 -0.0093 608 VAL A CA  
41  C  C   . VAL A 13 ? 0.2366 0.3868 0.2780 -0.0219 -0.0254 -0.0041 608 VAL A C   
42  O  O   . VAL A 13 ? 0.2526 0.4105 0.3036 -0.0327 -0.0382 -0.0039 608 VAL A O   
43  C  CB  . VAL A 13 ? 0.3133 0.4394 0.3212 -0.0040 -0.0307 -0.0048 608 VAL A CB  
44  C  CG1 . VAL A 13 ? 0.2549 0.4013 0.2849 0.0098  -0.0301 -0.0025 608 VAL A CG1 
45  C  CG2 . VAL A 13 ? 0.3119 0.4147 0.2959 -0.0006 -0.0288 -0.0012 608 VAL A CG2 
46  N  N   . GLY A 14 ? 0.2257 0.3964 0.2820 -0.0169 -0.0147 0.0012  609 GLY A N   
47  C  CA  . GLY A 14 ? 0.2113 0.4243 0.2977 -0.0247 -0.0146 0.0126  609 GLY A CA  
48  C  C   . GLY A 14 ? 0.2383 0.4471 0.3344 -0.0419 -0.0120 0.0215  609 GLY A C   
49  O  O   . GLY A 14 ? 0.2718 0.5209 0.3926 -0.0493 -0.0082 0.0377  609 GLY A O   
50  N  N   . SER A 15 ? 0.2659 0.4301 0.3441 -0.0476 -0.0148 0.0128  610 SER A N   
51  C  CA  . SER A 15 ? 0.2311 0.3816 0.3205 -0.0626 -0.0176 0.0197  610 SER A CA  
52  C  C   . SER A 15 ? 0.2299 0.3854 0.3146 -0.0571 -0.0021 0.0258  610 SER A C   
53  O  O   . SER A 15 ? 0.2637 0.4094 0.3273 -0.0410 0.0087  0.0158  610 SER A O   
54  C  CB  . SER A 15 ? 0.2827 0.3864 0.3558 -0.0655 -0.0286 0.0027  610 SER A CB  
55  O  OG  . SER A 15 ? 0.5220 0.6222 0.6001 -0.0720 -0.0475 -0.0045 610 SER A OG  
56  N  N   . ARG A 16 ? 0.2557 0.4271 0.3625 -0.0719 -0.0039 0.0448  611 ARG A N   
57  C  CA  . ARG A 16 ? 0.2729 0.4453 0.3741 -0.0695 0.0069  0.0520  611 ARG A CA  
58  C  C   . ARG A 16 ? 0.2588 0.3777 0.3510 -0.0734 -0.0001 0.0416  611 ARG A C   
59  O  O   . ARG A 16 ? 0.2907 0.3851 0.3980 -0.0870 -0.0177 0.0419  611 ARG A O   
60  C  CB  . ARG A 16 ? 0.2632 0.4828 0.3925 -0.0852 0.0073  0.0826  611 ARG A CB  
61  C  CG  . ARG A 16 ? 0.4279 0.7171 0.5657 -0.0762 0.0190  0.0926  611 ARG A CG  
62  C  CD  . ARG A 16 ? 0.5812 0.8986 0.7387 -0.0906 0.0121  0.1211  611 ARG A CD  
63  N  NE  . ARG A 16 ? 0.6569 0.9578 0.8415 -0.1117 -0.0078 0.1301  611 ARG A NE  
64  C  CZ  . ARG A 16 ? 0.7146 1.0340 0.9209 -0.1267 -0.0186 0.1559  611 ARG A CZ  
65  N  NH1 . ARG A 16 ? 0.7294 1.0914 0.9332 -0.1242 -0.0103 0.1780  611 ARG A NH1 
66  N  NH2 . ARG A 16 ? 0.6618 0.9587 0.8919 -0.1439 -0.0399 0.1595  611 ARG A NH2 
67  N  N   . ILE A 17 ? 0.2484 0.3498 0.3186 -0.0599 0.0110  0.0306  612 ILE A N   
68  C  CA  . ILE A 17 ? 0.2653 0.3247 0.3284 -0.0598 0.0065  0.0199  612 ILE A CA  
69  C  C   . ILE A 17 ? 0.2855 0.3453 0.3453 -0.0567 0.0149  0.0275  612 ILE A C   
70  O  O   . ILE A 17 ? 0.2930 0.3841 0.3485 -0.0509 0.0253  0.0357  612 ILE A O   
71  C  CB  . ILE A 17 ? 0.2835 0.3202 0.3227 -0.0467 0.0098  -0.0024 612 ILE A CB  
72  C  CG1 . ILE A 17 ? 0.2939 0.3393 0.3164 -0.0331 0.0237  -0.0047 612 ILE A CG1 
73  C  CG2 . ILE A 17 ? 0.4072 0.4471 0.4448 -0.0483 0.0006  -0.0099 612 ILE A CG2 
74  C  CD1 . ILE A 17 ? 0.3163 0.3452 0.3202 -0.0246 0.0261  -0.0172 612 ILE A CD1 
75  N  N   . LYS A 18 ? 0.2786 0.3060 0.3410 -0.0584 0.0086  0.0226  613 LYS A N   
76  C  CA  . LYS A 18 ? 0.2747 0.2987 0.3317 -0.0531 0.0155  0.0263  613 LYS A CA  
77  C  C   . LYS A 18 ? 0.2651 0.2623 0.3073 -0.0406 0.0197  0.0054  613 LYS A C   
78  O  O   . LYS A 18 ? 0.3586 0.3342 0.4020 -0.0387 0.0123  -0.0088 613 LYS A O   
79  C  CB  . LYS A 18 ? 0.3797 0.3973 0.4589 -0.0667 0.0035  0.0460  613 LYS A CB  
80  C  CG  . LYS A 18 ? 0.4961 0.4765 0.5950 -0.0744 -0.0172 0.0398  613 LYS A CG  
81  C  CD  . LYS A 18 ? 0.6661 0.6457 0.7955 -0.0933 -0.0344 0.0694  613 LYS A CD  
82  C  CE  . LYS A 18 ? 0.8719 0.8019 1.0210 -0.0935 -0.0576 0.0593  613 LYS A CE  
83  N  NZ  . LYS A 18 ? 0.9780 0.9088 1.1517 -0.1069 -0.0755 0.0891  613 LYS A NZ  
84  N  N   . VAL A 19 ? 0.2426 0.2467 0.2718 -0.0311 0.0303  0.0033  614 VAL A N   
85  C  CA  . VAL A 19 ? 0.2784 0.2682 0.2977 -0.0218 0.0354  -0.0097 614 VAL A CA  
86  C  C   . VAL A 19 ? 0.2988 0.2795 0.3241 -0.0198 0.0352  -0.0070 614 VAL A C   
87  O  O   . VAL A 19 ? 0.2813 0.2723 0.3074 -0.0210 0.0353  0.0034  614 VAL A O   
88  C  CB  . VAL A 19 ? 0.2629 0.2623 0.2695 -0.0146 0.0417  -0.0123 614 VAL A CB  
89  C  CG1 . VAL A 19 ? 0.3041 0.2950 0.3063 -0.0100 0.0453  -0.0180 614 VAL A CG1 
90  C  CG2 . VAL A 19 ? 0.3038 0.3145 0.3067 -0.0155 0.0401  -0.0131 614 VAL A CG2 
91  N  N   . TRP A 20 ? 0.3100 0.2768 0.3393 -0.0150 0.0344  -0.0173 615 TRP A N   
92  C  CA  . TRP A 20 ? 0.2907 0.2501 0.3298 -0.0115 0.0331  -0.0160 615 TRP A CA  
93  C  C   . TRP A 20 ? 0.2922 0.2603 0.3258 -0.0069 0.0406  -0.0152 615 TRP A C   
94  O  O   . TRP A 20 ? 0.3664 0.3412 0.3952 -0.0035 0.0466  -0.0202 615 TRP A O   
95  C  CB  . TRP A 20 ? 0.3010 0.2474 0.3502 -0.0043 0.0277  -0.0308 615 TRP A CB  
96  C  CG  . TRP A 20 ? 0.3367 0.2778 0.4001 0.0023  0.0253  -0.0318 615 TRP A CG  
97  C  CD1 . TRP A 20 ? 0.3529 0.3070 0.4186 0.0122  0.0335  -0.0396 615 TRP A CD1 
98  C  CD2 . TRP A 20 ? 0.3563 0.2820 0.4369 -0.0012 0.0125  -0.0217 615 TRP A CD2 
99  N  NE1 . TRP A 20 ? 0.3630 0.3101 0.4468 0.0169  0.0270  -0.0381 615 TRP A NE1 
100 C  CE2 . TRP A 20 ? 0.3046 0.2314 0.3968 0.0089  0.0130  -0.0272 615 TRP A CE2 
101 C  CE3 . TRP A 20 ? 0.3302 0.2458 0.4201 -0.0135 -0.0003 -0.0044 615 TRP A CE3 
102 C  CZ2 . TRP A 20 ? 0.3060 0.2189 0.4172 0.0090  -0.0001 -0.0183 615 TRP A CZ2 
103 C  CZ3 . TRP A 20 ? 0.3901 0.2933 0.4983 -0.0156 -0.0133 0.0081  615 TRP A CZ3 
104 C  CH2 . TRP A 20 ? 0.3499 0.2494 0.4680 -0.0036 -0.0139 -0.0001 615 TRP A CH2 
105 N  N   . TRP A 21 ? 0.2619 0.2318 0.2971 -0.0077 0.0378  -0.0070 616 TRP A N   
106 C  CA  . TRP A 21 ? 0.2898 0.2622 0.3263 -0.0041 0.0383  -0.0071 616 TRP A CA  
107 C  C   . TRP A 21 ? 0.2743 0.2420 0.3265 -0.0019 0.0350  -0.0060 616 TRP A C   
108 O  O   . TRP A 21 ? 0.2669 0.2314 0.3229 -0.0034 0.0279  0.0013  616 TRP A O   
109 C  CB  . TRP A 21 ? 0.2987 0.2776 0.3250 -0.0026 0.0338  -0.0044 616 TRP A CB  
110 C  CG  . TRP A 21 ? 0.2600 0.2451 0.2748 0.0000  0.0349  -0.0086 616 TRP A CG  
111 C  CD1 . TRP A 21 ? 0.2869 0.2748 0.2980 -0.0024 0.0394  -0.0096 616 TRP A CD1 
112 C  CD2 . TRP A 21 ? 0.2640 0.2522 0.2713 0.0077  0.0280  -0.0151 616 TRP A CD2 
113 N  NE1 . TRP A 21 ? 0.2993 0.2936 0.3027 0.0031  0.0371  -0.0139 616 TRP A NE1 
114 C  CE2 . TRP A 21 ? 0.2793 0.2725 0.2806 0.0107  0.0294  -0.0189 616 TRP A CE2 
115 C  CE3 . TRP A 21 ? 0.2843 0.2704 0.2903 0.0142  0.0176  -0.0207 616 TRP A CE3 
116 C  CZ2 . TRP A 21 ? 0.2768 0.2717 0.2729 0.0219  0.0204  -0.0293 616 TRP A CZ2 
117 C  CZ3 . TRP A 21 ? 0.3147 0.3010 0.3135 0.0255  0.0074  -0.0334 616 TRP A CZ3 
118 C  CH2 . TRP A 21 ? 0.3497 0.3398 0.3446 0.0302  0.0087  -0.0381 616 TRP A CH2 
119 N  N   . PRO A 22 ? 0.2751 0.2484 0.3378 0.0022  0.0398  -0.0114 617 PRO A N   
120 C  CA  . PRO A 22 ? 0.2630 0.2380 0.3451 0.0082  0.0374  -0.0135 617 PRO A CA  
121 C  C   . PRO A 22 ? 0.2607 0.2345 0.3508 0.0064  0.0294  -0.0048 617 PRO A C   
122 O  O   . PRO A 22 ? 0.2739 0.2422 0.3772 0.0097  0.0220  -0.0028 617 PRO A O   
123 C  CB  . PRO A 22 ? 0.3760 0.3736 0.4648 0.0128  0.0475  -0.0179 617 PRO A CB  
124 C  CG  . PRO A 22 ? 0.3785 0.3799 0.4493 0.0103  0.0538  -0.0205 617 PRO A CG  
125 C  CD  . PRO A 22 ? 0.2810 0.2665 0.3383 0.0025  0.0482  -0.0145 617 PRO A CD  
126 N  N   . MSE A 23 ? 0.3007 0.2777 0.3843 0.0022  0.0273  -0.0009 618 MSE A N   
127 C  CA  . MSE A 23 ? 0.2789 0.2552 0.3692 0.0018  0.0163  0.0035  618 MSE A CA  
128 C  C   . MSE A 23 ? 0.2292 0.2008 0.3079 0.0025  0.0086  0.0079  618 MSE A C   
129 O  O   . MSE A 23 ? 0.3037 0.2763 0.3909 0.0039  -0.0006 0.0128  618 MSE A O   
130 C  CB  . MSE A 23 ? 0.2887 0.2635 0.3752 -0.0014 0.0093  0.0027  618 MSE A CB  
131 C  CG  . MSE A 23 ? 0.4928 0.4758 0.6054 -0.0059 0.0049  0.0088  618 MSE A CG  
132 SE SE  . MSE A 23 ? 0.2144 0.1836 0.3306 -0.0120 -0.0145 0.0089  618 MSE A SE  
133 C  CE  . MSE A 23 ? 0.5576 0.5178 0.6695 -0.0058 -0.0360 0.0000  618 MSE A CE  
134 N  N   . ASP A 24 ? 0.2787 0.2510 0.3397 0.0008  0.0121  0.0091  619 ASP A N   
135 C  CA  . ASP A 24 ? 0.2632 0.2425 0.3140 -0.0011 0.0063  0.0203  619 ASP A CA  
136 C  C   . ASP A 24 ? 0.2936 0.2635 0.3587 -0.0059 0.0038  0.0305  619 ASP A C   
137 O  O   . ASP A 24 ? 0.3489 0.3254 0.4126 -0.0112 -0.0035 0.0476  619 ASP A O   
138 C  CB  . ASP A 24 ? 0.2708 0.2666 0.2988 -0.0005 0.0102  0.0196  619 ASP A CB  
139 C  CG  . ASP A 24 ? 0.3132 0.3151 0.3275 0.0083  0.0054  0.0061  619 ASP A CG  
140 O  OD1 . ASP A 24 ? 0.3075 0.3018 0.3286 0.0108  -0.0041 0.0015  619 ASP A OD1 
141 O  OD2 . ASP A 24 ? 0.2829 0.2966 0.2823 0.0134  0.0084  -0.0010 619 ASP A OD2 
142 N  N   . GLN A 25 ? 0.2538 0.2102 0.3335 -0.0034 0.0075  0.0207  620 GLN A N   
143 C  CA  . GLN A 25 ? 0.2875 0.2280 0.3820 -0.0055 0.0006  0.0230  620 GLN A CA  
144 C  C   . GLN A 25 ? 0.2445 0.1904 0.3298 -0.0166 -0.0017 0.0376  620 GLN A C   
145 O  O   . GLN A 25 ? 0.2816 0.2226 0.3787 -0.0250 -0.0143 0.0567  620 GLN A O   
146 C  CB  . GLN A 25 ? 0.2897 0.2173 0.4068 -0.0027 -0.0140 0.0306  620 GLN A CB  
147 C  CG  . GLN A 25 ? 0.3184 0.2496 0.4498 0.0089  -0.0123 0.0187  620 GLN A CG  
148 C  CD  . GLN A 25 ? 0.3573 0.2999 0.4854 0.0071  -0.0171 0.0301  620 GLN A CD  
149 O  OE1 . GLN A 25 ? 0.4283 0.3667 0.5628 0.0042  -0.0307 0.0459  620 GLN A OE1 
150 N  NE2 . GLN A 25 ? 0.3012 0.2580 0.4204 0.0081  -0.0091 0.0233  620 GLN A NE2 
151 N  N   . ALA A 26 ? 0.1981 0.2537 0.4265 0.0327  -0.0241 0.0219  621 ALA A N   
152 C  CA  . ALA A 26 ? 0.2408 0.2639 0.4285 0.0280  -0.0270 0.0076  621 ALA A CA  
153 C  C   . ALA A 26 ? 0.2624 0.2653 0.4273 0.0173  -0.0159 -0.0063 621 ALA A C   
154 O  O   . ALA A 26 ? 0.2469 0.2589 0.4213 0.0102  -0.0133 -0.0080 621 ALA A O   
155 C  CB  . ALA A 26 ? 0.2198 0.2482 0.3949 0.0227  -0.0538 0.0045  621 ALA A CB  
156 N  N   . TYR A 27 ? 0.2616 0.2418 0.3988 0.0140  -0.0112 -0.0118 622 TYR A N   
157 C  CA  . TYR A 27 ? 0.2211 0.1918 0.3375 0.0009  -0.0084 -0.0220 622 TYR A CA  
158 C  C   . TYR A 27 ? 0.2835 0.2684 0.3873 -0.0006 -0.0221 -0.0232 622 TYR A C   
159 O  O   . TYR A 27 ? 0.3299 0.3222 0.4273 0.0072  -0.0282 -0.0162 622 TYR A O   
160 C  CB  . TYR A 27 ? 0.3135 0.2545 0.4092 -0.0062 0.0008  -0.0233 622 TYR A CB  
161 C  CG  . TYR A 27 ? 0.3354 0.2461 0.4207 -0.0014 0.0147  -0.0306 622 TYR A CG  
162 C  CD1 . TYR A 27 ? 0.3749 0.2832 0.4478 -0.0073 0.0203  -0.0406 622 TYR A CD1 
163 C  CD2 . TYR A 27 ? 0.4474 0.3284 0.5280 0.0140  0.0232  -0.0270 622 TYR A CD2 
164 C  CE1 . TYR A 27 ? 0.4101 0.2888 0.4615 0.0033  0.0347  -0.0486 622 TYR A CE1 
165 C  CE2 . TYR A 27 ? 0.4980 0.3444 0.5568 0.0277  0.0379  -0.0360 622 TYR A CE2 
166 C  CZ  . TYR A 27 ? 0.5163 0.3625 0.5582 0.0229  0.0440  -0.0475 622 TYR A CZ  
167 O  OH  . TYR A 27 ? 0.6022 0.4119 0.6108 0.0425  0.0604  -0.0576 622 TYR A OH  
168 N  N   . TYR A 28 ? 0.2795 0.2675 0.3754 -0.0060 -0.0257 -0.0306 623 TYR A N   
169 C  CA  . TYR A 28 ? 0.2685 0.2655 0.3440 0.0011  -0.0352 -0.0323 623 TYR A CA  
170 C  C   . TYR A 28 ? 0.2470 0.2523 0.3126 -0.0066 -0.0277 -0.0321 623 TYR A C   
171 O  O   . TYR A 28 ? 0.2911 0.2885 0.3598 -0.0177 -0.0228 -0.0366 623 TYR A O   
172 C  CB  . TYR A 28 ? 0.2743 0.2611 0.3438 0.0066  -0.0528 -0.0398 623 TYR A CB  
173 C  CG  . TYR A 28 ? 0.2636 0.2472 0.3439 0.0095  -0.0677 -0.0373 623 TYR A CG  
174 C  CD1 . TYR A 28 ? 0.2788 0.2665 0.3426 0.0237  -0.0743 -0.0347 623 TYR A CD1 
175 C  CD2 . TYR A 28 ? 0.2185 0.2027 0.3277 -0.0025 -0.0757 -0.0332 623 TYR A CD2 
176 C  CE1 . TYR A 28 ? 0.2680 0.2553 0.3399 0.0255  -0.0916 -0.0314 623 TYR A CE1 
177 C  CE2 . TYR A 28 ? 0.2491 0.2400 0.3746 -0.0030 -0.0933 -0.0263 623 TYR A CE2 
178 C  CZ  . TYR A 28 ? 0.2802 0.2701 0.3852 0.0108  -0.1027 -0.0270 623 TYR A CZ  
179 O  OH  . TYR A 28 ? 0.3125 0.3111 0.4313 0.0097  -0.1239 -0.0193 623 TYR A OH  
180 N  N   . LYS A 29 ? 0.2772 0.3054 0.3316 0.0005  -0.0268 -0.0230 624 LYS A N   
181 C  CA  . LYS A 29 ? 0.2289 0.2798 0.2821 -0.0089 -0.0220 -0.0150 624 LYS A CA  
182 C  C   . LYS A 29 ? 0.2363 0.2981 0.2756 0.0062  -0.0258 -0.0189 624 LYS A C   
183 O  O   . LYS A 29 ? 0.2617 0.3191 0.2819 0.0311  -0.0315 -0.0235 624 LYS A O   
184 C  CB  . LYS A 29 ? 0.3086 0.3935 0.3662 -0.0105 -0.0179 0.0067  624 LYS A CB  
185 C  CG  . LYS A 29 ? 0.5429 0.6074 0.6111 -0.0286 -0.0164 0.0141  624 LYS A CG  
186 C  CD  . LYS A 29 ? 0.7213 0.8176 0.8000 -0.0454 -0.0158 0.0418  624 LYS A CD  
187 C  CE  . LYS A 29 ? 0.7010 0.8398 0.7786 -0.0233 -0.0103 0.0625  624 LYS A CE  
188 N  NZ  . LYS A 29 ? 0.7098 0.8819 0.8060 -0.0451 -0.0092 0.0979  624 LYS A NZ  
189 N  N   . GLY A 30 ? 0.2979 0.3673 0.3404 -0.0068 -0.0244 -0.0175 625 GLY A N   
190 C  CA  . GLY A 30 ? 0.2729 0.3521 0.3029 0.0090  -0.0274 -0.0179 625 GLY A CA  
191 C  C   . GLY A 30 ? 0.2949 0.4027 0.3323 -0.0071 -0.0262 -0.0073 625 GLY A C   
192 O  O   . GLY A 30 ? 0.2642 0.3788 0.3124 -0.0335 -0.0264 -0.0016 625 GLY A O   
193 N  N   . VAL A 31 ? 0.2146 0.3343 0.2422 0.0090  -0.0285 -0.0044 626 VAL A N   
194 C  CA  . VAL A 31 ? 0.1829 0.3325 0.2169 -0.0053 -0.0309 0.0067  626 VAL A CA  
195 C  C   . VAL A 31 ? 0.2867 0.4034 0.3068 -0.0045 -0.0344 -0.0036 626 VAL A C   
196 O  O   . VAL A 31 ? 0.2970 0.3812 0.3034 0.0158  -0.0368 -0.0117 626 VAL A O   
197 C  CB  . VAL A 31 ? 0.2499 0.4640 0.2911 0.0160  -0.0286 0.0306  626 VAL A CB  
198 C  CG1 . VAL A 31 ? 0.3151 0.5156 0.3313 0.0613  -0.0265 0.0260  626 VAL A CG1 
199 C  CG2 . VAL A 31 ? 0.2531 0.5088 0.3081 -0.0058 -0.0360 0.0470  626 VAL A CG2 
200 N  N   . VAL A 32 ? 0.2630 0.3832 0.2824 -0.0285 -0.0373 -0.0024 627 VAL A N   
201 C  CA  . VAL A 32 ? 0.2794 0.3798 0.2850 -0.0277 -0.0390 -0.0053 627 VAL A CA  
202 C  C   . VAL A 32 ? 0.2395 0.3745 0.2422 -0.0085 -0.0440 0.0108  627 VAL A C   
203 O  O   . VAL A 32 ? 0.2525 0.4347 0.2632 -0.0188 -0.0494 0.0254  627 VAL A O   
204 C  CB  . VAL A 32 ? 0.2990 0.3876 0.2933 -0.0548 -0.0394 -0.0111 627 VAL A CB  
205 C  CG1 . VAL A 32 ? 0.3147 0.3873 0.2935 -0.0515 -0.0379 -0.0101 627 VAL A CG1 
206 C  CG2 . VAL A 32 ? 0.2744 0.3307 0.2692 -0.0656 -0.0321 -0.0252 627 VAL A CG2 
207 N  N   . GLU A 33 ? 0.2555 0.3650 0.2456 0.0196  -0.0449 0.0099  628 GLU A N   
208 C  CA  . GLU A 33 ? 0.3002 0.4350 0.2822 0.0494  -0.0477 0.0253  628 GLU A CA  
209 C  C   . GLU A 33 ? 0.3392 0.4686 0.3114 0.0442  -0.0530 0.0337  628 GLU A C   
210 O  O   . GLU A 33 ? 0.3485 0.5200 0.3215 0.0595  -0.0561 0.0520  628 GLU A O   
211 C  CB  . GLU A 33 ? 0.3317 0.4267 0.2912 0.0888  -0.0490 0.0183  628 GLU A CB  
212 C  CG  . GLU A 33 ? 0.5466 0.6725 0.4932 0.1331  -0.0474 0.0347  628 GLU A CG  
213 C  CD  . GLU A 33 ? 1.0258 1.0805 0.9343 0.1645  -0.0564 0.0284  628 GLU A CD  
214 O  OE1 . GLU A 33 ? 1.1974 1.1806 1.0833 0.1666  -0.0652 0.0093  628 GLU A OE1 
215 O  OE2 . GLU A 33 ? 1.1566 1.2241 1.0570 0.1855  -0.0580 0.0442  628 GLU A OE2 
216 N  N   . SER A 34 ? 0.2961 0.3812 0.2605 0.0250  -0.0531 0.0250  629 SER A N   
217 C  CA  . SER A 34 ? 0.2833 0.3648 0.2353 0.0199  -0.0564 0.0364  629 SER A CA  
218 C  C   . SER A 34 ? 0.3194 0.3754 0.2677 -0.0069 -0.0505 0.0302  629 SER A C   
219 O  O   . SER A 34 ? 0.3092 0.3461 0.2673 -0.0182 -0.0442 0.0174  629 SER A O   
220 C  CB  . SER A 34 ? 0.4238 0.4694 0.3599 0.0501  -0.0630 0.0456  629 SER A CB  
221 O  OG  . SER A 34 ? 0.4789 0.4639 0.4105 0.0517  -0.0665 0.0340  629 SER A OG  
222 N  N   . TYR A 35 ? 0.3457 0.4072 0.2789 -0.0129 -0.0511 0.0422  630 TYR A N   
223 C  CA  . TYR A 35 ? 0.3139 0.3604 0.2374 -0.0309 -0.0413 0.0421  630 TYR A CA  
224 C  C   . TYR A 35 ? 0.3639 0.3970 0.2757 -0.0256 -0.0428 0.0640  630 TYR A C   
225 O  O   . TYR A 35 ? 0.4096 0.4609 0.3071 -0.0158 -0.0509 0.0776  630 TYR A O   
226 C  CB  . TYR A 35 ? 0.3062 0.3759 0.2092 -0.0476 -0.0391 0.0331  630 TYR A CB  
227 C  CG  . TYR A 35 ? 0.3299 0.3867 0.2101 -0.0559 -0.0249 0.0325  630 TYR A CG  
228 C  CD1 . TYR A 35 ? 0.3793 0.4185 0.2724 -0.0578 -0.0092 0.0259  630 TYR A CD1 
229 C  CD2 . TYR A 35 ? 0.3783 0.4470 0.2225 -0.0581 -0.0263 0.0411  630 TYR A CD2 
230 C  CE1 . TYR A 35 ? 0.4481 0.4866 0.3207 -0.0577 0.0087  0.0299  630 TYR A CE1 
231 C  CE2 . TYR A 35 ? 0.5144 0.5755 0.3302 -0.0586 -0.0096 0.0420  630 TYR A CE2 
232 C  CZ  . TYR A 35 ? 0.4833 0.5316 0.3143 -0.0564 0.0099  0.0373  630 TYR A CZ  
233 O  OH  . TYR A 35 ? 0.6533 0.7043 0.4561 -0.0495 0.0313  0.0426  630 TYR A OH  
234 N  N   . ASP A 36 ? 0.3530 0.3588 0.2748 -0.0333 -0.0363 0.0721  631 ASP A N   
235 C  CA  . ASP A 36 ? 0.3717 0.3635 0.2865 -0.0344 -0.0371 0.0992  631 ASP A CA  
236 C  C   . ASP A 36 ? 0.4435 0.4628 0.3420 -0.0456 -0.0193 0.1076  631 ASP A C   
237 O  O   . ASP A 36 ? 0.3913 0.4157 0.3026 -0.0550 -0.0039 0.1069  631 ASP A O   
238 C  CB  . ASP A 36 ? 0.3864 0.3345 0.3246 -0.0411 -0.0447 0.1100  631 ASP A CB  
239 C  CG  . ASP A 36 ? 0.5932 0.5210 0.5284 -0.0477 -0.0491 0.1442  631 ASP A CG  
240 O  OD1 . ASP A 36 ? 0.5583 0.5181 0.4880 -0.0569 -0.0330 0.1630  631 ASP A OD1 
241 O  OD2 . ASP A 36 ? 0.6961 0.5709 0.6293 -0.0421 -0.0694 0.1531  631 ASP A OD2 
242 N  N   . ALA A 37 ? 0.3978 0.3669 0.2931 0.0151  -0.0546 0.0621  632 ALA A N   
243 C  CA  . ALA A 37 ? 0.4888 0.4587 0.3432 0.0128  -0.0514 0.0630  632 ALA A CA  
244 C  C   . ALA A 37 ? 0.5175 0.4794 0.3514 0.0081  -0.0336 0.0781  632 ALA A C   
245 O  O   . ALA A 37 ? 0.5453 0.5114 0.3578 0.0052  -0.0186 0.0729  632 ALA A O   
246 C  CB  . ALA A 37 ? 0.5091 0.4775 0.3406 0.0178  -0.0730 0.0686  632 ALA A CB  
247 N  N   . ALA A 38 ? 0.4779 0.4275 0.3218 0.0074  -0.0341 0.0970  633 ALA A N   
248 C  CA  . ALA A 38 ? 0.4671 0.4089 0.2964 0.0017  -0.0170 0.1160  633 ALA A CA  
249 C  C   . ALA A 38 ? 0.4659 0.4159 0.3202 -0.0056 0.0035  0.1094  633 ALA A C   
250 O  O   . ALA A 38 ? 0.5819 0.5354 0.4213 -0.0099 0.0230  0.1173  633 ALA A O   
251 C  CB  . ALA A 38 ? 0.5245 0.4487 0.3653 0.0019  -0.0243 0.1383  633 ALA A CB  
252 N  N   . LYS A 39 ? 0.4076 0.3619 0.3002 -0.0060 -0.0007 0.0957  634 LYS A N   
253 C  CA  . LYS A 39 ? 0.4148 0.3776 0.3355 -0.0125 0.0137  0.0903  634 LYS A CA  
254 C  C   . LYS A 39 ? 0.4234 0.4023 0.3451 -0.0103 0.0192  0.0707  634 LYS A C   
255 O  O   . LYS A 39 ? 0.4051 0.3941 0.3489 -0.0141 0.0306  0.0664  634 LYS A O   
256 C  CB  . LYS A 39 ? 0.4774 0.4331 0.4357 -0.0146 0.0048  0.0874  634 LYS A CB  
257 C  CG  . LYS A 39 ? 0.5538 0.4889 0.5189 -0.0162 -0.0022 0.1045  634 LYS A CG  
258 C  CD  . LYS A 39 ? 0.4824 0.4078 0.4815 -0.0168 -0.0120 0.0948  634 LYS A CD  
259 C  CE  . LYS A 39 ? 0.5951 0.4957 0.6030 -0.0156 -0.0215 0.1082  634 LYS A CE  
260 N  NZ  . LYS A 39 ? 0.4829 0.3785 0.4726 -0.0042 -0.0335 0.1117  634 LYS A NZ  
261 N  N   . LYS A 40 ? 0.4107 0.3915 0.3121 -0.0043 0.0097  0.0598  635 LYS A N   
262 C  CA  . LYS A 40 ? 0.3972 0.3889 0.3015 -0.0020 0.0123  0.0413  635 LYS A CA  
263 C  C   . LYS A 40 ? 0.3926 0.3911 0.3340 -0.0024 0.0108  0.0327  635 LYS A C   
264 O  O   . LYS A 40 ? 0.3869 0.3946 0.3417 -0.0031 0.0205  0.0254  635 LYS A O   
265 C  CB  . LYS A 40 ? 0.3938 0.3910 0.2808 -0.0030 0.0316  0.0390  635 LYS A CB  
266 C  CG  . LYS A 40 ? 0.5114 0.5013 0.3509 -0.0013 0.0338  0.0457  635 LYS A CG  
267 C  CD  . LYS A 40 ? 0.7285 0.7218 0.5429 0.0018  0.0457  0.0305  635 LYS A CD  
268 C  CE  . LYS A 40 ? 0.7731 0.7744 0.5960 0.0005  0.0733  0.0349  635 LYS A CE  
269 N  NZ  . LYS A 40 ? 0.4993 0.5057 0.3221 0.0051  0.0859  0.0154  635 LYS A NZ  
270 N  N   . LYS A 41 ? 0.2993 0.2922 0.2551 -0.0006 -0.0017 0.0340  636 LYS A N   
271 C  CA  . LYS A 41 ? 0.2618 0.2586 0.2443 0.0000  -0.0043 0.0263  636 LYS A CA  
272 C  C   . LYS A 41 ? 0.3591 0.3596 0.3465 0.0061  -0.0133 0.0165  636 LYS A C   
273 O  O   . LYS A 41 ? 0.3576 0.3547 0.3391 0.0099  -0.0228 0.0184  636 LYS A O   
274 C  CB  . LYS A 41 ? 0.3078 0.2934 0.3045 -0.0023 -0.0088 0.0333  636 LYS A CB  
275 C  CG  . LYS A 41 ? 0.3472 0.3309 0.3514 -0.0106 0.0004  0.0440  636 LYS A CG  
276 C  CD  . LYS A 41 ? 0.3909 0.3887 0.4136 -0.0141 0.0078  0.0377  636 LYS A CD  
277 C  CE  . LYS A 41 ? 0.3840 0.3922 0.4004 -0.0165 0.0241  0.0432  636 LYS A CE  
278 N  NZ  . LYS A 41 ? 0.4178 0.4209 0.4348 -0.0234 0.0331  0.0599  636 LYS A NZ  
279 N  N   . HIS A 42 ? 0.2654 0.2745 0.2665 0.0071  -0.0101 0.0080  637 HIS A N   
280 C  CA  . HIS A 42 ? 0.2369 0.2509 0.2477 0.0124  -0.0150 0.0013  637 HIS A CA  
281 C  C   . HIS A 42 ? 0.3034 0.3152 0.3250 0.0151  -0.0161 -0.0010 637 HIS A C   
282 O  O   . HIS A 42 ? 0.2793 0.2913 0.3047 0.0121  -0.0133 -0.0013 637 HIS A O   
283 C  CB  . HIS A 42 ? 0.2473 0.2706 0.2628 0.0122  -0.0098 -0.0051 637 HIS A CB  
284 C  CG  . HIS A 42 ? 0.2611 0.2842 0.2648 0.0105  -0.0111 -0.0083 637 HIS A CG  
285 N  ND1 . HIS A 42 ? 0.3010 0.3217 0.2904 0.0077  -0.0037 -0.0089 637 HIS A ND1 
286 C  CD2 . HIS A 42 ? 0.2957 0.3210 0.3001 0.0113  -0.0195 -0.0124 637 HIS A CD2 
287 C  CE1 . HIS A 42 ? 0.3008 0.3194 0.2762 0.0072  -0.0080 -0.0152 637 HIS A CE1 
288 N  NE2 . HIS A 42 ? 0.3221 0.3436 0.3079 0.0085  -0.0194 -0.0174 637 HIS A NE2 
289 N  N   . LEU A 43 ? 0.2653 0.2758 0.2927 0.0214  -0.0204 -0.0034 638 LEU A N   
290 C  CA  . LEU A 43 ? 0.2744 0.2821 0.3063 0.0260  -0.0198 -0.0089 638 LEU A CA  
291 C  C   . LEU A 43 ? 0.2515 0.2716 0.2872 0.0293  -0.0134 -0.0125 638 LEU A C   
292 O  O   . LEU A 43 ? 0.3035 0.3320 0.3481 0.0325  -0.0119 -0.0121 638 LEU A O   
293 C  CB  . LEU A 43 ? 0.2887 0.2868 0.3255 0.0331  -0.0247 -0.0100 638 LEU A CB  
294 C  CG  . LEU A 43 ? 0.2957 0.2884 0.3327 0.0404  -0.0224 -0.0193 638 LEU A CG  
295 C  CD1 . LEU A 43 ? 0.3430 0.3252 0.3720 0.0352  -0.0255 -0.0239 638 LEU A CD1 
296 C  CD2 . LEU A 43 ? 0.3391 0.3217 0.3854 0.0494  -0.0257 -0.0208 638 LEU A CD2 
297 N  N   . VAL A 44 ? 0.2448 0.2671 0.2760 0.0282  -0.0106 -0.0143 639 VAL A N   
298 C  CA  . VAL A 44 ? 0.2471 0.2795 0.2793 0.0317  -0.0038 -0.0141 639 VAL A CA  
299 C  C   . VAL A 44 ? 0.3073 0.3367 0.3285 0.0387  -0.0025 -0.0193 639 VAL A C   
300 O  O   . VAL A 44 ? 0.2964 0.3173 0.3070 0.0376  -0.0089 -0.0241 639 VAL A O   
301 C  CB  . VAL A 44 ? 0.2953 0.3332 0.3286 0.0271  -0.0020 -0.0101 639 VAL A CB  
302 C  CG1 . VAL A 44 ? 0.2873 0.3330 0.3208 0.0311  0.0047  -0.0065 639 VAL A CG1 
303 C  CG2 . VAL A 44 ? 0.2955 0.3347 0.3361 0.0220  -0.0006 -0.0082 639 VAL A CG2 
304 N  N   . ILE A 45 ? 0.2348 0.2711 0.2590 0.0456  0.0060  -0.0192 640 ILE A N   
305 C  CA  . ILE A 45 ? 0.2634 0.2978 0.2717 0.0542  0.0115  -0.0248 640 ILE A CA  
306 C  C   . ILE A 45 ? 0.2810 0.3258 0.2817 0.0552  0.0198  -0.0171 640 ILE A C   
307 O  O   . ILE A 45 ? 0.2993 0.3553 0.3165 0.0546  0.0288  -0.0088 640 ILE A O   
308 C  CB  . ILE A 45 ? 0.3075 0.3434 0.3249 0.0636  0.0192  -0.0287 640 ILE A CB  
309 C  CG1 . ILE A 45 ? 0.4464 0.4663 0.4658 0.0657  0.0100  -0.0367 640 ILE A CG1 
310 C  CG2 . ILE A 45 ? 0.4038 0.4420 0.4024 0.0739  0.0316  -0.0329 640 ILE A CG2 
311 C  CD1 . ILE A 45 ? 0.6038 0.6226 0.6403 0.0591  0.0012  -0.0305 640 ILE A CD1 
312 N  N   . TYR A 46 ? 0.3055 0.3462 0.2830 0.0562  0.0152  -0.0190 641 TYR A N   
313 C  CA  . TYR A 46 ? 0.3102 0.3591 0.2776 0.0575  0.0205  -0.0085 641 TYR A CA  
314 C  C   . TYR A 46 ? 0.3296 0.3829 0.2771 0.0675  0.0349  -0.0066 641 TYR A C   
315 O  O   . TYR A 46 ? 0.3370 0.3843 0.2695 0.0751  0.0384  -0.0180 641 TYR A O   
316 C  CB  . TYR A 46 ? 0.3217 0.3668 0.2741 0.0543  0.0061  -0.0093 641 TYR A CB  
317 C  CG  . TYR A 46 ? 0.2676 0.3135 0.2435 0.0451  -0.0026 -0.0066 641 TYR A CG  
318 C  CD1 . TYR A 46 ? 0.2901 0.3437 0.2833 0.0423  0.0014  0.0049  641 TYR A CD1 
319 C  CD2 . TYR A 46 ? 0.2660 0.3040 0.2476 0.0396  -0.0131 -0.0151 641 TYR A CD2 
320 C  CE1 . TYR A 46 ? 0.2441 0.2986 0.2570 0.0358  -0.0032 0.0059  641 TYR A CE1 
321 C  CE2 . TYR A 46 ? 0.2576 0.2983 0.2598 0.0320  -0.0169 -0.0112 641 TYR A CE2 
322 C  CZ  . TYR A 46 ? 0.2628 0.3124 0.2791 0.0308  -0.0112 -0.0018 641 TYR A CZ  
323 O  OH  . TYR A 46 ? 0.2767 0.3292 0.3118 0.0251  -0.0119 0.0004  641 TYR A OH  
324 N  N   . ASP A 47 ? 0.3481 0.4106 0.2960 0.0681  0.0445  0.0087  642 ASP A N   
325 C  CA  . ASP A 47 ? 0.3598 0.4280 0.2852 0.0771  0.0608  0.0159  642 ASP A CA  
326 C  C   . ASP A 47 ? 0.3554 0.4145 0.2342 0.0858  0.0564  0.0039  642 ASP A C   
327 O  O   . ASP A 47 ? 0.4984 0.5585 0.3567 0.0959  0.0716  -0.0005 642 ASP A O   
328 C  CB  . ASP A 47 ? 0.4856 0.5603 0.4124 0.0751  0.0658  0.0369  642 ASP A CB  
329 C  CG  . ASP A 47 ? 0.7705 0.8546 0.7375 0.0702  0.0802  0.0499  642 ASP A CG  
330 O  OD1 . ASP A 47 ? 0.9207 1.0108 0.9098 0.0706  0.0887  0.0440  642 ASP A OD1 
331 O  OD2 . ASP A 47 ? 0.9276 1.0129 0.9072 0.0662  0.0815  0.0658  642 ASP A OD2 
332 N  N   . ASP A 48 ? 0.3493 0.3999 0.2122 0.0819  0.0354  -0.0023 643 ASP A N   
333 C  CA  . ASP A 48 ? 0.3885 0.4298 0.2044 0.0885  0.0262  -0.0138 643 ASP A CA  
334 C  C   . ASP A 48 ? 0.4857 0.5113 0.2956 0.0895  0.0166  -0.0383 643 ASP A C   
335 O  O   . ASP A 48 ? 0.5332 0.5468 0.3073 0.0927  0.0038  -0.0530 643 ASP A O   
336 C  CB  . ASP A 48 ? 0.3959 0.4382 0.2005 0.0837  0.0056  -0.0066 643 ASP A CB  
337 C  CG  . ASP A 48 ? 0.4571 0.4989 0.2992 0.0721  -0.0114 -0.0089 643 ASP A CG  
338 O  OD1 . ASP A 48 ? 0.4512 0.4879 0.3176 0.0677  -0.0103 -0.0189 643 ASP A OD1 
339 O  OD2 . ASP A 48 ? 0.4804 0.5280 0.3285 0.0683  -0.0249 0.0007  643 ASP A OD2 
340 N  N   . GLY A 49 ? 0.4146 0.4385 0.2596 0.0865  0.0211  -0.0427 644 GLY A N   
341 C  CA  . GLY A 49 ? 0.4228 0.4298 0.2672 0.0888  0.0147  -0.0629 644 GLY A CA  
342 C  C   . GLY A 49 ? 0.4766 0.4739 0.3422 0.0769  -0.0062 -0.0679 644 GLY A C   
343 O  O   . GLY A 49 ? 0.4323 0.4137 0.3054 0.0768  -0.0118 -0.0814 644 GLY A O   
344 N  N   . ASP A 50 ? 0.3663 0.3727 0.2440 0.0673  -0.0163 -0.0561 645 ASP A N   
345 C  CA  . ASP A 50 ? 0.3549 0.3566 0.2583 0.0555  -0.0315 -0.0570 645 ASP A CA  
346 C  C   . ASP A 50 ? 0.3477 0.3510 0.2828 0.0522  -0.0232 -0.0512 645 ASP A C   
347 O  O   . ASP A 50 ? 0.3519 0.3648 0.2951 0.0564  -0.0089 -0.0435 645 ASP A O   
348 C  CB  . ASP A 50 ? 0.3306 0.3450 0.2424 0.0484  -0.0412 -0.0450 645 ASP A CB  
349 C  CG  . ASP A 50 ? 0.4313 0.4423 0.3192 0.0480  -0.0598 -0.0526 645 ASP A CG  
350 O  OD1 . ASP A 50 ? 0.5485 0.5455 0.4066 0.0536  -0.0643 -0.0690 645 ASP A OD1 
351 O  OD2 . ASP A 50 ? 0.4559 0.4782 0.3552 0.0429  -0.0709 -0.0432 645 ASP A OD2 
352 N  N   . GLN A 51 ? 0.3079 0.3015 0.2608 0.0442  -0.0329 -0.0543 646 GLN A N   
353 C  CA  . GLN A 51 ? 0.2555 0.2503 0.2331 0.0401  -0.0281 -0.0467 646 GLN A CA  
354 C  C   . GLN A 51 ? 0.3246 0.3206 0.3198 0.0283  -0.0363 -0.0405 646 GLN A C   
355 O  O   . GLN A 51 ? 0.3410 0.3309 0.3371 0.0225  -0.0482 -0.0454 646 GLN A O   
356 C  CB  . GLN A 51 ? 0.3408 0.3196 0.3218 0.0451  -0.0274 -0.0546 646 GLN A CB  
357 C  CG  . GLN A 51 ? 0.4720 0.4504 0.4399 0.0586  -0.0167 -0.0623 646 GLN A CG  
358 C  CD  . GLN A 51 ? 0.6318 0.5917 0.6052 0.0656  -0.0174 -0.0724 646 GLN A CD  
359 O  OE1 . GLN A 51 ? 0.6013 0.5405 0.5689 0.0637  -0.0280 -0.0840 646 GLN A OE1 
360 N  NE2 . GLN A 51 ? 0.6513 0.6179 0.6400 0.0737  -0.0073 -0.0683 646 GLN A NE2 
361 N  N   . GLU A 52 ? 0.2673 0.2717 0.2773 0.0245  -0.0297 -0.0300 647 GLU A N   
362 C  CA  . GLU A 52 ? 0.2202 0.2268 0.2461 0.0147  -0.0326 -0.0233 647 GLU A CA  
363 C  C   . GLU A 52 ? 0.3045 0.3080 0.3365 0.0128  -0.0268 -0.0168 647 GLU A C   
364 O  O   . GLU A 52 ? 0.3371 0.3453 0.3660 0.0176  -0.0209 -0.0150 647 GLU A O   
365 C  CB  . GLU A 52 ? 0.2074 0.2303 0.2406 0.0127  -0.0298 -0.0167 647 GLU A CB  
366 C  CG  . GLU A 52 ? 0.2524 0.2800 0.2854 0.0115  -0.0408 -0.0193 647 GLU A CG  
367 C  CD  . GLU A 52 ? 0.2694 0.3134 0.3169 0.0105  -0.0387 -0.0105 647 GLU A CD  
368 O  OE1 . GLU A 52 ? 0.2987 0.3483 0.3468 0.0145  -0.0279 -0.0051 647 GLU A OE1 
369 O  OE2 . GLU A 52 ? 0.2921 0.3432 0.3545 0.0058  -0.0487 -0.0091 647 GLU A OE2 
370 N  N   . ILE A 53 ? 0.2749 0.2707 0.3160 0.0056  -0.0295 -0.0123 648 ILE A N   
371 C  CA  . ILE A 53 ? 0.2346 0.2292 0.2765 0.0028  -0.0239 -0.0028 648 ILE A CA  
372 C  C   . ILE A 53 ? 0.2705 0.2786 0.3197 -0.0027 -0.0161 0.0033  648 ILE A C   
373 O  O   . ILE A 53 ? 0.3526 0.3639 0.4169 -0.0093 -0.0172 0.0061  648 ILE A O   
374 C  CB  . ILE A 53 ? 0.3243 0.3019 0.3713 -0.0015 -0.0282 0.0023  648 ILE A CB  
375 C  CG1 . ILE A 53 ? 0.3825 0.3445 0.4255 0.0061  -0.0350 -0.0052 648 ILE A CG1 
376 C  CG2 . ILE A 53 ? 0.3775 0.3545 0.4183 -0.0039 -0.0220 0.0149  648 ILE A CG2 
377 C  CD1 . ILE A 53 ? 0.3400 0.2804 0.3922 0.0022  -0.0408 -0.0007 648 ILE A CD1 
378 N  N   . LEU A 54 ? 0.2242 0.2401 0.2660 0.0002  -0.0087 0.0044  649 LEU A N   
379 C  CA  . LEU A 54 ? 0.2516 0.2800 0.3004 -0.0015 0.0004  0.0065  649 LEU A CA  
380 C  C   . LEU A 54 ? 0.2840 0.3119 0.3214 -0.0027 0.0100  0.0104  649 LEU A C   
381 O  O   . LEU A 54 ? 0.3170 0.3386 0.3377 -0.0002 0.0075  0.0094  649 LEU A O   
382 C  CB  . LEU A 54 ? 0.2973 0.3334 0.3472 0.0040  0.0012  0.0013  649 LEU A CB  
383 C  CG  . LEU A 54 ? 0.3479 0.3873 0.4028 0.0067  -0.0060 -0.0013 649 LEU A CG  
384 C  CD1 . LEU A 54 ? 0.3601 0.4045 0.4128 0.0124  -0.0026 -0.0023 649 LEU A CD1 
385 C  CD2 . LEU A 54 ? 0.3470 0.3950 0.4197 0.0026  -0.0085 0.0020  649 LEU A CD2 
386 N  N   . TYR A 55 ? 0.3101 0.3430 0.2887 -0.0023 0.0223  -0.0613 650 TYR A N   
387 C  CA  . TYR A 55 ? 0.3249 0.3333 0.2941 0.0092  0.0219  -0.0628 650 TYR A CA  
388 C  C   . TYR A 55 ? 0.3639 0.3626 0.3370 0.0069  0.0254  -0.0560 650 TYR A C   
389 O  O   . TYR A 55 ? 0.4165 0.4182 0.3974 0.0119  0.0341  -0.0391 650 TYR A O   
390 C  CB  . TYR A 55 ? 0.4131 0.4145 0.3709 0.0195  0.0282  -0.0537 650 TYR A CB  
391 C  CG  . TYR A 55 ? 0.4277 0.3965 0.3634 0.0312  0.0333  -0.0591 650 TYR A CG  
392 C  CD1 . TYR A 55 ? 0.4184 0.3674 0.3348 0.0278  0.0224  -0.0736 650 TYR A CD1 
393 C  CD2 . TYR A 55 ? 0.4873 0.4438 0.4188 0.0455  0.0506  -0.0476 650 TYR A CD2 
394 C  CE1 . TYR A 55 ? 0.4385 0.3500 0.3202 0.0311  0.0269  -0.0797 650 TYR A CE1 
395 C  CE2 . TYR A 55 ? 0.5434 0.4585 0.4413 0.0563  0.0615  -0.0565 650 TYR A CE2 
396 C  CZ  . TYR A 55 ? 0.6344 0.5238 0.5015 0.0455  0.0486  -0.0742 650 TYR A CZ  
397 O  OH  . TYR A 55 ? 0.7864 0.6269 0.6062 0.0489  0.0590  -0.0842 650 TYR A OH  
398 N  N   . LEU A 56 ? 0.3637 0.3528 0.3332 -0.0020 0.0171  -0.0646 651 LEU A N   
399 C  CA  . LEU A 56 ? 0.3840 0.3586 0.3524 -0.0103 0.0166  -0.0577 651 LEU A CA  
400 C  C   . LEU A 56 ? 0.4359 0.3587 0.3792 0.0042  0.0275  -0.0541 651 LEU A C   
401 O  O   . LEU A 56 ? 0.4924 0.3975 0.4379 0.0054  0.0324  -0.0423 651 LEU A O   
402 C  CB  . LEU A 56 ? 0.3860 0.3652 0.3525 -0.0294 0.0020  -0.0642 651 LEU A CB  
403 C  CG  . LEU A 56 ? 0.3832 0.4172 0.3803 -0.0397 0.0005  -0.0631 651 LEU A CG  
404 C  CD1 . LEU A 56 ? 0.5108 0.5674 0.5169 -0.0560 -0.0122 -0.0636 651 LEU A CD1 
405 C  CD2 . LEU A 56 ? 0.4210 0.4697 0.4287 -0.0493 0.0056  -0.0508 651 LEU A CD2 
406 N  N   . LYS A 57 ? 0.4296 0.3251 0.3471 0.0164  0.0337  -0.0631 652 LYS A N   
407 C  CA  . LYS A 57 ? 0.5209 0.3593 0.4050 0.0339  0.0519  -0.0637 652 LYS A CA  
408 C  C   . LYS A 57 ? 0.5346 0.3904 0.4479 0.0580  0.0725  -0.0411 652 LYS A C   
409 O  O   . LYS A 57 ? 0.6252 0.4364 0.5244 0.0776  0.0919  -0.0348 652 LYS A O   
410 C  CB  . LYS A 57 ? 0.6124 0.4252 0.4596 0.0384  0.0556  -0.0776 652 LYS A CB  
411 C  CG  . LYS A 57 ? 0.7046 0.4509 0.4920 0.0213  0.0484  -0.0942 652 LYS A CG  
412 C  CD  . LYS A 57 ? 0.7872 0.5327 0.5483 0.0092  0.0364  -0.1045 652 LYS A CD  
413 C  CE  . LYS A 57 ? 0.7756 0.5866 0.5822 -0.0039 0.0116  -0.0995 652 LYS A CE  
414 N  NZ  . LYS A 57 ? 0.7845 0.5930 0.5690 -0.0177 -0.0049 -0.1036 652 LYS A NZ  
415 N  N   . ASN A 58 ? 0.4224 0.3402 0.3744 0.0555  0.0684  -0.0259 653 ASN A N   
416 C  CA  . ASN A 58 ? 0.5153 0.4671 0.5029 0.0700  0.0815  0.0054  653 ASN A CA  
417 C  C   . ASN A 58 ? 0.4870 0.4743 0.5062 0.0508  0.0683  0.0235  653 ASN A C   
418 O  O   . ASN A 58 ? 0.4916 0.5258 0.5434 0.0483  0.0686  0.0537  653 ASN A O   
419 C  CB  . ASN A 58 ? 0.6464 0.6417 0.6460 0.0725  0.0837  0.0167  653 ASN A CB  
420 C  CG  . ASN A 58 ? 0.8481 0.8377 0.8481 0.1032  0.1102  0.0309  653 ASN A CG  
421 O  OD1 . ASN A 58 ? 1.1235 1.1030 1.1404 0.1272  0.1302  0.0499  653 ASN A OD1 
422 N  ND2 . ASN A 58 ? 0.7852 0.7804 0.7666 0.1045  0.1126  0.0232  653 ASN A ND2 
423 N  N   . GLN A 59 ? 0.4235 0.3916 0.4303 0.0327  0.0555  0.0083  654 GLN A N   
424 C  CA  . GLN A 59 ? 0.3811 0.3777 0.4098 0.0107  0.0437  0.0234  654 GLN A CA  
425 C  C   . GLN A 59 ? 0.5087 0.4612 0.5307 0.0137  0.0444  0.0296  654 GLN A C   
426 O  O   . GLN A 59 ? 0.5683 0.4615 0.5547 0.0208  0.0478  0.0109  654 GLN A O   
427 C  CB  . GLN A 59 ? 0.4590 0.4795 0.4815 -0.0163 0.0291  0.0038  654 GLN A CB  
428 C  CG  . GLN A 59 ? 0.5069 0.5590 0.5294 -0.0217 0.0286  -0.0021 654 GLN A CG  
429 C  CD  . GLN A 59 ? 0.4691 0.5595 0.5061 -0.0383 0.0265  0.0233  654 GLN A CD  
430 O  OE1 . GLN A 59 ? 0.4142 0.5206 0.4641 -0.0547 0.0212  0.0414  654 GLN A OE1 
431 N  NE2 . GLN A 59 ? 0.4572 0.5616 0.4880 -0.0396 0.0273  0.0283  654 GLN A NE2 
432 N  N   . LYS A 60 ? 0.4279 0.4035 0.4775 0.0040  0.0390  0.0577  655 LYS A N   
433 C  CA  . LYS A 60 ? 0.4796 0.4146 0.5193 -0.0041 0.0322  0.0627  655 LYS A CA  
434 C  C   . LYS A 60 ? 0.5132 0.4751 0.5451 -0.0429 0.0121  0.0486  655 LYS A C   
435 O  O   . LYS A 60 ? 0.4227 0.4424 0.4729 -0.0641 0.0053  0.0546  655 LYS A O   
436 C  CB  . LYS A 60 ? 0.5055 0.4515 0.5814 0.0045  0.0346  0.1046  655 LYS A CB  
437 C  CG  . LYS A 60 ? 0.6644 0.5869 0.7545 0.0504  0.0607  0.1222  655 LYS A CG  
438 C  CD  . LYS A 60 ? 0.8975 0.7199 0.9445 0.0733  0.0752  0.1061  655 LYS A CD  
439 C  CE  . LYS A 60 ? 0.9714 0.7565 1.0092 0.1211  0.1097  0.1040  655 LYS A CE  
440 N  NZ  . LYS A 60 ? 0.9323 0.8003 1.0271 0.1399  0.1211  0.1354  655 LYS A NZ  
441 N  N   . TRP A 61 ? 0.5670 0.4859 0.5669 -0.0537 0.0041  0.0304  656 TRP A N   
442 C  CA  . TRP A 61 ? 0.5107 0.4632 0.5084 -0.0882 -0.0127 0.0211  656 TRP A CA  
443 C  C   . TRP A 61 ? 0.6260 0.5212 0.5871 -0.1041 -0.0253 0.0156  656 TRP A C   
444 O  O   . TRP A 61 ? 0.5591 0.3791 0.4845 -0.0875 -0.0186 0.0093  656 TRP A O   
445 C  CB  . TRP A 61 ? 0.4135 0.4063 0.4150 -0.0878 -0.0104 -0.0008 656 TRP A CB  
446 C  CG  . TRP A 61 ? 0.4296 0.3800 0.4025 -0.0757 -0.0098 -0.0195 656 TRP A CG  
447 C  CD1 . TRP A 61 ? 0.5189 0.4391 0.4789 -0.0485 0.0031  -0.0270 656 TRP A CD1 
448 C  CD2 . TRP A 61 ? 0.4553 0.3915 0.4057 -0.0960 -0.0250 -0.0291 656 TRP A CD2 
449 N  NE1 . TRP A 61 ? 0.5285 0.4110 0.4536 -0.0519 -0.0027 -0.0434 656 TRP A NE1 
450 C  CE2 . TRP A 61 ? 0.4824 0.3747 0.4018 -0.0824 -0.0218 -0.0431 656 TRP A CE2 
451 C  CE3 . TRP A 61 ? 0.4610 0.4235 0.4144 -0.1285 -0.0422 -0.0231 656 TRP A CE3 
452 C  CZ2 . TRP A 61 ? 0.5528 0.4238 0.4412 -0.1038 -0.0384 -0.0501 656 TRP A CZ2 
453 C  CZ3 . TRP A 61 ? 0.5704 0.5185 0.4995 -0.1477 -0.0584 -0.0275 656 TRP A CZ3 
454 C  CH2 . TRP A 61 ? 0.5779 0.4792 0.4736 -0.1370 -0.0579 -0.0402 656 TRP A CH2 
455 N  N   . SER A 62 ? 0.4893 0.4169 0.4530 -0.1392 -0.0426 0.0188  657 SER A N   
456 C  CA  . SER A 62 ? 0.5841 0.4624 0.5090 -0.1650 -0.0603 0.0182  657 SER A CA  
457 C  C   . SER A 62 ? 0.5209 0.4679 0.4598 -0.1992 -0.0759 0.0174  657 SER A C   
458 O  O   . SER A 62 ? 0.5170 0.5407 0.4936 -0.2045 -0.0704 0.0209  657 SER A O   
459 C  CB  . SER A 62 ? 0.6911 0.5187 0.6027 -0.1749 -0.0678 0.0400  657 SER A CB  
460 O  OG  . SER A 62 ? 0.7537 0.6465 0.7073 -0.1862 -0.0699 0.0603  657 SER A OG  
461 N  N   . PRO A 63 ? 0.5625 0.4828 0.4682 -0.2238 -0.0939 0.0148  658 PRO A N   
462 C  CA  . PRO A 63 ? 0.6576 0.6546 0.5847 -0.2584 -0.1100 0.0239  658 PRO A CA  
463 C  C   . PRO A 63 ? 0.7263 0.7506 0.6624 -0.2914 -0.1215 0.0450  658 PRO A C   
464 O  O   . PRO A 63 ? 0.6694 0.6554 0.5996 -0.2849 -0.1176 0.0527  658 PRO A O   
465 C  CB  . PRO A 63 ? 0.6838 0.6329 0.5638 -0.2836 -0.1318 0.0236  658 PRO A CB  
466 C  CG  . PRO A 63 ? 0.6826 0.5074 0.4991 -0.2757 -0.1301 0.0166  658 PRO A CG  
467 C  CD  . PRO A 63 ? 0.7152 0.5325 0.5569 -0.2256 -0.1003 0.0067  658 PRO A CD  
476 N  N   . ALA B 1  ? 0.3581 0.3599 0.4851 -0.0561 -0.1186 -0.0636 1   ALA P N   
477 C  CA  . ALA B 1  ? 0.2977 0.3175 0.4362 -0.0394 -0.1081 -0.0431 1   ALA P CA  
478 C  C   . ALA B 1  ? 0.3765 0.3759 0.4922 -0.0196 -0.0982 -0.0421 1   ALA P C   
479 O  O   . ALA B 1  ? 0.3581 0.3401 0.4509 -0.0169 -0.0996 -0.0543 1   ALA P O   
480 C  CB  . ALA B 1  ? 0.3909 0.4609 0.5497 -0.0359 -0.1158 -0.0318 1   ALA P CB  
481 N  N   . ARG B 2  ? 0.2976 0.3014 0.4204 -0.0083 -0.0863 -0.0305 2   ARG P N   
482 C  CA  . ARG B 2  ? 0.2720 0.2569 0.3776 0.0041  -0.0767 -0.0303 2   ARG P CA  
483 C  C   . ARG B 2  ? 0.2481 0.2419 0.3456 0.0156  -0.0780 -0.0253 2   ARG P C   
484 O  O   . ARG B 2  ? 0.2722 0.2683 0.3797 0.0255  -0.0695 -0.0166 2   ARG P O   
485 C  CB  . ARG B 2  ? 0.2567 0.2416 0.3689 0.0054  -0.0635 -0.0252 2   ARG P CB  
486 C  CG  . ARG B 2  ? 0.2670 0.2348 0.3627 0.0094  -0.0570 -0.0272 2   ARG P CG  
487 C  CD  . ARG B 2  ? 0.3416 0.3161 0.4378 0.0069  -0.0448 -0.0277 2   ARG P CD  
488 N  NE  . ARG B 2  ? 0.3170 0.2844 0.3993 0.0050  -0.0423 -0.0295 2   ARG P NE  
489 C  CZ  . ARG B 2  ? 0.3416 0.3144 0.4175 -0.0012 -0.0326 -0.0360 2   ARG P CZ  
490 N  NH1 . ARG B 2  ? 0.3632 0.3429 0.4451 -0.0027 -0.0207 -0.0441 2   ARG P NH1 
491 N  NH2 . ARG B 2  ? 0.3010 0.2759 0.3670 -0.0069 -0.0339 -0.0371 2   ARG P NH2 
492 N  N   . THR B 3  ? 0.2772 0.2745 0.3559 0.0130  -0.0875 -0.0311 3   THR P N   
493 C  CA  . THR B 3  ? 0.2998 0.3111 0.3645 0.0205  -0.0907 -0.0206 3   THR P CA  
494 C  C   . THR B 3  ? 0.3368 0.3404 0.3689 0.0169  -0.0895 -0.0343 3   THR P C   
495 O  O   . THR B 3  ? 0.3601 0.3515 0.3855 0.0088  -0.0906 -0.0552 3   THR P O   
496 C  CB  . THR B 3  ? 0.3530 0.4024 0.4285 0.0184  -0.1072 -0.0089 3   THR P CB  
497 O  OG1 . THR B 3  ? 0.3192 0.3855 0.3774 0.0251  -0.1125 0.0088  3   THR P OG1 
498 C  CG2 . THR B 3  ? 0.3052 0.3668 0.3724 -0.0010 -0.1212 -0.0282 3   THR P CG2 
499 N  N   . MLZ B 4  ? 0.3187 0.3284 0.3339 0.0231  -0.0846 -0.0225 4   MLZ P N   
500 C  CA  . MLZ B 4  ? 0.3265 0.3396 0.3103 0.0197  -0.0796 -0.0354 4   MLZ P CA  
501 C  CB  . MLZ B 4  ? 0.3560 0.3687 0.3318 0.0254  -0.0668 -0.0187 4   MLZ P CB  
502 C  CG  . MLZ B 4  ? 0.3406 0.3283 0.3418 0.0301  -0.0553 -0.0172 4   MLZ P CG  
503 C  CD  . MLZ B 4  ? 0.3479 0.3272 0.3503 0.0305  -0.0461 -0.0370 4   MLZ P CD  
504 C  CE  . MLZ B 4  ? 0.2993 0.2686 0.3222 0.0310  -0.0380 -0.0300 4   MLZ P CE  
505 N  NZ  . MLZ B 4  ? 0.3148 0.2872 0.3458 0.0339  -0.0312 -0.0408 4   MLZ P NZ  
506 C  CM  . MLZ B 4  ? 0.2728 0.2455 0.3215 0.0299  -0.0284 -0.0336 4   MLZ P CM  
507 C  C   . MLZ B 4  ? 0.5685 0.6138 0.5253 0.0096  -0.0942 -0.0394 4   MLZ P C   
508 O  O   . MLZ B 4  ? 0.7463 0.7940 0.6764 0.0006  -0.0923 -0.0675 4   MLZ P O   
509 N  N   . GLN B 5  ? 0.4602 0.5333 0.4249 0.0109  -0.1087 -0.0132 5   GLN P N   
510 C  CA  . GLN B 5  ? 0.5545 0.6720 0.4930 -0.0016 -0.1280 -0.0120 5   GLN P CA  
511 C  C   . GLN B 5  ? 0.4946 0.6181 0.4434 -0.0172 -0.1414 -0.0380 5   GLN P C   
512 O  O   . GLN B 5  ? 0.6054 0.7133 0.5335 -0.0303 -0.1373 -0.0745 5   GLN P O   
513 C  CB  . GLN B 5  ? 0.5936 0.7457 0.5458 0.0076  -0.1417 0.0326  5   GLN P CB  
514 C  CG  . GLN B 5  ? 0.5575 0.6930 0.5647 0.0243  -0.1383 0.0520  5   GLN P CG  
515 C  CD  . GLN B 5  ? 0.6068 0.7611 0.6360 0.0409  -0.1442 0.0983  5   GLN P CD  
516 O  OE1 . GLN B 5  ? 0.5123 0.7010 0.5149 0.0379  -0.1567 0.1235  5   GLN P OE1 
517 N  NE2 . GLN B 5  ? 0.7321 0.8640 0.8105 0.0587  -0.1341 0.1107  5   GLN P NE2 
# 
